data_2V94
# 
_entry.id   2V94 
# 
_audit_conform.dict_name       mmcif_pdbx.dic 
_audit_conform.dict_version    5.398 
_audit_conform.dict_location   http://mmcif.pdb.org/dictionaries/ascii/mmcif_pdbx.dic 
# 
loop_
_database_2.database_id 
_database_2.database_code 
_database_2.pdbx_database_accession 
_database_2.pdbx_DOI 
PDB   2V94         pdb_00002v94 10.2210/pdb2v94/pdb 
PDBE  EBI-33544    ?            ?                   
WWPDB D_1290033544 ?            ?                   
# 
loop_
_pdbx_audit_revision_history.ordinal 
_pdbx_audit_revision_history.data_content_type 
_pdbx_audit_revision_history.major_revision 
_pdbx_audit_revision_history.minor_revision 
_pdbx_audit_revision_history.revision_date 
1 'Structure model' 1 0 2008-04-29 
2 'Structure model' 1 1 2011-07-13 
3 'Structure model' 1 2 2024-11-06 
# 
_pdbx_audit_revision_details.ordinal             1 
_pdbx_audit_revision_details.revision_ordinal    1 
_pdbx_audit_revision_details.data_content_type   'Structure model' 
_pdbx_audit_revision_details.provider            repository 
_pdbx_audit_revision_details.type                'Initial release' 
_pdbx_audit_revision_details.description         ? 
_pdbx_audit_revision_details.details             ? 
# 
loop_
_pdbx_audit_revision_group.ordinal 
_pdbx_audit_revision_group.revision_ordinal 
_pdbx_audit_revision_group.data_content_type 
_pdbx_audit_revision_group.group 
1 2 'Structure model' Advisory                    
2 2 'Structure model' 'Refinement description'    
3 2 'Structure model' 'Version format compliance' 
4 3 'Structure model' 'Data collection'           
5 3 'Structure model' 'Database references'       
6 3 'Structure model' 'Derived calculations'      
7 3 'Structure model' Other                       
8 3 'Structure model' 'Refinement description'    
9 3 'Structure model' 'Structure summary'         
# 
loop_
_pdbx_audit_revision_category.ordinal 
_pdbx_audit_revision_category.revision_ordinal 
_pdbx_audit_revision_category.data_content_type 
_pdbx_audit_revision_category.category 
1 3 'Structure model' chem_comp_atom            
2 3 'Structure model' chem_comp_bond            
3 3 'Structure model' database_2                
4 3 'Structure model' pdbx_database_status      
5 3 'Structure model' pdbx_entry_details        
6 3 'Structure model' pdbx_modification_feature 
7 3 'Structure model' struct_conn               
8 3 'Structure model' struct_ncs_dom_lim        
# 
loop_
_pdbx_audit_revision_item.ordinal 
_pdbx_audit_revision_item.revision_ordinal 
_pdbx_audit_revision_item.data_content_type 
_pdbx_audit_revision_item.item 
1  3 'Structure model' '_database_2.pdbx_DOI'                  
2  3 'Structure model' '_database_2.pdbx_database_accession'   
3  3 'Structure model' '_pdbx_database_status.status_code_sf'  
4  3 'Structure model' '_struct_conn.pdbx_leaving_atom_flag'   
5  3 'Structure model' '_struct_ncs_dom_lim.beg_auth_comp_id'  
6  3 'Structure model' '_struct_ncs_dom_lim.beg_label_asym_id' 
7  3 'Structure model' '_struct_ncs_dom_lim.beg_label_comp_id' 
8  3 'Structure model' '_struct_ncs_dom_lim.beg_label_seq_id'  
9  3 'Structure model' '_struct_ncs_dom_lim.end_auth_comp_id'  
10 3 'Structure model' '_struct_ncs_dom_lim.end_label_asym_id' 
11 3 'Structure model' '_struct_ncs_dom_lim.end_label_comp_id' 
12 3 'Structure model' '_struct_ncs_dom_lim.end_label_seq_id'  
# 
_pdbx_database_status.status_code                     REL 
_pdbx_database_status.entry_id                        2V94 
_pdbx_database_status.deposit_site                    PDBE 
_pdbx_database_status.process_site                    PDBE 
_pdbx_database_status.SG_entry                        . 
_pdbx_database_status.recvd_initial_deposition_date   2007-08-21 
_pdbx_database_status.pdb_format_compatible           Y 
_pdbx_database_status.status_code_sf                  REL 
_pdbx_database_status.status_code_mr                  ? 
_pdbx_database_status.status_code_cs                  ? 
_pdbx_database_status.methods_development_category    ? 
_pdbx_database_status.status_code_nmr_data            ? 
# 
loop_
_audit_author.name 
_audit_author.pdbx_ordinal 
'Legrand, P.'   1 
'Pinaud, N.'    2 
'Gleizes, P.E.' 3 
'Fribourg, S.'  4 
# 
_citation.id                        primary 
_citation.title                     
'Mutation of Ribosomal Protein Rps24 in Diamond- Blackfan Anemia Results in a Ribosome Biogenesis Disorder.' 
_citation.journal_abbrev            Hum.Mol.Genet. 
_citation.journal_volume            17 
_citation.page_first                1253 
_citation.page_last                 ? 
_citation.year                      2008 
_citation.journal_id_ASTM           ? 
_citation.country                   UK 
_citation.journal_id_ISSN           0964-6906 
_citation.journal_id_CSD            ? 
_citation.book_publisher            ? 
_citation.pdbx_database_id_PubMed   18230666 
_citation.pdbx_database_id_DOI      10.1093/HMG/DDN015 
# 
loop_
_citation_author.citation_id 
_citation_author.name 
_citation_author.ordinal 
_citation_author.identifier_ORCID 
primary 'Choesmel, V.'        1 ? 
primary 'Fribourg, S.'        2 ? 
primary 'Aguissa-Toure, A.H.' 3 ? 
primary 'Pinaud, N.'          4 ? 
primary 'Legrand, P.'         5 ? 
primary 'Gazda, H.T.'         6 ? 
primary 'Gleizes, P.E.'       7 ? 
# 
loop_
_entity.id 
_entity.type 
_entity.src_method 
_entity.pdbx_description 
_entity.formula_weight 
_entity.pdbx_number_of_molecules 
_entity.pdbx_ec 
_entity.pdbx_mutation 
_entity.pdbx_fragment 
_entity.details 
1 polymer man '30S RIBOSOMAL PROTEIN S24E' 13026.407 2  ? ? ? ? 
2 water   nat water                        18.015    96 ? ? ? ? 
# 
_entity_name_com.entity_id   1 
_entity_name_com.name        RPS24 
# 
_entity_poly.entity_id                      1 
_entity_poly.type                           'polypeptide(L)' 
_entity_poly.nstd_linkage                   no 
_entity_poly.nstd_monomer                   yes 
_entity_poly.pdbx_seq_one_letter_code       
;ENLYF(MSE)LE(MSE)EIKITEVKENKLIGRKEIYFEIYHPGEPTPSRKDVKGKLVA(MSE)LDLNPETTVIQYIRSYF
GSYKSKGYAKYYYDKDR(MSE)LYIEPEYILIRDGIIEKKEGE
;
_entity_poly.pdbx_seq_one_letter_code_can   
;ENLYFMLEMEIKITEVKENKLIGRKEIYFEIYHPGEPTPSRKDVKGKLVAMLDLNPETTVIQYIRSYFGSYKSKGYAKYY
YDKDRMLYIEPEYILIRDGIIEKKEGE
;
_entity_poly.pdbx_strand_id                 A,B 
_entity_poly.pdbx_target_identifier         ? 
# 
_pdbx_entity_nonpoly.entity_id   2 
_pdbx_entity_nonpoly.name        water 
_pdbx_entity_nonpoly.comp_id     HOH 
# 
loop_
_entity_poly_seq.entity_id 
_entity_poly_seq.num 
_entity_poly_seq.mon_id 
_entity_poly_seq.hetero 
1 1   GLU n 
1 2   ASN n 
1 3   LEU n 
1 4   TYR n 
1 5   PHE n 
1 6   MSE n 
1 7   LEU n 
1 8   GLU n 
1 9   MSE n 
1 10  GLU n 
1 11  ILE n 
1 12  LYS n 
1 13  ILE n 
1 14  THR n 
1 15  GLU n 
1 16  VAL n 
1 17  LYS n 
1 18  GLU n 
1 19  ASN n 
1 20  LYS n 
1 21  LEU n 
1 22  ILE n 
1 23  GLY n 
1 24  ARG n 
1 25  LYS n 
1 26  GLU n 
1 27  ILE n 
1 28  TYR n 
1 29  PHE n 
1 30  GLU n 
1 31  ILE n 
1 32  TYR n 
1 33  HIS n 
1 34  PRO n 
1 35  GLY n 
1 36  GLU n 
1 37  PRO n 
1 38  THR n 
1 39  PRO n 
1 40  SER n 
1 41  ARG n 
1 42  LYS n 
1 43  ASP n 
1 44  VAL n 
1 45  LYS n 
1 46  GLY n 
1 47  LYS n 
1 48  LEU n 
1 49  VAL n 
1 50  ALA n 
1 51  MSE n 
1 52  LEU n 
1 53  ASP n 
1 54  LEU n 
1 55  ASN n 
1 56  PRO n 
1 57  GLU n 
1 58  THR n 
1 59  THR n 
1 60  VAL n 
1 61  ILE n 
1 62  GLN n 
1 63  TYR n 
1 64  ILE n 
1 65  ARG n 
1 66  SER n 
1 67  TYR n 
1 68  PHE n 
1 69  GLY n 
1 70  SER n 
1 71  TYR n 
1 72  LYS n 
1 73  SER n 
1 74  LYS n 
1 75  GLY n 
1 76  TYR n 
1 77  ALA n 
1 78  LYS n 
1 79  TYR n 
1 80  TYR n 
1 81  TYR n 
1 82  ASP n 
1 83  LYS n 
1 84  ASP n 
1 85  ARG n 
1 86  MSE n 
1 87  LEU n 
1 88  TYR n 
1 89  ILE n 
1 90  GLU n 
1 91  PRO n 
1 92  GLU n 
1 93  TYR n 
1 94  ILE n 
1 95  LEU n 
1 96  ILE n 
1 97  ARG n 
1 98  ASP n 
1 99  GLY n 
1 100 ILE n 
1 101 ILE n 
1 102 GLU n 
1 103 LYS n 
1 104 LYS n 
1 105 GLU n 
1 106 GLY n 
1 107 GLU n 
# 
_entity_src_gen.entity_id                          1 
_entity_src_gen.pdbx_src_id                        1 
_entity_src_gen.pdbx_alt_source_flag               sample 
_entity_src_gen.pdbx_seq_type                      ? 
_entity_src_gen.pdbx_beg_seq_num                   ? 
_entity_src_gen.pdbx_end_seq_num                   ? 
_entity_src_gen.gene_src_common_name               ? 
_entity_src_gen.gene_src_genus                     ? 
_entity_src_gen.pdbx_gene_src_gene                 ? 
_entity_src_gen.gene_src_species                   ? 
_entity_src_gen.gene_src_strain                    ? 
_entity_src_gen.gene_src_tissue                    ? 
_entity_src_gen.gene_src_tissue_fraction           ? 
_entity_src_gen.gene_src_details                   ? 
_entity_src_gen.pdbx_gene_src_fragment             ? 
_entity_src_gen.pdbx_gene_src_scientific_name      'PYROCOCCUS ABYSSI' 
_entity_src_gen.pdbx_gene_src_ncbi_taxonomy_id     29292 
_entity_src_gen.pdbx_gene_src_variant              ? 
_entity_src_gen.pdbx_gene_src_cell_line            ? 
_entity_src_gen.pdbx_gene_src_atcc                 ? 
_entity_src_gen.pdbx_gene_src_organ                ? 
_entity_src_gen.pdbx_gene_src_organelle            ? 
_entity_src_gen.pdbx_gene_src_cell                 ? 
_entity_src_gen.pdbx_gene_src_cellular_location    ? 
_entity_src_gen.host_org_common_name               ? 
_entity_src_gen.pdbx_host_org_scientific_name      'ESCHERICHIA COLI' 
_entity_src_gen.pdbx_host_org_ncbi_taxonomy_id     562 
_entity_src_gen.host_org_genus                     ? 
_entity_src_gen.pdbx_host_org_gene                 ? 
_entity_src_gen.pdbx_host_org_organ                ? 
_entity_src_gen.host_org_species                   ? 
_entity_src_gen.pdbx_host_org_tissue               ? 
_entity_src_gen.pdbx_host_org_tissue_fraction      ? 
_entity_src_gen.pdbx_host_org_strain               ROSETTA 
_entity_src_gen.pdbx_host_org_variant              ? 
_entity_src_gen.pdbx_host_org_cell_line            ? 
_entity_src_gen.pdbx_host_org_atcc                 ? 
_entity_src_gen.pdbx_host_org_culture_collection   ? 
_entity_src_gen.pdbx_host_org_cell                 ? 
_entity_src_gen.pdbx_host_org_organelle            ? 
_entity_src_gen.pdbx_host_org_cellular_location    ? 
_entity_src_gen.pdbx_host_org_vector_type          ? 
_entity_src_gen.pdbx_host_org_vector               ? 
_entity_src_gen.host_org_details                   ? 
_entity_src_gen.expression_system_id               ? 
_entity_src_gen.plasmid_name                       PET 
_entity_src_gen.plasmid_details                    ? 
_entity_src_gen.pdbx_description                   ? 
# 
loop_
_chem_comp.id 
_chem_comp.type 
_chem_comp.mon_nstd_flag 
_chem_comp.name 
_chem_comp.pdbx_synonyms 
_chem_comp.formula 
_chem_comp.formula_weight 
ALA 'L-peptide linking' y ALANINE          ? 'C3 H7 N O2'     89.093  
ARG 'L-peptide linking' y ARGININE         ? 'C6 H15 N4 O2 1' 175.209 
ASN 'L-peptide linking' y ASPARAGINE       ? 'C4 H8 N2 O3'    132.118 
ASP 'L-peptide linking' y 'ASPARTIC ACID'  ? 'C4 H7 N O4'     133.103 
GLN 'L-peptide linking' y GLUTAMINE        ? 'C5 H10 N2 O3'   146.144 
GLU 'L-peptide linking' y 'GLUTAMIC ACID'  ? 'C5 H9 N O4'     147.129 
GLY 'peptide linking'   y GLYCINE          ? 'C2 H5 N O2'     75.067  
HIS 'L-peptide linking' y HISTIDINE        ? 'C6 H10 N3 O2 1' 156.162 
HOH non-polymer         . WATER            ? 'H2 O'           18.015  
ILE 'L-peptide linking' y ISOLEUCINE       ? 'C6 H13 N O2'    131.173 
LEU 'L-peptide linking' y LEUCINE          ? 'C6 H13 N O2'    131.173 
LYS 'L-peptide linking' y LYSINE           ? 'C6 H15 N2 O2 1' 147.195 
MSE 'L-peptide linking' n SELENOMETHIONINE ? 'C5 H11 N O2 Se' 196.106 
PHE 'L-peptide linking' y PHENYLALANINE    ? 'C9 H11 N O2'    165.189 
PRO 'L-peptide linking' y PROLINE          ? 'C5 H9 N O2'     115.130 
SER 'L-peptide linking' y SERINE           ? 'C3 H7 N O3'     105.093 
THR 'L-peptide linking' y THREONINE        ? 'C4 H9 N O3'     119.119 
TYR 'L-peptide linking' y TYROSINE         ? 'C9 H11 N O3'    181.189 
VAL 'L-peptide linking' y VALINE           ? 'C5 H11 N O2'    117.146 
# 
loop_
_pdbx_poly_seq_scheme.asym_id 
_pdbx_poly_seq_scheme.entity_id 
_pdbx_poly_seq_scheme.seq_id 
_pdbx_poly_seq_scheme.mon_id 
_pdbx_poly_seq_scheme.ndb_seq_num 
_pdbx_poly_seq_scheme.pdb_seq_num 
_pdbx_poly_seq_scheme.auth_seq_num 
_pdbx_poly_seq_scheme.pdb_mon_id 
_pdbx_poly_seq_scheme.auth_mon_id 
_pdbx_poly_seq_scheme.pdb_strand_id 
_pdbx_poly_seq_scheme.pdb_ins_code 
_pdbx_poly_seq_scheme.hetero 
A 1 1   GLU 1   -7 ?  ?   ?   A . n 
A 1 2   ASN 2   -6 ?  ?   ?   A . n 
A 1 3   LEU 3   -5 ?  ?   ?   A . n 
A 1 4   TYR 4   -4 ?  ?   ?   A . n 
A 1 5   PHE 5   -3 -3 PHE PHE A . n 
A 1 6   MSE 6   -2 -2 MSE MSE A . n 
A 1 7   LEU 7   -1 -1 LEU LEU A . n 
A 1 8   GLU 8   0  0  GLU GLU A . n 
A 1 9   MSE 9   1  1  MSE MSE A . n 
A 1 10  GLU 10  2  2  GLU GLU A . n 
A 1 11  ILE 11  3  3  ILE ILE A . n 
A 1 12  LYS 12  4  4  LYS LYS A . n 
A 1 13  ILE 13  5  5  ILE ILE A . n 
A 1 14  THR 14  6  6  THR THR A . n 
A 1 15  GLU 15  7  7  GLU GLU A . n 
A 1 16  VAL 16  8  8  VAL VAL A . n 
A 1 17  LYS 17  9  9  LYS LYS A . n 
A 1 18  GLU 18  10 10 GLU GLU A . n 
A 1 19  ASN 19  11 11 ASN ASN A . n 
A 1 20  LYS 20  12 12 LYS LYS A . n 
A 1 21  LEU 21  13 13 LEU LEU A . n 
A 1 22  ILE 22  14 14 ILE ILE A . n 
A 1 23  GLY 23  15 15 GLY GLY A . n 
A 1 24  ARG 24  16 16 ARG ARG A . n 
A 1 25  LYS 25  17 17 LYS LYS A . n 
A 1 26  GLU 26  18 18 GLU GLU A . n 
A 1 27  ILE 27  19 19 ILE ILE A . n 
A 1 28  TYR 28  20 20 TYR TYR A . n 
A 1 29  PHE 29  21 21 PHE PHE A . n 
A 1 30  GLU 30  22 22 GLU GLU A . n 
A 1 31  ILE 31  23 23 ILE ILE A . n 
A 1 32  TYR 32  24 24 TYR TYR A . n 
A 1 33  HIS 33  25 25 HIS HIS A . n 
A 1 34  PRO 34  26 26 PRO PRO A . n 
A 1 35  GLY 35  27 27 GLY GLY A . n 
A 1 36  GLU 36  28 28 GLU GLU A . n 
A 1 37  PRO 37  29 29 PRO PRO A . n 
A 1 38  THR 38  30 30 THR THR A . n 
A 1 39  PRO 39  31 31 PRO PRO A . n 
A 1 40  SER 40  32 32 SER SER A . n 
A 1 41  ARG 41  33 33 ARG ARG A . n 
A 1 42  LYS 42  34 34 LYS LYS A . n 
A 1 43  ASP 43  35 35 ASP ASP A . n 
A 1 44  VAL 44  36 36 VAL VAL A . n 
A 1 45  LYS 45  37 37 LYS LYS A . n 
A 1 46  GLY 46  38 38 GLY GLY A . n 
A 1 47  LYS 47  39 39 LYS LYS A . n 
A 1 48  LEU 48  40 40 LEU LEU A . n 
A 1 49  VAL 49  41 41 VAL VAL A . n 
A 1 50  ALA 50  42 42 ALA ALA A . n 
A 1 51  MSE 51  43 43 MSE MSE A . n 
A 1 52  LEU 52  44 44 LEU LEU A . n 
A 1 53  ASP 53  45 45 ASP ASP A . n 
A 1 54  LEU 54  46 46 LEU LEU A . n 
A 1 55  ASN 55  47 47 ASN ASN A . n 
A 1 56  PRO 56  48 48 PRO PRO A . n 
A 1 57  GLU 57  49 49 GLU GLU A . n 
A 1 58  THR 58  50 50 THR THR A . n 
A 1 59  THR 59  51 51 THR THR A . n 
A 1 60  VAL 60  52 52 VAL VAL A . n 
A 1 61  ILE 61  53 53 ILE ILE A . n 
A 1 62  GLN 62  54 54 GLN GLN A . n 
A 1 63  TYR 63  55 55 TYR TYR A . n 
A 1 64  ILE 64  56 56 ILE ILE A . n 
A 1 65  ARG 65  57 57 ARG ARG A . n 
A 1 66  SER 66  58 58 SER SER A . n 
A 1 67  TYR 67  59 59 TYR TYR A . n 
A 1 68  PHE 68  60 60 PHE PHE A . n 
A 1 69  GLY 69  61 61 GLY GLY A . n 
A 1 70  SER 70  62 62 SER SER A . n 
A 1 71  TYR 71  63 63 TYR TYR A . n 
A 1 72  LYS 72  64 64 LYS LYS A . n 
A 1 73  SER 73  65 65 SER SER A . n 
A 1 74  LYS 74  66 66 LYS LYS A . n 
A 1 75  GLY 75  67 67 GLY GLY A . n 
A 1 76  TYR 76  68 68 TYR TYR A . n 
A 1 77  ALA 77  69 69 ALA ALA A . n 
A 1 78  LYS 78  70 70 LYS LYS A . n 
A 1 79  TYR 79  71 71 TYR TYR A . n 
A 1 80  TYR 80  72 72 TYR TYR A . n 
A 1 81  TYR 81  73 73 TYR TYR A . n 
A 1 82  ASP 82  74 74 ASP ASP A . n 
A 1 83  LYS 83  75 75 LYS LYS A . n 
A 1 84  ASP 84  76 76 ASP ASP A . n 
A 1 85  ARG 85  77 77 ARG ARG A . n 
A 1 86  MSE 86  78 78 MSE MSE A . n 
A 1 87  LEU 87  79 79 LEU LEU A . n 
A 1 88  TYR 88  80 80 TYR TYR A . n 
A 1 89  ILE 89  81 81 ILE ILE A . n 
A 1 90  GLU 90  82 82 GLU GLU A . n 
A 1 91  PRO 91  83 83 PRO PRO A . n 
A 1 92  GLU 92  84 84 GLU GLU A . n 
A 1 93  TYR 93  85 85 TYR TYR A . n 
A 1 94  ILE 94  86 86 ILE ILE A . n 
A 1 95  LEU 95  87 87 LEU LEU A . n 
A 1 96  ILE 96  88 88 ILE ILE A . n 
A 1 97  ARG 97  89 89 ARG ARG A . n 
A 1 98  ASP 98  90 90 ASP ASP A . n 
A 1 99  GLY 99  91 91 GLY GLY A . n 
A 1 100 ILE 100 92 92 ILE ILE A . n 
A 1 101 ILE 101 93 93 ILE ILE A . n 
A 1 102 GLU 102 94 ?  ?   ?   A . n 
A 1 103 LYS 103 95 ?  ?   ?   A . n 
A 1 104 LYS 104 96 ?  ?   ?   A . n 
A 1 105 GLU 105 97 ?  ?   ?   A . n 
A 1 106 GLY 106 98 ?  ?   ?   A . n 
A 1 107 GLU 107 99 ?  ?   ?   A . n 
B 1 1   GLU 1   -7 ?  ?   ?   B . n 
B 1 2   ASN 2   -6 ?  ?   ?   B . n 
B 1 3   LEU 3   -5 ?  ?   ?   B . n 
B 1 4   TYR 4   -4 ?  ?   ?   B . n 
B 1 5   PHE 5   -3 ?  ?   ?   B . n 
B 1 6   MSE 6   -2 ?  ?   ?   B . n 
B 1 7   LEU 7   -1 ?  ?   ?   B . n 
B 1 8   GLU 8   0  ?  ?   ?   B . n 
B 1 9   MSE 9   1  1  MSE MSE B . n 
B 1 10  GLU 10  2  2  GLU GLU B . n 
B 1 11  ILE 11  3  3  ILE ILE B . n 
B 1 12  LYS 12  4  4  LYS LYS B . n 
B 1 13  ILE 13  5  5  ILE ILE B . n 
B 1 14  THR 14  6  6  THR THR B . n 
B 1 15  GLU 15  7  7  GLU GLU B . n 
B 1 16  VAL 16  8  8  VAL VAL B . n 
B 1 17  LYS 17  9  9  LYS LYS B . n 
B 1 18  GLU 18  10 10 GLU GLU B . n 
B 1 19  ASN 19  11 11 ASN ASN B . n 
B 1 20  LYS 20  12 12 LYS LYS B . n 
B 1 21  LEU 21  13 13 LEU LEU B . n 
B 1 22  ILE 22  14 14 ILE ILE B . n 
B 1 23  GLY 23  15 15 GLY GLY B . n 
B 1 24  ARG 24  16 16 ARG ARG B . n 
B 1 25  LYS 25  17 17 LYS LYS B . n 
B 1 26  GLU 26  18 18 GLU GLU B . n 
B 1 27  ILE 27  19 19 ILE ILE B . n 
B 1 28  TYR 28  20 20 TYR TYR B . n 
B 1 29  PHE 29  21 21 PHE PHE B . n 
B 1 30  GLU 30  22 22 GLU GLU B . n 
B 1 31  ILE 31  23 23 ILE ILE B . n 
B 1 32  TYR 32  24 24 TYR TYR B . n 
B 1 33  HIS 33  25 25 HIS HIS B . n 
B 1 34  PRO 34  26 26 PRO PRO B . n 
B 1 35  GLY 35  27 27 GLY GLY B . n 
B 1 36  GLU 36  28 28 GLU GLU B . n 
B 1 37  PRO 37  29 29 PRO PRO B . n 
B 1 38  THR 38  30 30 THR THR B . n 
B 1 39  PRO 39  31 31 PRO PRO B . n 
B 1 40  SER 40  32 32 SER SER B . n 
B 1 41  ARG 41  33 33 ARG ARG B . n 
B 1 42  LYS 42  34 34 LYS LYS B . n 
B 1 43  ASP 43  35 35 ASP ASP B . n 
B 1 44  VAL 44  36 36 VAL VAL B . n 
B 1 45  LYS 45  37 37 LYS LYS B . n 
B 1 46  GLY 46  38 38 GLY GLY B . n 
B 1 47  LYS 47  39 39 LYS LYS B . n 
B 1 48  LEU 48  40 40 LEU LEU B . n 
B 1 49  VAL 49  41 41 VAL VAL B . n 
B 1 50  ALA 50  42 42 ALA ALA B . n 
B 1 51  MSE 51  43 43 MSE MSE B . n 
B 1 52  LEU 52  44 44 LEU LEU B . n 
B 1 53  ASP 53  45 45 ASP ASP B . n 
B 1 54  LEU 54  46 46 LEU LEU B . n 
B 1 55  ASN 55  47 47 ASN ASN B . n 
B 1 56  PRO 56  48 48 PRO PRO B . n 
B 1 57  GLU 57  49 49 GLU GLU B . n 
B 1 58  THR 58  50 50 THR THR B . n 
B 1 59  THR 59  51 51 THR THR B . n 
B 1 60  VAL 60  52 52 VAL VAL B . n 
B 1 61  ILE 61  53 53 ILE ILE B . n 
B 1 62  GLN 62  54 54 GLN GLN B . n 
B 1 63  TYR 63  55 55 TYR TYR B . n 
B 1 64  ILE 64  56 56 ILE ILE B . n 
B 1 65  ARG 65  57 57 ARG ARG B . n 
B 1 66  SER 66  58 58 SER SER B . n 
B 1 67  TYR 67  59 59 TYR TYR B . n 
B 1 68  PHE 68  60 60 PHE PHE B . n 
B 1 69  GLY 69  61 61 GLY GLY B . n 
B 1 70  SER 70  62 62 SER SER B . n 
B 1 71  TYR 71  63 63 TYR TYR B . n 
B 1 72  LYS 72  64 64 LYS LYS B . n 
B 1 73  SER 73  65 65 SER SER B . n 
B 1 74  LYS 74  66 66 LYS LYS B . n 
B 1 75  GLY 75  67 67 GLY GLY B . n 
B 1 76  TYR 76  68 68 TYR TYR B . n 
B 1 77  ALA 77  69 69 ALA ALA B . n 
B 1 78  LYS 78  70 70 LYS LYS B . n 
B 1 79  TYR 79  71 71 TYR TYR B . n 
B 1 80  TYR 80  72 72 TYR TYR B . n 
B 1 81  TYR 81  73 73 TYR TYR B . n 
B 1 82  ASP 82  74 74 ASP ASP B . n 
B 1 83  LYS 83  75 75 LYS LYS B . n 
B 1 84  ASP 84  76 76 ASP ASP B . n 
B 1 85  ARG 85  77 77 ARG ARG B . n 
B 1 86  MSE 86  78 78 MSE MSE B . n 
B 1 87  LEU 87  79 79 LEU LEU B . n 
B 1 88  TYR 88  80 80 TYR TYR B . n 
B 1 89  ILE 89  81 81 ILE ILE B . n 
B 1 90  GLU 90  82 82 GLU GLU B . n 
B 1 91  PRO 91  83 83 PRO PRO B . n 
B 1 92  GLU 92  84 84 GLU GLU B . n 
B 1 93  TYR 93  85 85 TYR TYR B . n 
B 1 94  ILE 94  86 86 ILE ILE B . n 
B 1 95  LEU 95  87 87 LEU LEU B . n 
B 1 96  ILE 96  88 88 ILE ILE B . n 
B 1 97  ARG 97  89 89 ARG ARG B . n 
B 1 98  ASP 98  90 90 ASP ASP B . n 
B 1 99  GLY 99  91 91 GLY GLY B . n 
B 1 100 ILE 100 92 92 ILE ILE B . n 
B 1 101 ILE 101 93 93 ILE ILE B . n 
B 1 102 GLU 102 94 94 GLU GLU B . n 
B 1 103 LYS 103 95 ?  ?   ?   B . n 
B 1 104 LYS 104 96 ?  ?   ?   B . n 
B 1 105 GLU 105 97 ?  ?   ?   B . n 
B 1 106 GLY 106 98 ?  ?   ?   B . n 
B 1 107 GLU 107 99 ?  ?   ?   B . n 
# 
loop_
_pdbx_nonpoly_scheme.asym_id 
_pdbx_nonpoly_scheme.entity_id 
_pdbx_nonpoly_scheme.mon_id 
_pdbx_nonpoly_scheme.ndb_seq_num 
_pdbx_nonpoly_scheme.pdb_seq_num 
_pdbx_nonpoly_scheme.auth_seq_num 
_pdbx_nonpoly_scheme.pdb_mon_id 
_pdbx_nonpoly_scheme.auth_mon_id 
_pdbx_nonpoly_scheme.pdb_strand_id 
_pdbx_nonpoly_scheme.pdb_ins_code 
C 2 HOH 1  2001 2001 HOH HOH A . 
C 2 HOH 2  2002 2002 HOH HOH A . 
C 2 HOH 3  2003 2003 HOH HOH A . 
C 2 HOH 4  2004 2004 HOH HOH A . 
C 2 HOH 5  2005 2005 HOH HOH A . 
C 2 HOH 6  2006 2006 HOH HOH A . 
C 2 HOH 7  2007 2007 HOH HOH A . 
C 2 HOH 8  2008 2008 HOH HOH A . 
C 2 HOH 9  2009 2009 HOH HOH A . 
C 2 HOH 10 2010 2010 HOH HOH A . 
C 2 HOH 11 2011 2011 HOH HOH A . 
C 2 HOH 12 2012 2012 HOH HOH A . 
C 2 HOH 13 2013 2013 HOH HOH A . 
C 2 HOH 14 2014 2014 HOH HOH A . 
C 2 HOH 15 2015 2015 HOH HOH A . 
C 2 HOH 16 2016 2016 HOH HOH A . 
C 2 HOH 17 2017 2017 HOH HOH A . 
C 2 HOH 18 2018 2018 HOH HOH A . 
C 2 HOH 19 2019 2019 HOH HOH A . 
C 2 HOH 20 2020 2020 HOH HOH A . 
C 2 HOH 21 2021 2021 HOH HOH A . 
C 2 HOH 22 2022 2022 HOH HOH A . 
C 2 HOH 23 2023 2023 HOH HOH A . 
C 2 HOH 24 2024 2024 HOH HOH A . 
C 2 HOH 25 2025 2025 HOH HOH A . 
C 2 HOH 26 2026 2026 HOH HOH A . 
C 2 HOH 27 2027 2027 HOH HOH A . 
C 2 HOH 28 2028 2028 HOH HOH A . 
C 2 HOH 29 2029 2029 HOH HOH A . 
C 2 HOH 30 2030 2030 HOH HOH A . 
C 2 HOH 31 2031 2031 HOH HOH A . 
C 2 HOH 32 2032 2032 HOH HOH A . 
C 2 HOH 33 2033 2033 HOH HOH A . 
C 2 HOH 34 2034 2034 HOH HOH A . 
C 2 HOH 35 2035 2035 HOH HOH A . 
C 2 HOH 36 2036 2036 HOH HOH A . 
C 2 HOH 37 2037 2037 HOH HOH A . 
C 2 HOH 38 2038 2038 HOH HOH A . 
C 2 HOH 39 2039 2039 HOH HOH A . 
C 2 HOH 40 2040 2040 HOH HOH A . 
C 2 HOH 41 2041 2041 HOH HOH A . 
D 2 HOH 1  2001 2001 HOH HOH B . 
D 2 HOH 2  2002 2002 HOH HOH B . 
D 2 HOH 3  2003 2003 HOH HOH B . 
D 2 HOH 4  2004 2004 HOH HOH B . 
D 2 HOH 5  2005 2005 HOH HOH B . 
D 2 HOH 6  2006 2006 HOH HOH B . 
D 2 HOH 7  2007 2007 HOH HOH B . 
D 2 HOH 8  2008 2008 HOH HOH B . 
D 2 HOH 9  2009 2009 HOH HOH B . 
D 2 HOH 10 2010 2010 HOH HOH B . 
D 2 HOH 11 2011 2011 HOH HOH B . 
D 2 HOH 12 2012 2012 HOH HOH B . 
D 2 HOH 13 2013 2013 HOH HOH B . 
D 2 HOH 14 2014 2014 HOH HOH B . 
D 2 HOH 15 2015 2015 HOH HOH B . 
D 2 HOH 16 2016 2016 HOH HOH B . 
D 2 HOH 17 2017 2017 HOH HOH B . 
D 2 HOH 18 2018 2018 HOH HOH B . 
D 2 HOH 19 2019 2019 HOH HOH B . 
D 2 HOH 20 2020 2020 HOH HOH B . 
D 2 HOH 21 2021 2021 HOH HOH B . 
D 2 HOH 22 2022 2022 HOH HOH B . 
D 2 HOH 23 2023 2023 HOH HOH B . 
D 2 HOH 24 2024 2024 HOH HOH B . 
D 2 HOH 25 2025 2025 HOH HOH B . 
D 2 HOH 26 2026 2026 HOH HOH B . 
D 2 HOH 27 2027 2027 HOH HOH B . 
D 2 HOH 28 2028 2028 HOH HOH B . 
D 2 HOH 29 2029 2029 HOH HOH B . 
D 2 HOH 30 2030 2030 HOH HOH B . 
D 2 HOH 31 2031 2031 HOH HOH B . 
D 2 HOH 32 2032 2032 HOH HOH B . 
D 2 HOH 33 2033 2033 HOH HOH B . 
D 2 HOH 34 2034 2034 HOH HOH B . 
D 2 HOH 35 2035 2035 HOH HOH B . 
D 2 HOH 36 2036 2036 HOH HOH B . 
D 2 HOH 37 2037 2037 HOH HOH B . 
D 2 HOH 38 2038 2038 HOH HOH B . 
D 2 HOH 39 2039 2039 HOH HOH B . 
D 2 HOH 40 2040 2040 HOH HOH B . 
D 2 HOH 41 2041 2041 HOH HOH B . 
D 2 HOH 42 2042 2042 HOH HOH B . 
D 2 HOH 43 2043 2043 HOH HOH B . 
D 2 HOH 44 2044 2044 HOH HOH B . 
D 2 HOH 45 2045 2045 HOH HOH B . 
D 2 HOH 46 2046 2046 HOH HOH B . 
D 2 HOH 47 2047 2047 HOH HOH B . 
D 2 HOH 48 2048 2048 HOH HOH B . 
D 2 HOH 49 2049 2049 HOH HOH B . 
D 2 HOH 50 2050 2050 HOH HOH B . 
D 2 HOH 51 2051 2051 HOH HOH B . 
D 2 HOH 52 2052 2052 HOH HOH B . 
D 2 HOH 53 2053 2053 HOH HOH B . 
D 2 HOH 54 2054 2054 HOH HOH B . 
D 2 HOH 55 2055 2055 HOH HOH B . 
# 
loop_
_pdbx_unobs_or_zero_occ_atoms.id 
_pdbx_unobs_or_zero_occ_atoms.PDB_model_num 
_pdbx_unobs_or_zero_occ_atoms.polymer_flag 
_pdbx_unobs_or_zero_occ_atoms.occupancy_flag 
_pdbx_unobs_or_zero_occ_atoms.auth_asym_id 
_pdbx_unobs_or_zero_occ_atoms.auth_comp_id 
_pdbx_unobs_or_zero_occ_atoms.auth_seq_id 
_pdbx_unobs_or_zero_occ_atoms.PDB_ins_code 
_pdbx_unobs_or_zero_occ_atoms.auth_atom_id 
_pdbx_unobs_or_zero_occ_atoms.label_alt_id 
_pdbx_unobs_or_zero_occ_atoms.label_asym_id 
_pdbx_unobs_or_zero_occ_atoms.label_comp_id 
_pdbx_unobs_or_zero_occ_atoms.label_seq_id 
_pdbx_unobs_or_zero_occ_atoms.label_atom_id 
1 1 Y 1 A ILE 93 ? CA  ? A ILE 101 CA  
2 1 Y 1 A ILE 93 ? C   ? A ILE 101 C   
3 1 Y 1 A ILE 93 ? O   ? A ILE 101 O   
4 1 Y 1 A ILE 93 ? CB  ? A ILE 101 CB  
5 1 Y 1 A ILE 93 ? CG1 ? A ILE 101 CG1 
6 1 Y 1 A ILE 93 ? CG2 ? A ILE 101 CG2 
7 1 Y 1 A ILE 93 ? CD1 ? A ILE 101 CD1 
# 
loop_
_software.name 
_software.classification 
_software.version 
_software.citation_id 
_software.pdbx_ordinal 
REFMAC refinement       5.2.0019 ? 1 
XDS    'data reduction' .        ? 2 
XSCALE 'data scaling'   .        ? 3 
SHARP  phasing          .        ? 4 
# 
_cell.entry_id           2V94 
_cell.length_a           66.810 
_cell.length_b           85.630 
_cell.length_c           42.110 
_cell.angle_alpha        90.00 
_cell.angle_beta         90.00 
_cell.angle_gamma        90.00 
_cell.Z_PDB              8 
_cell.pdbx_unique_axis   ? 
# 
_symmetry.entry_id                         2V94 
_symmetry.space_group_name_H-M             'P 21 21 2' 
_symmetry.pdbx_full_space_group_name_H-M   ? 
_symmetry.cell_setting                     ? 
_symmetry.Int_Tables_number                18 
# 
_exptl.entry_id          2V94 
_exptl.method            'X-RAY DIFFRACTION' 
_exptl.crystals_number   1 
# 
_exptl_crystal.id                    1 
_exptl_crystal.density_meas          ? 
_exptl_crystal.density_Matthews      3.04 
_exptl_crystal.density_percent_sol   60 
_exptl_crystal.description           NONE 
# 
_exptl_crystal_grow.crystal_id      1 
_exptl_crystal_grow.method          ? 
_exptl_crystal_grow.temp            ? 
_exptl_crystal_grow.temp_details    ? 
_exptl_crystal_grow.pH              4.2 
_exptl_crystal_grow.pdbx_pH_range   ? 
_exptl_crystal_grow.pdbx_details    '100MM NA ACETATE 40% PEG 400 185MM MGCL2, pH 4.2' 
# 
_diffrn.id                     1 
_diffrn.ambient_temp           100 
_diffrn.ambient_temp_details   ? 
_diffrn.crystal_id             1 
# 
_diffrn_detector.diffrn_id              1 
_diffrn_detector.detector               CCD 
_diffrn_detector.type                   'ADSC CCD' 
_diffrn_detector.pdbx_collection_date   2006-07-05 
_diffrn_detector.details                ? 
# 
_diffrn_radiation.diffrn_id                        1 
_diffrn_radiation.wavelength_id                    1 
_diffrn_radiation.pdbx_monochromatic_or_laue_m_l   M 
_diffrn_radiation.monochromator                    ? 
_diffrn_radiation.pdbx_diffrn_protocol             'SINGLE WAVELENGTH' 
_diffrn_radiation.pdbx_scattering_type             x-ray 
# 
_diffrn_radiation_wavelength.id           1 
_diffrn_radiation_wavelength.wavelength   0.9793 
_diffrn_radiation_wavelength.wt           1.0 
# 
_diffrn_source.diffrn_id                   1 
_diffrn_source.source                      SYNCHROTRON 
_diffrn_source.type                        'ESRF BEAMLINE ID14-4' 
_diffrn_source.pdbx_synchrotron_site       ESRF 
_diffrn_source.pdbx_synchrotron_beamline   ID14-4 
_diffrn_source.pdbx_wavelength             0.9793 
_diffrn_source.pdbx_wavelength_list        ? 
# 
_reflns.pdbx_diffrn_id               1 
_reflns.pdbx_ordinal                 1 
_reflns.entry_id                     2V94 
_reflns.observed_criterion_sigma_I   2.0 
_reflns.observed_criterion_sigma_F   ? 
_reflns.d_resolution_low             50.00 
_reflns.d_resolution_high            1.90 
_reflns.number_obs                   13468 
_reflns.number_all                   ? 
_reflns.percent_possible_obs         97.5 
_reflns.pdbx_Rmerge_I_obs            0.06 
_reflns.pdbx_Rsym_value              ? 
_reflns.pdbx_netI_over_sigmaI        15.30 
_reflns.B_iso_Wilson_estimate        ? 
_reflns.pdbx_redundancy              5.3 
# 
_reflns_shell.pdbx_diffrn_id         1 
_reflns_shell.pdbx_ordinal           1 
_reflns_shell.d_res_high             1.90 
_reflns_shell.d_res_low              2.02 
_reflns_shell.percent_possible_all   91.3 
_reflns_shell.Rmerge_I_obs           0.31 
_reflns_shell.pdbx_Rsym_value        ? 
_reflns_shell.meanI_over_sigI_obs    4.80 
_reflns_shell.pdbx_redundancy        4.7 
# 
_refine.pdbx_refine_id                           'X-RAY DIFFRACTION' 
_refine.entry_id                                 2V94 
_refine.pdbx_diffrn_id                           1 
_refine.pdbx_TLS_residual_ADP_flag               'LIKELY RESIDUAL' 
_refine.ls_number_reflns_obs                     18584 
_refine.ls_number_reflns_all                     ? 
_refine.pdbx_ls_sigma_I                          ? 
_refine.pdbx_ls_sigma_F                          ? 
_refine.pdbx_data_cutoff_high_absF               ? 
_refine.pdbx_data_cutoff_low_absF                ? 
_refine.pdbx_data_cutoff_high_rms_absF           ? 
_refine.ls_d_res_low                             27.39 
_refine.ls_d_res_high                            1.90 
_refine.ls_percent_reflns_obs                    99.4 
_refine.ls_R_factor_obs                          0.224 
_refine.ls_R_factor_all                          ? 
_refine.ls_R_factor_R_work                       0.221 
_refine.ls_R_factor_R_free                       0.266 
_refine.ls_R_factor_R_free_error                 ? 
_refine.ls_R_factor_R_free_error_details         ? 
_refine.ls_percent_reflns_R_free                 5.100 
_refine.ls_number_reflns_R_free                  1001 
_refine.ls_number_parameters                     ? 
_refine.ls_number_restraints                     ? 
_refine.occupancy_min                            ? 
_refine.occupancy_max                            ? 
_refine.correlation_coeff_Fo_to_Fc               0.945 
_refine.correlation_coeff_Fo_to_Fc_free          0.920 
_refine.B_iso_mean                               29.52 
_refine.aniso_B[1][1]                            -3.19000 
_refine.aniso_B[2][2]                            -1.46000 
_refine.aniso_B[3][3]                            4.65000 
_refine.aniso_B[1][2]                            0.00000 
_refine.aniso_B[1][3]                            0.00000 
_refine.aniso_B[2][3]                            0.00000 
_refine.solvent_model_details                    'BABINET MODEL WITH MASK' 
_refine.solvent_model_param_ksol                 ? 
_refine.solvent_model_param_bsol                 ? 
_refine.pdbx_solvent_vdw_probe_radii             1.20 
_refine.pdbx_solvent_ion_probe_radii             0.80 
_refine.pdbx_solvent_shrinkage_radii             0.80 
_refine.pdbx_ls_cross_valid_method               THROUGHOUT 
_refine.details                                  'HYDROGENS HAVE BEEN ADDED IN THE RIDING POSITIONS.' 
_refine.pdbx_starting_model                      NONE 
_refine.pdbx_method_to_determine_struct          SAD 
_refine.pdbx_isotropic_thermal_model             ? 
_refine.pdbx_stereochemistry_target_values       'MAXIMUM LIKELIHOOD' 
_refine.pdbx_stereochem_target_val_spec_case     ? 
_refine.pdbx_R_Free_selection_details            RANDOM 
_refine.pdbx_overall_ESU_R                       0.163 
_refine.pdbx_overall_ESU_R_Free                  0.156 
_refine.overall_SU_ML                            0.130 
_refine.pdbx_overall_phase_error                 ? 
_refine.overall_SU_B                             8.878 
_refine.overall_SU_R_Cruickshank_DPI             ? 
_refine.pdbx_overall_SU_R_free_Cruickshank_DPI   ? 
_refine.pdbx_overall_SU_R_Blow_DPI               ? 
_refine.pdbx_overall_SU_R_free_Blow_DPI          ? 
# 
_refine_hist.pdbx_refine_id                   'X-RAY DIFFRACTION' 
_refine_hist.cycle_id                         LAST 
_refine_hist.pdbx_number_atoms_protein        1600 
_refine_hist.pdbx_number_atoms_nucleic_acid   0 
_refine_hist.pdbx_number_atoms_ligand         0 
_refine_hist.number_atoms_solvent             96 
_refine_hist.number_atoms_total               1696 
_refine_hist.d_res_high                       1.90 
_refine_hist.d_res_low                        27.39 
# 
loop_
_refine_ls_restr.type 
_refine_ls_restr.dev_ideal 
_refine_ls_restr.dev_ideal_target 
_refine_ls_restr.weight 
_refine_ls_restr.number 
_refine_ls_restr.pdbx_refine_id 
_refine_ls_restr.pdbx_restraint_function 
r_bond_refined_d             0.020  0.022  ? 1637 'X-RAY DIFFRACTION' ? 
r_bond_other_d               0.002  0.020  ? 1185 'X-RAY DIFFRACTION' ? 
r_angle_refined_deg          1.722  2.002  ? 2200 'X-RAY DIFFRACTION' ? 
r_angle_other_deg            0.904  3.000  ? 2885 'X-RAY DIFFRACTION' ? 
r_dihedral_angle_1_deg       5.505  5.000  ? 188  'X-RAY DIFFRACTION' ? 
r_dihedral_angle_2_deg       29.137 23.467 ? 75   'X-RAY DIFFRACTION' ? 
r_dihedral_angle_3_deg       13.023 15.000 ? 322  'X-RAY DIFFRACTION' ? 
r_dihedral_angle_4_deg       13.870 15.000 ? 10   'X-RAY DIFFRACTION' ? 
r_chiral_restr               0.094  0.200  ? 230  'X-RAY DIFFRACTION' ? 
r_gen_planes_refined         0.007  0.020  ? 1747 'X-RAY DIFFRACTION' ? 
r_gen_planes_other           0.001  0.020  ? 335  'X-RAY DIFFRACTION' ? 
r_nbd_refined                0.220  0.200  ? 319  'X-RAY DIFFRACTION' ? 
r_nbd_other                  0.208  0.200  ? 1164 'X-RAY DIFFRACTION' ? 
r_nbtor_refined              0.194  0.200  ? 798  'X-RAY DIFFRACTION' ? 
r_nbtor_other                0.089  0.200  ? 882  'X-RAY DIFFRACTION' ? 
r_xyhbond_nbd_refined        0.180  0.200  ? 84   'X-RAY DIFFRACTION' ? 
r_xyhbond_nbd_other          ?      ?      ? ?    'X-RAY DIFFRACTION' ? 
r_metal_ion_refined          ?      ?      ? ?    'X-RAY DIFFRACTION' ? 
r_metal_ion_other            ?      ?      ? ?    'X-RAY DIFFRACTION' ? 
r_symmetry_vdw_refined       0.242  0.200  ? 24   'X-RAY DIFFRACTION' ? 
r_symmetry_vdw_other         0.307  0.200  ? 49   'X-RAY DIFFRACTION' ? 
r_symmetry_hbond_refined     0.270  0.200  ? 14   'X-RAY DIFFRACTION' ? 
r_symmetry_hbond_other       ?      ?      ? ?    'X-RAY DIFFRACTION' ? 
r_symmetry_metal_ion_refined ?      ?      ? ?    'X-RAY DIFFRACTION' ? 
r_symmetry_metal_ion_other   ?      ?      ? ?    'X-RAY DIFFRACTION' ? 
r_mcbond_it                  1.397  1.500  ? 1138 'X-RAY DIFFRACTION' ? 
r_mcbond_other               ?      ?      ? ?    'X-RAY DIFFRACTION' ? 
r_mcangle_it                 1.523  2.000  ? 1545 'X-RAY DIFFRACTION' ? 
r_mcangle_other              ?      ?      ? ?    'X-RAY DIFFRACTION' ? 
r_scbond_it                  2.907  3.000  ? 803  'X-RAY DIFFRACTION' ? 
r_scbond_other               ?      ?      ? ?    'X-RAY DIFFRACTION' ? 
r_scangle_it                 3.674  4.500  ? 655  'X-RAY DIFFRACTION' ? 
r_scangle_other              ?      ?      ? ?    'X-RAY DIFFRACTION' ? 
r_long_range_B_refined       ?      ?      ? ?    'X-RAY DIFFRACTION' ? 
r_long_range_B_other         ?      ?      ? ?    'X-RAY DIFFRACTION' ? 
r_rigid_bond_restr           ?      ?      ? ?    'X-RAY DIFFRACTION' ? 
r_sphericity_free            ?      ?      ? ?    'X-RAY DIFFRACTION' ? 
r_sphericity_bonded          ?      ?      ? ?    'X-RAY DIFFRACTION' ? 
# 
loop_
_refine_ls_restr_ncs.dom_id 
_refine_ls_restr_ncs.pdbx_auth_asym_id 
_refine_ls_restr_ncs.pdbx_number 
_refine_ls_restr_ncs.rms_dev_position 
_refine_ls_restr_ncs.weight_position 
_refine_ls_restr_ncs.pdbx_type 
_refine_ls_restr_ncs.pdbx_ens_id 
_refine_ls_restr_ncs.pdbx_ordinal 
_refine_ls_restr_ncs.pdbx_refine_id 
_refine_ls_restr_ncs.ncs_model_details 
_refine_ls_restr_ncs.rms_dev_B_iso 
_refine_ls_restr_ncs.weight_B_iso 
_refine_ls_restr_ncs.pdbx_asym_id 
_refine_ls_restr_ncs.pdbx_rms 
_refine_ls_restr_ncs.pdbx_weight 
1 A 284 0.16 0.30 'tight positional' 1 1 'X-RAY DIFFRACTION' ? ? ? ? ? ? 
1 A 442 0.39 1.60 'loose positional' 1 2 'X-RAY DIFFRACTION' ? ? ? ? ? ? 
1 A 284 0.17 0.30 'tight thermal'    1 3 'X-RAY DIFFRACTION' ? ? ? ? ? ? 
1 A 442 0.93 2.30 'loose thermal'    1 4 'X-RAY DIFFRACTION' ? ? ? ? ? ? 
# 
_refine_ls_shell.pdbx_refine_id                   'X-RAY DIFFRACTION' 
_refine_ls_shell.pdbx_total_number_of_bins_used   12 
_refine_ls_shell.d_res_high                       1.90 
_refine_ls_shell.d_res_low                        1.98 
_refine_ls_shell.number_reflns_R_work             2159 
_refine_ls_shell.R_factor_R_work                  0.2620 
_refine_ls_shell.percent_reflns_obs               ? 
_refine_ls_shell.R_factor_R_free                  0.3410 
_refine_ls_shell.R_factor_R_free_error            ? 
_refine_ls_shell.percent_reflns_R_free            ? 
_refine_ls_shell.number_reflns_R_free             117 
_refine_ls_shell.number_reflns_all                ? 
_refine_ls_shell.R_factor_all                     ? 
# 
loop_
_struct_ncs_dom.id 
_struct_ncs_dom.details 
_struct_ncs_dom.pdbx_ens_id 
1 A 1 
2 B 1 
# 
loop_
_struct_ncs_dom_lim.pdbx_ens_id 
_struct_ncs_dom_lim.dom_id 
_struct_ncs_dom_lim.pdbx_component_id 
_struct_ncs_dom_lim.beg_label_asym_id 
_struct_ncs_dom_lim.beg_label_comp_id 
_struct_ncs_dom_lim.beg_label_seq_id 
_struct_ncs_dom_lim.beg_label_alt_id 
_struct_ncs_dom_lim.end_label_asym_id 
_struct_ncs_dom_lim.end_label_comp_id 
_struct_ncs_dom_lim.end_label_seq_id 
_struct_ncs_dom_lim.end_label_alt_id 
_struct_ncs_dom_lim.beg_auth_asym_id 
_struct_ncs_dom_lim.beg_auth_comp_id 
_struct_ncs_dom_lim.beg_auth_seq_id 
_struct_ncs_dom_lim.end_auth_asym_id 
_struct_ncs_dom_lim.end_auth_comp_id 
_struct_ncs_dom_lim.end_auth_seq_id 
_struct_ncs_dom_lim.pdbx_refine_code 
_struct_ncs_dom_lim.selection_details 
1 1 1 A GLU 10 . A VAL 16 . A GLU 2  A VAL 8  3 ? 
1 2 1 B GLU 10 . B VAL 16 . B GLU 2  B VAL 8  3 ? 
1 1 2 A ARG 24 . A ILE 31 . A ARG 16 A ILE 23 3 ? 
1 2 2 B ARG 24 . B ILE 31 . B ARG 16 B ILE 23 3 ? 
1 1 3 A PRO 39 . A LYS 45 . A PRO 31 A LYS 37 3 ? 
1 2 3 B PRO 39 . B LYS 45 . B PRO 31 B LYS 37 3 ? 
1 1 4 A LEU 54 . A TYR 63 . A LEU 46 A TYR 55 3 ? 
1 2 4 B LEU 54 . B TYR 63 . B LEU 46 B TYR 55 3 ? 
1 1 5 A GLY 75 . A TYR 81 . A GLY 67 A TYR 73 3 ? 
1 2 5 B GLY 75 . B TYR 81 . B GLY 67 B TYR 73 3 ? 
1 1 6 A ARG 85 . A LEU 87 . A ARG 77 A LEU 79 3 ? 
1 2 6 B ARG 85 . B LEU 87 . B ARG 77 B LEU 79 3 ? 
1 1 7 A ILE 89 . A PRO 91 . A ILE 81 A PRO 83 3 ? 
1 2 7 B ILE 89 . B PRO 91 . B ILE 81 B PRO 83 3 ? 
1 1 8 A TYR 93 . A LEU 95 . A TYR 85 A LEU 87 3 ? 
1 2 8 B TYR 93 . B LEU 95 . B TYR 85 B LEU 87 3 ? 
# 
_struct_ncs_ens.id        1 
_struct_ncs_ens.details   ? 
# 
_struct.entry_id                  2V94 
_struct.title                     'Crystal structure of P. abyssi RPS24' 
_struct.pdbx_model_details        ? 
_struct.pdbx_CASP_flag            ? 
_struct.pdbx_model_type_details   ? 
# 
_struct_keywords.entry_id        2V94 
_struct_keywords.pdbx_keywords   'RIBOSOMAL PROTEIN' 
_struct_keywords.text            'RIBOSOMAL PROTEIN, RIBONUCLEOPROTEIN' 
# 
loop_
_struct_asym.id 
_struct_asym.pdbx_blank_PDB_chainid_flag 
_struct_asym.pdbx_modified 
_struct_asym.entity_id 
_struct_asym.details 
A N N 1 ? 
B N N 1 ? 
C N N 2 ? 
D N N 2 ? 
# 
loop_
_struct_ref.id 
_struct_ref.db_name 
_struct_ref.db_code 
_struct_ref.entity_id 
_struct_ref.pdbx_seq_one_letter_code 
_struct_ref.pdbx_align_begin 
_struct_ref.pdbx_db_accession 
_struct_ref.pdbx_db_isoform 
1 PDB 2V94       1 ? ? 2V94   ? 
2 UNP RS24_PYRAB 1 ? ? Q9UY20 ? 
# 
loop_
_struct_ref_seq.align_id 
_struct_ref_seq.ref_id 
_struct_ref_seq.pdbx_PDB_id_code 
_struct_ref_seq.pdbx_strand_id 
_struct_ref_seq.seq_align_beg 
_struct_ref_seq.pdbx_seq_align_beg_ins_code 
_struct_ref_seq.seq_align_end 
_struct_ref_seq.pdbx_seq_align_end_ins_code 
_struct_ref_seq.pdbx_db_accession 
_struct_ref_seq.db_align_beg 
_struct_ref_seq.pdbx_db_align_beg_ins_code 
_struct_ref_seq.db_align_end 
_struct_ref_seq.pdbx_db_align_end_ins_code 
_struct_ref_seq.pdbx_auth_seq_align_beg 
_struct_ref_seq.pdbx_auth_seq_align_end 
1 1 2V94 A 1 ? 8   ? 2V94   -7 ? 0  ? -7 0  
2 2 2V94 A 9 ? 107 ? Q9UY20 1  ? 99 ? 1  99 
3 1 2V94 B 1 ? 8   ? 2V94   -7 ? 0  ? -7 0  
4 2 2V94 B 9 ? 107 ? Q9UY20 1  ? 99 ? 1  99 
# 
loop_
_pdbx_struct_assembly.id 
_pdbx_struct_assembly.details 
_pdbx_struct_assembly.method_details 
_pdbx_struct_assembly.oligomeric_details 
_pdbx_struct_assembly.oligomeric_count 
1 author_and_software_defined_assembly PQS monomeric 1 
2 author_and_software_defined_assembly PQS monomeric 1 
# 
loop_
_pdbx_struct_assembly_gen.assembly_id 
_pdbx_struct_assembly_gen.oper_expression 
_pdbx_struct_assembly_gen.asym_id_list 
1 1 A,C 
2 1 B,D 
# 
_pdbx_struct_oper_list.id                   1 
_pdbx_struct_oper_list.type                 'identity operation' 
_pdbx_struct_oper_list.name                 1_555 
_pdbx_struct_oper_list.symmetry_operation   x,y,z 
_pdbx_struct_oper_list.matrix[1][1]         1.0000000000 
_pdbx_struct_oper_list.matrix[1][2]         0.0000000000 
_pdbx_struct_oper_list.matrix[1][3]         0.0000000000 
_pdbx_struct_oper_list.vector[1]            0.0000000000 
_pdbx_struct_oper_list.matrix[2][1]         0.0000000000 
_pdbx_struct_oper_list.matrix[2][2]         1.0000000000 
_pdbx_struct_oper_list.matrix[2][3]         0.0000000000 
_pdbx_struct_oper_list.vector[2]            0.0000000000 
_pdbx_struct_oper_list.matrix[3][1]         0.0000000000 
_pdbx_struct_oper_list.matrix[3][2]         0.0000000000 
_pdbx_struct_oper_list.matrix[3][3]         1.0000000000 
_pdbx_struct_oper_list.vector[3]            0.0000000000 
# 
_struct_biol.id   1 
# 
loop_
_struct_conf.conf_type_id 
_struct_conf.id 
_struct_conf.pdbx_PDB_helix_id 
_struct_conf.beg_label_comp_id 
_struct_conf.beg_label_asym_id 
_struct_conf.beg_label_seq_id 
_struct_conf.pdbx_beg_PDB_ins_code 
_struct_conf.end_label_comp_id 
_struct_conf.end_label_asym_id 
_struct_conf.end_label_seq_id 
_struct_conf.pdbx_end_PDB_ins_code 
_struct_conf.beg_auth_comp_id 
_struct_conf.beg_auth_asym_id 
_struct_conf.beg_auth_seq_id 
_struct_conf.end_auth_comp_id 
_struct_conf.end_auth_asym_id 
_struct_conf.end_auth_seq_id 
_struct_conf.pdbx_PDB_helix_class 
_struct_conf.details 
_struct_conf.pdbx_PDB_helix_length 
HELX_P HELX_P1 1 SER A 40 ? ASP A 53 ? SER A 32 ASP A 45 1 ? 14 
HELX_P HELX_P2 2 ASN A 55 ? GLU A 57 ? ASN A 47 GLU A 49 5 ? 3  
HELX_P HELX_P3 3 ASP A 82 ? GLU A 90 ? ASP A 74 GLU A 82 1 ? 9  
HELX_P HELX_P4 4 PRO A 91 ? ASP A 98 ? PRO A 83 ASP A 90 1 ? 8  
HELX_P HELX_P5 5 SER B 40 ? ASP B 53 ? SER B 32 ASP B 45 1 ? 14 
HELX_P HELX_P6 6 ASN B 55 ? GLU B 57 ? ASN B 47 GLU B 49 5 ? 3  
HELX_P HELX_P7 7 ASP B 82 ? GLU B 90 ? ASP B 74 GLU B 82 1 ? 9  
HELX_P HELX_P8 8 PRO B 91 ? ASP B 98 ? PRO B 83 ASP B 90 1 ? 8  
# 
_struct_conf_type.id          HELX_P 
_struct_conf_type.criteria    ? 
_struct_conf_type.reference   ? 
# 
loop_
_struct_conn.id 
_struct_conn.conn_type_id 
_struct_conn.pdbx_leaving_atom_flag 
_struct_conn.pdbx_PDB_id 
_struct_conn.ptnr1_label_asym_id 
_struct_conn.ptnr1_label_comp_id 
_struct_conn.ptnr1_label_seq_id 
_struct_conn.ptnr1_label_atom_id 
_struct_conn.pdbx_ptnr1_label_alt_id 
_struct_conn.pdbx_ptnr1_PDB_ins_code 
_struct_conn.pdbx_ptnr1_standard_comp_id 
_struct_conn.ptnr1_symmetry 
_struct_conn.ptnr2_label_asym_id 
_struct_conn.ptnr2_label_comp_id 
_struct_conn.ptnr2_label_seq_id 
_struct_conn.ptnr2_label_atom_id 
_struct_conn.pdbx_ptnr2_label_alt_id 
_struct_conn.pdbx_ptnr2_PDB_ins_code 
_struct_conn.ptnr1_auth_asym_id 
_struct_conn.ptnr1_auth_comp_id 
_struct_conn.ptnr1_auth_seq_id 
_struct_conn.ptnr2_auth_asym_id 
_struct_conn.ptnr2_auth_comp_id 
_struct_conn.ptnr2_auth_seq_id 
_struct_conn.ptnr2_symmetry 
_struct_conn.pdbx_ptnr3_label_atom_id 
_struct_conn.pdbx_ptnr3_label_seq_id 
_struct_conn.pdbx_ptnr3_label_comp_id 
_struct_conn.pdbx_ptnr3_label_asym_id 
_struct_conn.pdbx_ptnr3_label_alt_id 
_struct_conn.pdbx_ptnr3_PDB_ins_code 
_struct_conn.details 
_struct_conn.pdbx_dist_value 
_struct_conn.pdbx_value_order 
_struct_conn.pdbx_role 
covale1  covale both ? A PHE 5  C ? ? ? 1_555 A MSE 6  N ? ? A PHE -3 A MSE -2 1_555 ? ? ? ? ? ? ? 1.329 ? ? 
covale2  covale both ? A MSE 6  C ? ? ? 1_555 A LEU 7  N ? ? A MSE -2 A LEU -1 1_555 ? ? ? ? ? ? ? 1.327 ? ? 
covale3  covale both ? A GLU 8  C ? ? ? 1_555 A MSE 9  N ? ? A GLU 0  A MSE 1  1_555 ? ? ? ? ? ? ? 1.326 ? ? 
covale4  covale both ? A MSE 9  C ? ? ? 1_555 A GLU 10 N ? ? A MSE 1  A GLU 2  1_555 ? ? ? ? ? ? ? 1.320 ? ? 
covale5  covale both ? A ALA 50 C ? ? ? 1_555 A MSE 51 N ? ? A ALA 42 A MSE 43 1_555 ? ? ? ? ? ? ? 1.330 ? ? 
covale6  covale both ? A MSE 51 C ? ? ? 1_555 A LEU 52 N ? ? A MSE 43 A LEU 44 1_555 ? ? ? ? ? ? ? 1.310 ? ? 
covale7  covale both ? A ARG 85 C ? ? ? 1_555 A MSE 86 N ? ? A ARG 77 A MSE 78 1_555 ? ? ? ? ? ? ? 1.321 ? ? 
covale8  covale both ? A MSE 86 C ? ? ? 1_555 A LEU 87 N ? ? A MSE 78 A LEU 79 1_555 ? ? ? ? ? ? ? 1.324 ? ? 
covale9  covale both ? B MSE 9  C ? ? ? 1_555 B GLU 10 N ? ? B MSE 1  B GLU 2  1_555 ? ? ? ? ? ? ? 1.336 ? ? 
covale10 covale both ? B ALA 50 C ? ? ? 1_555 B MSE 51 N ? ? B ALA 42 B MSE 43 1_555 ? ? ? ? ? ? ? 1.305 ? ? 
covale11 covale both ? B MSE 51 C ? ? ? 1_555 B LEU 52 N ? ? B MSE 43 B LEU 44 1_555 ? ? ? ? ? ? ? 1.322 ? ? 
covale12 covale both ? B ARG 85 C ? ? ? 1_555 B MSE 86 N ? ? B ARG 77 B MSE 78 1_555 ? ? ? ? ? ? ? 1.323 ? ? 
covale13 covale both ? B MSE 86 C ? ? ? 1_555 B LEU 87 N ? ? B MSE 78 B LEU 79 1_555 ? ? ? ? ? ? ? 1.330 ? ? 
# 
_struct_conn_type.id          covale 
_struct_conn_type.criteria    ? 
_struct_conn_type.reference   ? 
# 
loop_
_pdbx_modification_feature.ordinal 
_pdbx_modification_feature.label_comp_id 
_pdbx_modification_feature.label_asym_id 
_pdbx_modification_feature.label_seq_id 
_pdbx_modification_feature.label_alt_id 
_pdbx_modification_feature.modified_residue_label_comp_id 
_pdbx_modification_feature.modified_residue_label_asym_id 
_pdbx_modification_feature.modified_residue_label_seq_id 
_pdbx_modification_feature.modified_residue_label_alt_id 
_pdbx_modification_feature.auth_comp_id 
_pdbx_modification_feature.auth_asym_id 
_pdbx_modification_feature.auth_seq_id 
_pdbx_modification_feature.PDB_ins_code 
_pdbx_modification_feature.symmetry 
_pdbx_modification_feature.modified_residue_auth_comp_id 
_pdbx_modification_feature.modified_residue_auth_asym_id 
_pdbx_modification_feature.modified_residue_auth_seq_id 
_pdbx_modification_feature.modified_residue_PDB_ins_code 
_pdbx_modification_feature.modified_residue_symmetry 
_pdbx_modification_feature.comp_id_linking_atom 
_pdbx_modification_feature.modified_residue_id_linking_atom 
_pdbx_modification_feature.modified_residue_id 
_pdbx_modification_feature.ref_pcm_id 
_pdbx_modification_feature.ref_comp_id 
_pdbx_modification_feature.type 
_pdbx_modification_feature.category 
1 MSE A 6  ? . . . . MSE A -2 ? 1_555 . . . . . . . MET 1 MSE Selenomethionine 'Named protein modification' 
2 MSE A 9  ? . . . . MSE A 1  ? 1_555 . . . . . . . MET 1 MSE Selenomethionine 'Named protein modification' 
3 MSE A 51 ? . . . . MSE A 43 ? 1_555 . . . . . . . MET 1 MSE Selenomethionine 'Named protein modification' 
4 MSE A 86 ? . . . . MSE A 78 ? 1_555 . . . . . . . MET 1 MSE Selenomethionine 'Named protein modification' 
5 MSE B 9  ? . . . . MSE B 1  ? 1_555 . . . . . . . MET 1 MSE Selenomethionine 'Named protein modification' 
6 MSE B 51 ? . . . . MSE B 43 ? 1_555 . . . . . . . MET 1 MSE Selenomethionine 'Named protein modification' 
7 MSE B 86 ? . . . . MSE B 78 ? 1_555 . . . . . . . MET 1 MSE Selenomethionine 'Named protein modification' 
# 
loop_
_struct_sheet.id 
_struct_sheet.type 
_struct_sheet.number_strands 
_struct_sheet.details 
AA ? 4 ? 
BA ? 4 ? 
# 
loop_
_struct_sheet_order.sheet_id 
_struct_sheet_order.range_id_1 
_struct_sheet_order.range_id_2 
_struct_sheet_order.offset 
_struct_sheet_order.sense 
AA 1 2 ? anti-parallel 
AA 2 3 ? anti-parallel 
AA 3 4 ? anti-parallel 
BA 1 2 ? anti-parallel 
BA 2 3 ? anti-parallel 
BA 3 4 ? anti-parallel 
# 
loop_
_struct_sheet_range.sheet_id 
_struct_sheet_range.id 
_struct_sheet_range.beg_label_comp_id 
_struct_sheet_range.beg_label_asym_id 
_struct_sheet_range.beg_label_seq_id 
_struct_sheet_range.pdbx_beg_PDB_ins_code 
_struct_sheet_range.end_label_comp_id 
_struct_sheet_range.end_label_asym_id 
_struct_sheet_range.end_label_seq_id 
_struct_sheet_range.pdbx_end_PDB_ins_code 
_struct_sheet_range.beg_auth_comp_id 
_struct_sheet_range.beg_auth_asym_id 
_struct_sheet_range.beg_auth_seq_id 
_struct_sheet_range.end_auth_comp_id 
_struct_sheet_range.end_auth_asym_id 
_struct_sheet_range.end_auth_seq_id 
AA 1 GLU A 10 ? ASN A 19 ? GLU A 2  ASN A 11 
AA 2 ARG A 24 ? TYR A 32 ? ARG A 16 TYR A 24 
AA 3 LYS A 72 ? TYR A 80 ? LYS A 64 TYR A 72 
AA 4 THR A 59 ? ARG A 65 ? THR A 51 ARG A 57 
BA 1 GLU B 10 ? ASN B 19 ? GLU B 2  ASN B 11 
BA 2 ARG B 24 ? TYR B 32 ? ARG B 16 TYR B 24 
BA 3 LYS B 72 ? TYR B 80 ? LYS B 64 TYR B 72 
BA 4 THR B 59 ? SER B 66 ? THR B 51 SER B 58 
# 
loop_
_pdbx_struct_sheet_hbond.sheet_id 
_pdbx_struct_sheet_hbond.range_id_1 
_pdbx_struct_sheet_hbond.range_id_2 
_pdbx_struct_sheet_hbond.range_1_label_atom_id 
_pdbx_struct_sheet_hbond.range_1_label_comp_id 
_pdbx_struct_sheet_hbond.range_1_label_asym_id 
_pdbx_struct_sheet_hbond.range_1_label_seq_id 
_pdbx_struct_sheet_hbond.range_1_PDB_ins_code 
_pdbx_struct_sheet_hbond.range_1_auth_atom_id 
_pdbx_struct_sheet_hbond.range_1_auth_comp_id 
_pdbx_struct_sheet_hbond.range_1_auth_asym_id 
_pdbx_struct_sheet_hbond.range_1_auth_seq_id 
_pdbx_struct_sheet_hbond.range_2_label_atom_id 
_pdbx_struct_sheet_hbond.range_2_label_comp_id 
_pdbx_struct_sheet_hbond.range_2_label_asym_id 
_pdbx_struct_sheet_hbond.range_2_label_seq_id 
_pdbx_struct_sheet_hbond.range_2_PDB_ins_code 
_pdbx_struct_sheet_hbond.range_2_auth_atom_id 
_pdbx_struct_sheet_hbond.range_2_auth_comp_id 
_pdbx_struct_sheet_hbond.range_2_auth_asym_id 
_pdbx_struct_sheet_hbond.range_2_auth_seq_id 
AA 1 2 N ASN A 19 ? N ASN A 11 O ARG A 24 ? O ARG A 16 
AA 2 3 N ILE A 31 ? N ILE A 23 O SER A 73 ? O SER A 65 
AA 3 4 N LYS A 78 ? N LYS A 70 O VAL A 60 ? O VAL A 52 
BA 1 2 N ASN B 19 ? N ASN B 11 O ARG B 24 ? O ARG B 16 
BA 2 3 N ILE B 31 ? N ILE B 23 O SER B 73 ? O SER B 65 
BA 3 4 N LYS B 78 ? N LYS B 70 O VAL B 60 ? O VAL B 52 
# 
_pdbx_entry_details.entry_id                   2V94 
_pdbx_entry_details.compound_details           ? 
_pdbx_entry_details.source_details             ? 
_pdbx_entry_details.nonpolymer_details         ? 
_pdbx_entry_details.sequence_details           ? 
_pdbx_entry_details.has_ligand_of_interest     ? 
_pdbx_entry_details.has_protein_modification   Y 
# 
_pdbx_validate_close_contact.id               1 
_pdbx_validate_close_contact.PDB_model_num    1 
_pdbx_validate_close_contact.auth_atom_id_1   NZ 
_pdbx_validate_close_contact.auth_asym_id_1   B 
_pdbx_validate_close_contact.auth_comp_id_1   LYS 
_pdbx_validate_close_contact.auth_seq_id_1    75 
_pdbx_validate_close_contact.PDB_ins_code_1   ? 
_pdbx_validate_close_contact.label_alt_id_1   ? 
_pdbx_validate_close_contact.auth_atom_id_2   O 
_pdbx_validate_close_contact.auth_asym_id_2   B 
_pdbx_validate_close_contact.auth_comp_id_2   HOH 
_pdbx_validate_close_contact.auth_seq_id_2    2046 
_pdbx_validate_close_contact.PDB_ins_code_2   ? 
_pdbx_validate_close_contact.label_alt_id_2   ? 
_pdbx_validate_close_contact.dist             2.00 
# 
_pdbx_validate_symm_contact.id                1 
_pdbx_validate_symm_contact.PDB_model_num     1 
_pdbx_validate_symm_contact.auth_atom_id_1    OE1 
_pdbx_validate_symm_contact.auth_asym_id_1    A 
_pdbx_validate_symm_contact.auth_comp_id_1    GLU 
_pdbx_validate_symm_contact.auth_seq_id_1     84 
_pdbx_validate_symm_contact.PDB_ins_code_1    ? 
_pdbx_validate_symm_contact.label_alt_id_1    ? 
_pdbx_validate_symm_contact.site_symmetry_1   1_555 
_pdbx_validate_symm_contact.auth_atom_id_2    OE1 
_pdbx_validate_symm_contact.auth_asym_id_2    A 
_pdbx_validate_symm_contact.auth_comp_id_2    GLU 
_pdbx_validate_symm_contact.auth_seq_id_2     84 
_pdbx_validate_symm_contact.PDB_ins_code_2    ? 
_pdbx_validate_symm_contact.label_alt_id_2    ? 
_pdbx_validate_symm_contact.site_symmetry_2   2_655 
_pdbx_validate_symm_contact.dist              1.07 
# 
loop_
_pdbx_validate_rmsd_angle.id 
_pdbx_validate_rmsd_angle.PDB_model_num 
_pdbx_validate_rmsd_angle.auth_atom_id_1 
_pdbx_validate_rmsd_angle.auth_asym_id_1 
_pdbx_validate_rmsd_angle.auth_comp_id_1 
_pdbx_validate_rmsd_angle.auth_seq_id_1 
_pdbx_validate_rmsd_angle.PDB_ins_code_1 
_pdbx_validate_rmsd_angle.label_alt_id_1 
_pdbx_validate_rmsd_angle.auth_atom_id_2 
_pdbx_validate_rmsd_angle.auth_asym_id_2 
_pdbx_validate_rmsd_angle.auth_comp_id_2 
_pdbx_validate_rmsd_angle.auth_seq_id_2 
_pdbx_validate_rmsd_angle.PDB_ins_code_2 
_pdbx_validate_rmsd_angle.label_alt_id_2 
_pdbx_validate_rmsd_angle.auth_atom_id_3 
_pdbx_validate_rmsd_angle.auth_asym_id_3 
_pdbx_validate_rmsd_angle.auth_comp_id_3 
_pdbx_validate_rmsd_angle.auth_seq_id_3 
_pdbx_validate_rmsd_angle.PDB_ins_code_3 
_pdbx_validate_rmsd_angle.label_alt_id_3 
_pdbx_validate_rmsd_angle.angle_value 
_pdbx_validate_rmsd_angle.angle_target_value 
_pdbx_validate_rmsd_angle.angle_deviation 
_pdbx_validate_rmsd_angle.angle_standard_deviation 
_pdbx_validate_rmsd_angle.linker_flag 
1 1 CB A ASP 90 ? ? CG A ASP 90 ? ? OD1 A ASP 90 ? ? 123.96 118.30 5.66 0.90 N 
2 1 CB B ASP 90 ? ? CG B ASP 90 ? ? OD1 B ASP 90 ? ? 124.97 118.30 6.67 0.90 N 
# 
loop_
_pdbx_validate_torsion.id 
_pdbx_validate_torsion.PDB_model_num 
_pdbx_validate_torsion.auth_comp_id 
_pdbx_validate_torsion.auth_asym_id 
_pdbx_validate_torsion.auth_seq_id 
_pdbx_validate_torsion.PDB_ins_code 
_pdbx_validate_torsion.label_alt_id 
_pdbx_validate_torsion.phi 
_pdbx_validate_torsion.psi 
1 1 ARG A 89 ? ? -38.88  -29.19 
2 1 HIS B 25 ? ? -150.35 62.57  
# 
loop_
_pdbx_struct_mod_residue.id 
_pdbx_struct_mod_residue.label_asym_id 
_pdbx_struct_mod_residue.label_comp_id 
_pdbx_struct_mod_residue.label_seq_id 
_pdbx_struct_mod_residue.auth_asym_id 
_pdbx_struct_mod_residue.auth_comp_id 
_pdbx_struct_mod_residue.auth_seq_id 
_pdbx_struct_mod_residue.PDB_ins_code 
_pdbx_struct_mod_residue.parent_comp_id 
_pdbx_struct_mod_residue.details 
1 A MSE 6  A MSE -2 ? MET SELENOMETHIONINE 
2 A MSE 9  A MSE 1  ? MET SELENOMETHIONINE 
3 A MSE 51 A MSE 43 ? MET SELENOMETHIONINE 
4 A MSE 86 A MSE 78 ? MET SELENOMETHIONINE 
5 B MSE 9  B MSE 1  ? MET SELENOMETHIONINE 
6 B MSE 51 B MSE 43 ? MET SELENOMETHIONINE 
7 B MSE 86 B MSE 78 ? MET SELENOMETHIONINE 
# 
loop_
_pdbx_refine_tls.pdbx_refine_id 
_pdbx_refine_tls.id 
_pdbx_refine_tls.details 
_pdbx_refine_tls.method 
_pdbx_refine_tls.origin_x 
_pdbx_refine_tls.origin_y 
_pdbx_refine_tls.origin_z 
_pdbx_refine_tls.T[1][1] 
_pdbx_refine_tls.T[2][2] 
_pdbx_refine_tls.T[3][3] 
_pdbx_refine_tls.T[1][2] 
_pdbx_refine_tls.T[1][3] 
_pdbx_refine_tls.T[2][3] 
_pdbx_refine_tls.L[1][1] 
_pdbx_refine_tls.L[2][2] 
_pdbx_refine_tls.L[3][3] 
_pdbx_refine_tls.L[1][2] 
_pdbx_refine_tls.L[1][3] 
_pdbx_refine_tls.L[2][3] 
_pdbx_refine_tls.S[1][1] 
_pdbx_refine_tls.S[1][2] 
_pdbx_refine_tls.S[1][3] 
_pdbx_refine_tls.S[2][1] 
_pdbx_refine_tls.S[2][2] 
_pdbx_refine_tls.S[2][3] 
_pdbx_refine_tls.S[3][1] 
_pdbx_refine_tls.S[3][2] 
_pdbx_refine_tls.S[3][3] 
'X-RAY DIFFRACTION' 1 ? refined -3.8328 0.2771 -11.1902 -0.1527 -0.0999 -0.1154 0.0479  -0.0475 0.0092 2.0671 4.7769 3.1036 1.6400 -0.2961 0.5553 -0.0281 0.1182  0.0749  0.0485  0.0535  0.3221  -0.0643 -0.3005 -0.0254 
'X-RAY DIFFRACTION' 2 ? refined 3.8680  0.2361 11.3295  -0.0792 -0.0817 -0.1478 -0.0276 -0.0111 0.0075 3.2585 4.2939 2.9173 2.4982 0.4063  0.8328 0.1412  -0.1622 -0.3004 -0.0152 -0.0294 -0.1578 0.3530  -0.0262 -0.1118  
# 
loop_
_pdbx_refine_tls_group.pdbx_refine_id 
_pdbx_refine_tls_group.id 
_pdbx_refine_tls_group.refine_tls_id 
_pdbx_refine_tls_group.beg_auth_asym_id 
_pdbx_refine_tls_group.beg_auth_seq_id 
_pdbx_refine_tls_group.beg_label_asym_id 
_pdbx_refine_tls_group.beg_label_seq_id 
_pdbx_refine_tls_group.end_auth_asym_id 
_pdbx_refine_tls_group.end_auth_seq_id 
_pdbx_refine_tls_group.end_label_asym_id 
_pdbx_refine_tls_group.end_label_seq_id 
_pdbx_refine_tls_group.selection 
_pdbx_refine_tls_group.selection_details 
'X-RAY DIFFRACTION' 1 1 A -3 ? ? A 93 ? ? ? ? 
'X-RAY DIFFRACTION' 2 2 B 1  ? ? B 94 ? ? ? ? 
# 
loop_
_pdbx_unobs_or_zero_occ_residues.id 
_pdbx_unobs_or_zero_occ_residues.PDB_model_num 
_pdbx_unobs_or_zero_occ_residues.polymer_flag 
_pdbx_unobs_or_zero_occ_residues.occupancy_flag 
_pdbx_unobs_or_zero_occ_residues.auth_asym_id 
_pdbx_unobs_or_zero_occ_residues.auth_comp_id 
_pdbx_unobs_or_zero_occ_residues.auth_seq_id 
_pdbx_unobs_or_zero_occ_residues.PDB_ins_code 
_pdbx_unobs_or_zero_occ_residues.label_asym_id 
_pdbx_unobs_or_zero_occ_residues.label_comp_id 
_pdbx_unobs_or_zero_occ_residues.label_seq_id 
1  1 Y 1 A GLU -7 ? A GLU 1   
2  1 Y 1 A ASN -6 ? A ASN 2   
3  1 Y 1 A LEU -5 ? A LEU 3   
4  1 Y 1 A TYR -4 ? A TYR 4   
5  1 Y 1 A GLU 94 ? A GLU 102 
6  1 Y 1 A LYS 95 ? A LYS 103 
7  1 Y 1 A LYS 96 ? A LYS 104 
8  1 Y 1 A GLU 97 ? A GLU 105 
9  1 Y 1 A GLY 98 ? A GLY 106 
10 1 Y 1 A GLU 99 ? A GLU 107 
11 1 Y 1 B GLU -7 ? B GLU 1   
12 1 Y 1 B ASN -6 ? B ASN 2   
13 1 Y 1 B LEU -5 ? B LEU 3   
14 1 Y 1 B TYR -4 ? B TYR 4   
15 1 Y 1 B PHE -3 ? B PHE 5   
16 1 Y 1 B MSE -2 ? B MSE 6   
17 1 Y 1 B LEU -1 ? B LEU 7   
18 1 Y 1 B GLU 0  ? B GLU 8   
19 1 Y 1 B LYS 95 ? B LYS 103 
20 1 Y 1 B LYS 96 ? B LYS 104 
21 1 Y 1 B GLU 97 ? B GLU 105 
22 1 Y 1 B GLY 98 ? B GLY 106 
23 1 Y 1 B GLU 99 ? B GLU 107 
# 
loop_
_chem_comp_atom.comp_id 
_chem_comp_atom.atom_id 
_chem_comp_atom.type_symbol 
_chem_comp_atom.pdbx_aromatic_flag 
_chem_comp_atom.pdbx_stereo_config 
_chem_comp_atom.pdbx_ordinal 
ALA N    N  N N 1   
ALA CA   C  N S 2   
ALA C    C  N N 3   
ALA O    O  N N 4   
ALA CB   C  N N 5   
ALA OXT  O  N N 6   
ALA H    H  N N 7   
ALA H2   H  N N 8   
ALA HA   H  N N 9   
ALA HB1  H  N N 10  
ALA HB2  H  N N 11  
ALA HB3  H  N N 12  
ALA HXT  H  N N 13  
ARG N    N  N N 14  
ARG CA   C  N S 15  
ARG C    C  N N 16  
ARG O    O  N N 17  
ARG CB   C  N N 18  
ARG CG   C  N N 19  
ARG CD   C  N N 20  
ARG NE   N  N N 21  
ARG CZ   C  N N 22  
ARG NH1  N  N N 23  
ARG NH2  N  N N 24  
ARG OXT  O  N N 25  
ARG H    H  N N 26  
ARG H2   H  N N 27  
ARG HA   H  N N 28  
ARG HB2  H  N N 29  
ARG HB3  H  N N 30  
ARG HG2  H  N N 31  
ARG HG3  H  N N 32  
ARG HD2  H  N N 33  
ARG HD3  H  N N 34  
ARG HE   H  N N 35  
ARG HH11 H  N N 36  
ARG HH12 H  N N 37  
ARG HH21 H  N N 38  
ARG HH22 H  N N 39  
ARG HXT  H  N N 40  
ASN N    N  N N 41  
ASN CA   C  N S 42  
ASN C    C  N N 43  
ASN O    O  N N 44  
ASN CB   C  N N 45  
ASN CG   C  N N 46  
ASN OD1  O  N N 47  
ASN ND2  N  N N 48  
ASN OXT  O  N N 49  
ASN H    H  N N 50  
ASN H2   H  N N 51  
ASN HA   H  N N 52  
ASN HB2  H  N N 53  
ASN HB3  H  N N 54  
ASN HD21 H  N N 55  
ASN HD22 H  N N 56  
ASN HXT  H  N N 57  
ASP N    N  N N 58  
ASP CA   C  N S 59  
ASP C    C  N N 60  
ASP O    O  N N 61  
ASP CB   C  N N 62  
ASP CG   C  N N 63  
ASP OD1  O  N N 64  
ASP OD2  O  N N 65  
ASP OXT  O  N N 66  
ASP H    H  N N 67  
ASP H2   H  N N 68  
ASP HA   H  N N 69  
ASP HB2  H  N N 70  
ASP HB3  H  N N 71  
ASP HD2  H  N N 72  
ASP HXT  H  N N 73  
GLN N    N  N N 74  
GLN CA   C  N S 75  
GLN C    C  N N 76  
GLN O    O  N N 77  
GLN CB   C  N N 78  
GLN CG   C  N N 79  
GLN CD   C  N N 80  
GLN OE1  O  N N 81  
GLN NE2  N  N N 82  
GLN OXT  O  N N 83  
GLN H    H  N N 84  
GLN H2   H  N N 85  
GLN HA   H  N N 86  
GLN HB2  H  N N 87  
GLN HB3  H  N N 88  
GLN HG2  H  N N 89  
GLN HG3  H  N N 90  
GLN HE21 H  N N 91  
GLN HE22 H  N N 92  
GLN HXT  H  N N 93  
GLU N    N  N N 94  
GLU CA   C  N S 95  
GLU C    C  N N 96  
GLU O    O  N N 97  
GLU CB   C  N N 98  
GLU CG   C  N N 99  
GLU CD   C  N N 100 
GLU OE1  O  N N 101 
GLU OE2  O  N N 102 
GLU OXT  O  N N 103 
GLU H    H  N N 104 
GLU H2   H  N N 105 
GLU HA   H  N N 106 
GLU HB2  H  N N 107 
GLU HB3  H  N N 108 
GLU HG2  H  N N 109 
GLU HG3  H  N N 110 
GLU HE2  H  N N 111 
GLU HXT  H  N N 112 
GLY N    N  N N 113 
GLY CA   C  N N 114 
GLY C    C  N N 115 
GLY O    O  N N 116 
GLY OXT  O  N N 117 
GLY H    H  N N 118 
GLY H2   H  N N 119 
GLY HA2  H  N N 120 
GLY HA3  H  N N 121 
GLY HXT  H  N N 122 
HIS N    N  N N 123 
HIS CA   C  N S 124 
HIS C    C  N N 125 
HIS O    O  N N 126 
HIS CB   C  N N 127 
HIS CG   C  Y N 128 
HIS ND1  N  Y N 129 
HIS CD2  C  Y N 130 
HIS CE1  C  Y N 131 
HIS NE2  N  Y N 132 
HIS OXT  O  N N 133 
HIS H    H  N N 134 
HIS H2   H  N N 135 
HIS HA   H  N N 136 
HIS HB2  H  N N 137 
HIS HB3  H  N N 138 
HIS HD1  H  N N 139 
HIS HD2  H  N N 140 
HIS HE1  H  N N 141 
HIS HE2  H  N N 142 
HIS HXT  H  N N 143 
HOH O    O  N N 144 
HOH H1   H  N N 145 
HOH H2   H  N N 146 
ILE N    N  N N 147 
ILE CA   C  N S 148 
ILE C    C  N N 149 
ILE O    O  N N 150 
ILE CB   C  N S 151 
ILE CG1  C  N N 152 
ILE CG2  C  N N 153 
ILE CD1  C  N N 154 
ILE OXT  O  N N 155 
ILE H    H  N N 156 
ILE H2   H  N N 157 
ILE HA   H  N N 158 
ILE HB   H  N N 159 
ILE HG12 H  N N 160 
ILE HG13 H  N N 161 
ILE HG21 H  N N 162 
ILE HG22 H  N N 163 
ILE HG23 H  N N 164 
ILE HD11 H  N N 165 
ILE HD12 H  N N 166 
ILE HD13 H  N N 167 
ILE HXT  H  N N 168 
LEU N    N  N N 169 
LEU CA   C  N S 170 
LEU C    C  N N 171 
LEU O    O  N N 172 
LEU CB   C  N N 173 
LEU CG   C  N N 174 
LEU CD1  C  N N 175 
LEU CD2  C  N N 176 
LEU OXT  O  N N 177 
LEU H    H  N N 178 
LEU H2   H  N N 179 
LEU HA   H  N N 180 
LEU HB2  H  N N 181 
LEU HB3  H  N N 182 
LEU HG   H  N N 183 
LEU HD11 H  N N 184 
LEU HD12 H  N N 185 
LEU HD13 H  N N 186 
LEU HD21 H  N N 187 
LEU HD22 H  N N 188 
LEU HD23 H  N N 189 
LEU HXT  H  N N 190 
LYS N    N  N N 191 
LYS CA   C  N S 192 
LYS C    C  N N 193 
LYS O    O  N N 194 
LYS CB   C  N N 195 
LYS CG   C  N N 196 
LYS CD   C  N N 197 
LYS CE   C  N N 198 
LYS NZ   N  N N 199 
LYS OXT  O  N N 200 
LYS H    H  N N 201 
LYS H2   H  N N 202 
LYS HA   H  N N 203 
LYS HB2  H  N N 204 
LYS HB3  H  N N 205 
LYS HG2  H  N N 206 
LYS HG3  H  N N 207 
LYS HD2  H  N N 208 
LYS HD3  H  N N 209 
LYS HE2  H  N N 210 
LYS HE3  H  N N 211 
LYS HZ1  H  N N 212 
LYS HZ2  H  N N 213 
LYS HZ3  H  N N 214 
LYS HXT  H  N N 215 
MSE N    N  N N 216 
MSE CA   C  N S 217 
MSE C    C  N N 218 
MSE O    O  N N 219 
MSE OXT  O  N N 220 
MSE CB   C  N N 221 
MSE CG   C  N N 222 
MSE SE   SE N N 223 
MSE CE   C  N N 224 
MSE H    H  N N 225 
MSE H2   H  N N 226 
MSE HA   H  N N 227 
MSE HXT  H  N N 228 
MSE HB2  H  N N 229 
MSE HB3  H  N N 230 
MSE HG2  H  N N 231 
MSE HG3  H  N N 232 
MSE HE1  H  N N 233 
MSE HE2  H  N N 234 
MSE HE3  H  N N 235 
PHE N    N  N N 236 
PHE CA   C  N S 237 
PHE C    C  N N 238 
PHE O    O  N N 239 
PHE CB   C  N N 240 
PHE CG   C  Y N 241 
PHE CD1  C  Y N 242 
PHE CD2  C  Y N 243 
PHE CE1  C  Y N 244 
PHE CE2  C  Y N 245 
PHE CZ   C  Y N 246 
PHE OXT  O  N N 247 
PHE H    H  N N 248 
PHE H2   H  N N 249 
PHE HA   H  N N 250 
PHE HB2  H  N N 251 
PHE HB3  H  N N 252 
PHE HD1  H  N N 253 
PHE HD2  H  N N 254 
PHE HE1  H  N N 255 
PHE HE2  H  N N 256 
PHE HZ   H  N N 257 
PHE HXT  H  N N 258 
PRO N    N  N N 259 
PRO CA   C  N S 260 
PRO C    C  N N 261 
PRO O    O  N N 262 
PRO CB   C  N N 263 
PRO CG   C  N N 264 
PRO CD   C  N N 265 
PRO OXT  O  N N 266 
PRO H    H  N N 267 
PRO HA   H  N N 268 
PRO HB2  H  N N 269 
PRO HB3  H  N N 270 
PRO HG2  H  N N 271 
PRO HG3  H  N N 272 
PRO HD2  H  N N 273 
PRO HD3  H  N N 274 
PRO HXT  H  N N 275 
SER N    N  N N 276 
SER CA   C  N S 277 
SER C    C  N N 278 
SER O    O  N N 279 
SER CB   C  N N 280 
SER OG   O  N N 281 
SER OXT  O  N N 282 
SER H    H  N N 283 
SER H2   H  N N 284 
SER HA   H  N N 285 
SER HB2  H  N N 286 
SER HB3  H  N N 287 
SER HG   H  N N 288 
SER HXT  H  N N 289 
THR N    N  N N 290 
THR CA   C  N S 291 
THR C    C  N N 292 
THR O    O  N N 293 
THR CB   C  N R 294 
THR OG1  O  N N 295 
THR CG2  C  N N 296 
THR OXT  O  N N 297 
THR H    H  N N 298 
THR H2   H  N N 299 
THR HA   H  N N 300 
THR HB   H  N N 301 
THR HG1  H  N N 302 
THR HG21 H  N N 303 
THR HG22 H  N N 304 
THR HG23 H  N N 305 
THR HXT  H  N N 306 
TYR N    N  N N 307 
TYR CA   C  N S 308 
TYR C    C  N N 309 
TYR O    O  N N 310 
TYR CB   C  N N 311 
TYR CG   C  Y N 312 
TYR CD1  C  Y N 313 
TYR CD2  C  Y N 314 
TYR CE1  C  Y N 315 
TYR CE2  C  Y N 316 
TYR CZ   C  Y N 317 
TYR OH   O  N N 318 
TYR OXT  O  N N 319 
TYR H    H  N N 320 
TYR H2   H  N N 321 
TYR HA   H  N N 322 
TYR HB2  H  N N 323 
TYR HB3  H  N N 324 
TYR HD1  H  N N 325 
TYR HD2  H  N N 326 
TYR HE1  H  N N 327 
TYR HE2  H  N N 328 
TYR HH   H  N N 329 
TYR HXT  H  N N 330 
VAL N    N  N N 331 
VAL CA   C  N S 332 
VAL C    C  N N 333 
VAL O    O  N N 334 
VAL CB   C  N N 335 
VAL CG1  C  N N 336 
VAL CG2  C  N N 337 
VAL OXT  O  N N 338 
VAL H    H  N N 339 
VAL H2   H  N N 340 
VAL HA   H  N N 341 
VAL HB   H  N N 342 
VAL HG11 H  N N 343 
VAL HG12 H  N N 344 
VAL HG13 H  N N 345 
VAL HG21 H  N N 346 
VAL HG22 H  N N 347 
VAL HG23 H  N N 348 
VAL HXT  H  N N 349 
# 
loop_
_chem_comp_bond.comp_id 
_chem_comp_bond.atom_id_1 
_chem_comp_bond.atom_id_2 
_chem_comp_bond.value_order 
_chem_comp_bond.pdbx_aromatic_flag 
_chem_comp_bond.pdbx_stereo_config 
_chem_comp_bond.pdbx_ordinal 
ALA N   CA   sing N N 1   
ALA N   H    sing N N 2   
ALA N   H2   sing N N 3   
ALA CA  C    sing N N 4   
ALA CA  CB   sing N N 5   
ALA CA  HA   sing N N 6   
ALA C   O    doub N N 7   
ALA C   OXT  sing N N 8   
ALA CB  HB1  sing N N 9   
ALA CB  HB2  sing N N 10  
ALA CB  HB3  sing N N 11  
ALA OXT HXT  sing N N 12  
ARG N   CA   sing N N 13  
ARG N   H    sing N N 14  
ARG N   H2   sing N N 15  
ARG CA  C    sing N N 16  
ARG CA  CB   sing N N 17  
ARG CA  HA   sing N N 18  
ARG C   O    doub N N 19  
ARG C   OXT  sing N N 20  
ARG CB  CG   sing N N 21  
ARG CB  HB2  sing N N 22  
ARG CB  HB3  sing N N 23  
ARG CG  CD   sing N N 24  
ARG CG  HG2  sing N N 25  
ARG CG  HG3  sing N N 26  
ARG CD  NE   sing N N 27  
ARG CD  HD2  sing N N 28  
ARG CD  HD3  sing N N 29  
ARG NE  CZ   sing N N 30  
ARG NE  HE   sing N N 31  
ARG CZ  NH1  sing N N 32  
ARG CZ  NH2  doub N N 33  
ARG NH1 HH11 sing N N 34  
ARG NH1 HH12 sing N N 35  
ARG NH2 HH21 sing N N 36  
ARG NH2 HH22 sing N N 37  
ARG OXT HXT  sing N N 38  
ASN N   CA   sing N N 39  
ASN N   H    sing N N 40  
ASN N   H2   sing N N 41  
ASN CA  C    sing N N 42  
ASN CA  CB   sing N N 43  
ASN CA  HA   sing N N 44  
ASN C   O    doub N N 45  
ASN C   OXT  sing N N 46  
ASN CB  CG   sing N N 47  
ASN CB  HB2  sing N N 48  
ASN CB  HB3  sing N N 49  
ASN CG  OD1  doub N N 50  
ASN CG  ND2  sing N N 51  
ASN ND2 HD21 sing N N 52  
ASN ND2 HD22 sing N N 53  
ASN OXT HXT  sing N N 54  
ASP N   CA   sing N N 55  
ASP N   H    sing N N 56  
ASP N   H2   sing N N 57  
ASP CA  C    sing N N 58  
ASP CA  CB   sing N N 59  
ASP CA  HA   sing N N 60  
ASP C   O    doub N N 61  
ASP C   OXT  sing N N 62  
ASP CB  CG   sing N N 63  
ASP CB  HB2  sing N N 64  
ASP CB  HB3  sing N N 65  
ASP CG  OD1  doub N N 66  
ASP CG  OD2  sing N N 67  
ASP OD2 HD2  sing N N 68  
ASP OXT HXT  sing N N 69  
GLN N   CA   sing N N 70  
GLN N   H    sing N N 71  
GLN N   H2   sing N N 72  
GLN CA  C    sing N N 73  
GLN CA  CB   sing N N 74  
GLN CA  HA   sing N N 75  
GLN C   O    doub N N 76  
GLN C   OXT  sing N N 77  
GLN CB  CG   sing N N 78  
GLN CB  HB2  sing N N 79  
GLN CB  HB3  sing N N 80  
GLN CG  CD   sing N N 81  
GLN CG  HG2  sing N N 82  
GLN CG  HG3  sing N N 83  
GLN CD  OE1  doub N N 84  
GLN CD  NE2  sing N N 85  
GLN NE2 HE21 sing N N 86  
GLN NE2 HE22 sing N N 87  
GLN OXT HXT  sing N N 88  
GLU N   CA   sing N N 89  
GLU N   H    sing N N 90  
GLU N   H2   sing N N 91  
GLU CA  C    sing N N 92  
GLU CA  CB   sing N N 93  
GLU CA  HA   sing N N 94  
GLU C   O    doub N N 95  
GLU C   OXT  sing N N 96  
GLU CB  CG   sing N N 97  
GLU CB  HB2  sing N N 98  
GLU CB  HB3  sing N N 99  
GLU CG  CD   sing N N 100 
GLU CG  HG2  sing N N 101 
GLU CG  HG3  sing N N 102 
GLU CD  OE1  doub N N 103 
GLU CD  OE2  sing N N 104 
GLU OE2 HE2  sing N N 105 
GLU OXT HXT  sing N N 106 
GLY N   CA   sing N N 107 
GLY N   H    sing N N 108 
GLY N   H2   sing N N 109 
GLY CA  C    sing N N 110 
GLY CA  HA2  sing N N 111 
GLY CA  HA3  sing N N 112 
GLY C   O    doub N N 113 
GLY C   OXT  sing N N 114 
GLY OXT HXT  sing N N 115 
HIS N   CA   sing N N 116 
HIS N   H    sing N N 117 
HIS N   H2   sing N N 118 
HIS CA  C    sing N N 119 
HIS CA  CB   sing N N 120 
HIS CA  HA   sing N N 121 
HIS C   O    doub N N 122 
HIS C   OXT  sing N N 123 
HIS CB  CG   sing N N 124 
HIS CB  HB2  sing N N 125 
HIS CB  HB3  sing N N 126 
HIS CG  ND1  sing Y N 127 
HIS CG  CD2  doub Y N 128 
HIS ND1 CE1  doub Y N 129 
HIS ND1 HD1  sing N N 130 
HIS CD2 NE2  sing Y N 131 
HIS CD2 HD2  sing N N 132 
HIS CE1 NE2  sing Y N 133 
HIS CE1 HE1  sing N N 134 
HIS NE2 HE2  sing N N 135 
HIS OXT HXT  sing N N 136 
HOH O   H1   sing N N 137 
HOH O   H2   sing N N 138 
ILE N   CA   sing N N 139 
ILE N   H    sing N N 140 
ILE N   H2   sing N N 141 
ILE CA  C    sing N N 142 
ILE CA  CB   sing N N 143 
ILE CA  HA   sing N N 144 
ILE C   O    doub N N 145 
ILE C   OXT  sing N N 146 
ILE CB  CG1  sing N N 147 
ILE CB  CG2  sing N N 148 
ILE CB  HB   sing N N 149 
ILE CG1 CD1  sing N N 150 
ILE CG1 HG12 sing N N 151 
ILE CG1 HG13 sing N N 152 
ILE CG2 HG21 sing N N 153 
ILE CG2 HG22 sing N N 154 
ILE CG2 HG23 sing N N 155 
ILE CD1 HD11 sing N N 156 
ILE CD1 HD12 sing N N 157 
ILE CD1 HD13 sing N N 158 
ILE OXT HXT  sing N N 159 
LEU N   CA   sing N N 160 
LEU N   H    sing N N 161 
LEU N   H2   sing N N 162 
LEU CA  C    sing N N 163 
LEU CA  CB   sing N N 164 
LEU CA  HA   sing N N 165 
LEU C   O    doub N N 166 
LEU C   OXT  sing N N 167 
LEU CB  CG   sing N N 168 
LEU CB  HB2  sing N N 169 
LEU CB  HB3  sing N N 170 
LEU CG  CD1  sing N N 171 
LEU CG  CD2  sing N N 172 
LEU CG  HG   sing N N 173 
LEU CD1 HD11 sing N N 174 
LEU CD1 HD12 sing N N 175 
LEU CD1 HD13 sing N N 176 
LEU CD2 HD21 sing N N 177 
LEU CD2 HD22 sing N N 178 
LEU CD2 HD23 sing N N 179 
LEU OXT HXT  sing N N 180 
LYS N   CA   sing N N 181 
LYS N   H    sing N N 182 
LYS N   H2   sing N N 183 
LYS CA  C    sing N N 184 
LYS CA  CB   sing N N 185 
LYS CA  HA   sing N N 186 
LYS C   O    doub N N 187 
LYS C   OXT  sing N N 188 
LYS CB  CG   sing N N 189 
LYS CB  HB2  sing N N 190 
LYS CB  HB3  sing N N 191 
LYS CG  CD   sing N N 192 
LYS CG  HG2  sing N N 193 
LYS CG  HG3  sing N N 194 
LYS CD  CE   sing N N 195 
LYS CD  HD2  sing N N 196 
LYS CD  HD3  sing N N 197 
LYS CE  NZ   sing N N 198 
LYS CE  HE2  sing N N 199 
LYS CE  HE3  sing N N 200 
LYS NZ  HZ1  sing N N 201 
LYS NZ  HZ2  sing N N 202 
LYS NZ  HZ3  sing N N 203 
LYS OXT HXT  sing N N 204 
MSE N   CA   sing N N 205 
MSE N   H    sing N N 206 
MSE N   H2   sing N N 207 
MSE CA  C    sing N N 208 
MSE CA  CB   sing N N 209 
MSE CA  HA   sing N N 210 
MSE C   O    doub N N 211 
MSE C   OXT  sing N N 212 
MSE OXT HXT  sing N N 213 
MSE CB  CG   sing N N 214 
MSE CB  HB2  sing N N 215 
MSE CB  HB3  sing N N 216 
MSE CG  SE   sing N N 217 
MSE CG  HG2  sing N N 218 
MSE CG  HG3  sing N N 219 
MSE SE  CE   sing N N 220 
MSE CE  HE1  sing N N 221 
MSE CE  HE2  sing N N 222 
MSE CE  HE3  sing N N 223 
PHE N   CA   sing N N 224 
PHE N   H    sing N N 225 
PHE N   H2   sing N N 226 
PHE CA  C    sing N N 227 
PHE CA  CB   sing N N 228 
PHE CA  HA   sing N N 229 
PHE C   O    doub N N 230 
PHE C   OXT  sing N N 231 
PHE CB  CG   sing N N 232 
PHE CB  HB2  sing N N 233 
PHE CB  HB3  sing N N 234 
PHE CG  CD1  doub Y N 235 
PHE CG  CD2  sing Y N 236 
PHE CD1 CE1  sing Y N 237 
PHE CD1 HD1  sing N N 238 
PHE CD2 CE2  doub Y N 239 
PHE CD2 HD2  sing N N 240 
PHE CE1 CZ   doub Y N 241 
PHE CE1 HE1  sing N N 242 
PHE CE2 CZ   sing Y N 243 
PHE CE2 HE2  sing N N 244 
PHE CZ  HZ   sing N N 245 
PHE OXT HXT  sing N N 246 
PRO N   CA   sing N N 247 
PRO N   CD   sing N N 248 
PRO N   H    sing N N 249 
PRO CA  C    sing N N 250 
PRO CA  CB   sing N N 251 
PRO CA  HA   sing N N 252 
PRO C   O    doub N N 253 
PRO C   OXT  sing N N 254 
PRO CB  CG   sing N N 255 
PRO CB  HB2  sing N N 256 
PRO CB  HB3  sing N N 257 
PRO CG  CD   sing N N 258 
PRO CG  HG2  sing N N 259 
PRO CG  HG3  sing N N 260 
PRO CD  HD2  sing N N 261 
PRO CD  HD3  sing N N 262 
PRO OXT HXT  sing N N 263 
SER N   CA   sing N N 264 
SER N   H    sing N N 265 
SER N   H2   sing N N 266 
SER CA  C    sing N N 267 
SER CA  CB   sing N N 268 
SER CA  HA   sing N N 269 
SER C   O    doub N N 270 
SER C   OXT  sing N N 271 
SER CB  OG   sing N N 272 
SER CB  HB2  sing N N 273 
SER CB  HB3  sing N N 274 
SER OG  HG   sing N N 275 
SER OXT HXT  sing N N 276 
THR N   CA   sing N N 277 
THR N   H    sing N N 278 
THR N   H2   sing N N 279 
THR CA  C    sing N N 280 
THR CA  CB   sing N N 281 
THR CA  HA   sing N N 282 
THR C   O    doub N N 283 
THR C   OXT  sing N N 284 
THR CB  OG1  sing N N 285 
THR CB  CG2  sing N N 286 
THR CB  HB   sing N N 287 
THR OG1 HG1  sing N N 288 
THR CG2 HG21 sing N N 289 
THR CG2 HG22 sing N N 290 
THR CG2 HG23 sing N N 291 
THR OXT HXT  sing N N 292 
TYR N   CA   sing N N 293 
TYR N   H    sing N N 294 
TYR N   H2   sing N N 295 
TYR CA  C    sing N N 296 
TYR CA  CB   sing N N 297 
TYR CA  HA   sing N N 298 
TYR C   O    doub N N 299 
TYR C   OXT  sing N N 300 
TYR CB  CG   sing N N 301 
TYR CB  HB2  sing N N 302 
TYR CB  HB3  sing N N 303 
TYR CG  CD1  doub Y N 304 
TYR CG  CD2  sing Y N 305 
TYR CD1 CE1  sing Y N 306 
TYR CD1 HD1  sing N N 307 
TYR CD2 CE2  doub Y N 308 
TYR CD2 HD2  sing N N 309 
TYR CE1 CZ   doub Y N 310 
TYR CE1 HE1  sing N N 311 
TYR CE2 CZ   sing Y N 312 
TYR CE2 HE2  sing N N 313 
TYR CZ  OH   sing N N 314 
TYR OH  HH   sing N N 315 
TYR OXT HXT  sing N N 316 
VAL N   CA   sing N N 317 
VAL N   H    sing N N 318 
VAL N   H2   sing N N 319 
VAL CA  C    sing N N 320 
VAL CA  CB   sing N N 321 
VAL CA  HA   sing N N 322 
VAL C   O    doub N N 323 
VAL C   OXT  sing N N 324 
VAL CB  CG1  sing N N 325 
VAL CB  CG2  sing N N 326 
VAL CB  HB   sing N N 327 
VAL CG1 HG11 sing N N 328 
VAL CG1 HG12 sing N N 329 
VAL CG1 HG13 sing N N 330 
VAL CG2 HG21 sing N N 331 
VAL CG2 HG22 sing N N 332 
VAL CG2 HG23 sing N N 333 
VAL OXT HXT  sing N N 334 
# 
_atom_sites.entry_id                    2V94 
_atom_sites.fract_transf_matrix[1][1]   -0.00864636 
_atom_sites.fract_transf_matrix[1][2]   -0.01123669 
_atom_sites.fract_transf_matrix[1][3]   0.00479773 
_atom_sites.fract_transf_matrix[2][1]   -0.00326108 
_atom_sites.fract_transf_matrix[2][2]   0.00643138 
_atom_sites.fract_transf_matrix[2][3]   0.00918577 
_atom_sites.fract_transf_matrix[3][1]   -0.01821462 
_atom_sites.fract_transf_matrix[3][2]   0.00866454 
_atom_sites.fract_transf_matrix[3][3]   -0.01253289 
_atom_sites.fract_transf_vector[1]      0.730968 
_atom_sites.fract_transf_vector[2]      0.180905 
_atom_sites.fract_transf_vector[3]      0.595417 
# 
loop_
_atom_type.symbol 
C  
N  
O  
SE 
# 
loop_
_atom_site.group_PDB 
_atom_site.id 
_atom_site.type_symbol 
_atom_site.label_atom_id 
_atom_site.label_alt_id 
_atom_site.label_comp_id 
_atom_site.label_asym_id 
_atom_site.label_entity_id 
_atom_site.label_seq_id 
_atom_site.pdbx_PDB_ins_code 
_atom_site.Cartn_x 
_atom_site.Cartn_y 
_atom_site.Cartn_z 
_atom_site.occupancy 
_atom_site.B_iso_or_equiv 
_atom_site.pdbx_formal_charge 
_atom_site.auth_seq_id 
_atom_site.auth_comp_id 
_atom_site.auth_asym_id 
_atom_site.auth_atom_id 
_atom_site.pdbx_PDB_model_num 
ATOM   1    N  N   . PHE A 1 5   ? -23.710 -11.009 2.467   1.00 39.90 ? -3   PHE A N   1 
ATOM   2    C  CA  . PHE A 1 5   ? -23.298 -9.992  1.463   1.00 39.39 ? -3   PHE A CA  1 
ATOM   3    C  C   . PHE A 1 5   ? -22.974 -10.643 0.109   1.00 39.41 ? -3   PHE A C   1 
ATOM   4    O  O   . PHE A 1 5   ? -23.057 -11.844 -0.044  1.00 38.72 ? -3   PHE A O   1 
ATOM   5    C  CB  . PHE A 1 5   ? -22.083 -9.220  1.983   1.00 39.85 ? -3   PHE A CB  1 
ATOM   6    C  CG  . PHE A 1 5   ? -20.887 -10.088 2.211   1.00 40.27 ? -3   PHE A CG  1 
ATOM   7    C  CD1 . PHE A 1 5   ? -20.801 -10.859 3.350   1.00 42.82 ? -3   PHE A CD1 1 
ATOM   8    C  CD2 . PHE A 1 5   ? -19.892 -10.193 1.267   1.00 40.15 ? -3   PHE A CD2 1 
ATOM   9    C  CE1 . PHE A 1 5   ? -19.724 -11.684 3.547   1.00 42.31 ? -3   PHE A CE1 1 
ATOM   10   C  CE2 . PHE A 1 5   ? -18.833 -11.016 1.460   1.00 40.61 ? -3   PHE A CE2 1 
ATOM   11   C  CZ  . PHE A 1 5   ? -18.754 -11.767 2.607   1.00 40.76 ? -3   PHE A CZ  1 
HETATM 12   N  N   . MSE A 1 6   ? -22.611 -9.818  -0.867  1.00 39.29 ? -2   MSE A N   1 
HETATM 13   C  CA  . MSE A 1 6   ? -22.223 -10.293 -2.186  1.00 40.30 ? -2   MSE A CA  1 
HETATM 14   C  C   . MSE A 1 6   ? -20.719 -10.350 -2.253  1.00 37.91 ? -2   MSE A C   1 
HETATM 15   O  O   . MSE A 1 6   ? -20.043 -9.661  -1.509  1.00 37.15 ? -2   MSE A O   1 
HETATM 16   C  CB  . MSE A 1 6   ? -22.766 -9.371  -3.271  1.00 40.45 ? -2   MSE A CB  1 
HETATM 17   C  CG  . MSE A 1 6   ? -24.253 -9.557  -3.488  1.00 43.51 ? -2   MSE A CG  1 
HETATM 18   SE SE  . MSE A 1 6   ? -25.021 -8.416  -4.872  1.00 48.99 ? -2   MSE A SE  1 
HETATM 19   C  CE  . MSE A 1 6   ? -26.915 -8.796  -4.658  1.00 43.09 ? -2   MSE A CE  1 
ATOM   20   N  N   . LEU A 1 7   ? -20.199 -11.169 -3.158  1.00 36.73 ? -1   LEU A N   1 
ATOM   21   C  CA  . LEU A 1 7   ? -18.762 -11.361 -3.282  1.00 36.08 ? -1   LEU A CA  1 
ATOM   22   C  C   . LEU A 1 7   ? -18.101 -10.043 -3.670  1.00 37.36 ? -1   LEU A C   1 
ATOM   23   O  O   . LEU A 1 7   ? -18.564 -9.358  -4.586  1.00 38.03 ? -1   LEU A O   1 
ATOM   24   C  CB  . LEU A 1 7   ? -18.458 -12.424 -4.339  1.00 35.64 ? -1   LEU A CB  1 
ATOM   25   C  CG  . LEU A 1 7   ? -18.933 -13.835 -3.947  1.00 33.64 ? -1   LEU A CG  1 
ATOM   26   C  CD1 . LEU A 1 7   ? -19.134 -14.702 -5.169  1.00 31.26 ? -1   LEU A CD1 1 
ATOM   27   C  CD2 . LEU A 1 7   ? -17.941 -14.459 -2.964  1.00 30.58 ? -1   LEU A CD2 1 
ATOM   28   N  N   . GLU A 1 8   ? -17.037 -9.687  -2.971  1.00 37.74 ? 0    GLU A N   1 
ATOM   29   C  CA  . GLU A 1 8   ? -16.408 -8.404  -3.154  1.00 39.10 ? 0    GLU A CA  1 
ATOM   30   C  C   . GLU A 1 8   ? -15.032 -8.655  -3.720  1.00 39.86 ? 0    GLU A C   1 
ATOM   31   O  O   . GLU A 1 8   ? -14.477 -9.742  -3.535  1.00 40.23 ? 0    GLU A O   1 
ATOM   32   C  CB  . GLU A 1 8   ? -16.311 -7.673  -1.821  1.00 39.98 ? 0    GLU A CB  1 
ATOM   33   C  CG  . GLU A 1 8   ? -17.647 -7.546  -1.035  1.00 43.31 ? 0    GLU A CG  1 
ATOM   34   C  CD  . GLU A 1 8   ? -18.742 -6.700  -1.737  1.00 48.48 ? 0    GLU A CD  1 
ATOM   35   O  OE1 . GLU A 1 8   ? -18.426 -5.925  -2.666  1.00 52.79 ? 0    GLU A OE1 1 
ATOM   36   O  OE2 . GLU A 1 8   ? -19.927 -6.793  -1.327  1.00 51.66 ? 0    GLU A OE2 1 
HETATM 37   N  N   . MSE A 1 9   ? -14.488 -7.700  -4.461  1.00 39.85 ? 1    MSE A N   1 
HETATM 38   C  CA  . MSE A 1 9   ? -13.118 -7.821  -4.918  1.00 41.85 ? 1    MSE A CA  1 
HETATM 39   C  C   . MSE A 1 9   ? -12.199 -7.294  -3.848  1.00 39.34 ? 1    MSE A C   1 
HETATM 40   O  O   . MSE A 1 9   ? -12.567 -6.414  -3.096  1.00 38.25 ? 1    MSE A O   1 
HETATM 41   C  CB  . MSE A 1 9   ? -12.889 -7.087  -6.249  1.00 41.83 ? 1    MSE A CB  1 
HETATM 42   C  CG  . MSE A 1 9   ? -13.201 -5.588  -6.266  1.00 45.21 ? 1    MSE A CG  1 
HETATM 43   SE SE  . MSE A 1 9   ? -12.600 -4.845  -7.986  1.00 54.44 ? 1    MSE A SE  1 
HETATM 44   C  CE  . MSE A 1 9   ? -10.822 -4.912  -7.379  1.00 37.67 ? 1    MSE A CE  1 
ATOM   45   N  N   . GLU A 1 10  ? -11.002 -7.846  -3.780  1.00 37.95 ? 2    GLU A N   1 
ATOM   46   C  CA  . GLU A 1 10  ? -10.015 -7.464  -2.765  1.00 37.79 ? 2    GLU A CA  1 
ATOM   47   C  C   . GLU A 1 10  ? -8.676  -7.169  -3.416  1.00 36.12 ? 2    GLU A C   1 
ATOM   48   O  O   . GLU A 1 10  ? -8.188  -7.961  -4.157  1.00 34.96 ? 2    GLU A O   1 
ATOM   49   C  CB  . GLU A 1 10  ? -9.901  -8.613  -1.789  1.00 37.38 ? 2    GLU A CB  1 
ATOM   50   C  CG  . GLU A 1 10  ? -8.683  -8.696  -0.973  1.00 41.20 ? 2    GLU A CG  1 
ATOM   51   C  CD  . GLU A 1 10  ? -8.651  -10.012 -0.222  1.00 41.43 ? 2    GLU A CD  1 
ATOM   52   O  OE1 . GLU A 1 10  ? -7.920  -10.926 -0.669  1.00 44.53 ? 2    GLU A OE1 1 
ATOM   53   O  OE2 . GLU A 1 10  ? -9.393  -10.132 0.784   1.00 46.90 ? 2    GLU A OE2 1 
ATOM   54   N  N   . ILE A 1 11  ? -8.090  -6.023  -3.111  1.00 35.41 ? 3    ILE A N   1 
ATOM   55   C  CA  . ILE A 1 11  ? -6.768  -5.689  -3.621  1.00 35.62 ? 3    ILE A CA  1 
ATOM   56   C  C   . ILE A 1 11  ? -5.672  -5.933  -2.627  1.00 35.21 ? 3    ILE A C   1 
ATOM   57   O  O   . ILE A 1 11  ? -5.753  -5.489  -1.468  1.00 34.61 ? 3    ILE A O   1 
ATOM   58   C  CB  . ILE A 1 11  ? -6.674  -4.237  -4.050  1.00 37.13 ? 3    ILE A CB  1 
ATOM   59   C  CG1 . ILE A 1 11  ? -7.629  -3.983  -5.225  1.00 37.59 ? 3    ILE A CG1 1 
ATOM   60   C  CG2 . ILE A 1 11  ? -5.261  -3.930  -4.554  1.00 36.24 ? 3    ILE A CG2 1 
ATOM   61   C  CD1 . ILE A 1 11  ? -7.141  -2.922  -6.073  1.00 40.31 ? 3    ILE A CD1 1 
ATOM   62   N  N   . LYS A 1 12  ? -4.625  -6.597  -3.091  1.00 34.83 ? 4    LYS A N   1 
ATOM   63   C  CA  . LYS A 1 12  ? -3.408  -6.773  -2.275  1.00 35.26 ? 4    LYS A CA  1 
ATOM   64   C  C   . LYS A 1 12  ? -2.249  -6.013  -2.902  1.00 35.17 ? 4    LYS A C   1 
ATOM   65   O  O   . LYS A 1 12  ? -1.775  -6.394  -3.990  1.00 36.04 ? 4    LYS A O   1 
ATOM   66   C  CB  . LYS A 1 12  ? -3.054  -8.233  -2.165  1.00 34.98 ? 4    LYS A CB  1 
ATOM   67   C  CG  . LYS A 1 12  ? -1.804  -8.539  -1.329  1.00 36.08 ? 4    LYS A CG  1 
ATOM   68   C  CD  . LYS A 1 12  ? -1.704  -9.997  -1.199  1.00 41.96 ? 4    LYS A CD  1 
ATOM   69   C  CE  . LYS A 1 12  ? -0.337  -10.434 -0.625  1.00 42.79 ? 4    LYS A CE  1 
ATOM   70   N  NZ  . LYS A 1 12  ? -0.324  -11.914 -0.298  1.00 43.96 ? 4    LYS A NZ  1 
ATOM   71   N  N   . ILE A 1 13  ? -1.744  -4.979  -2.212  1.00 34.67 ? 5    ILE A N   1 
ATOM   72   C  CA  . ILE A 1 13  ? -0.570  -4.238  -2.726  1.00 34.49 ? 5    ILE A CA  1 
ATOM   73   C  C   . ILE A 1 13  ? 0.646   -5.097  -2.533  1.00 34.25 ? 5    ILE A C   1 
ATOM   74   O  O   . ILE A 1 13  ? 0.952   -5.473  -1.420  1.00 34.92 ? 5    ILE A O   1 
ATOM   75   C  CB  . ILE A 1 13  ? -0.344  -2.882  -1.985  1.00 35.26 ? 5    ILE A CB  1 
ATOM   76   C  CG1 . ILE A 1 13  ? -1.565  -1.982  -2.107  1.00 35.94 ? 5    ILE A CG1 1 
ATOM   77   C  CG2 . ILE A 1 13  ? 0.902   -2.114  -2.534  1.00 34.14 ? 5    ILE A CG2 1 
ATOM   78   C  CD1 . ILE A 1 13  ? -1.899  -1.639  -3.487  1.00 34.25 ? 5    ILE A CD1 1 
ATOM   79   N  N   . THR A 1 14  ? 1.355   -5.421  -3.619  1.00 33.98 ? 6    THR A N   1 
ATOM   80   C  CA  . THR A 1 14  ? 2.557   -6.232  -3.538  1.00 34.86 ? 6    THR A CA  1 
ATOM   81   C  C   . THR A 1 14  ? 3.848   -5.408  -3.546  1.00 34.95 ? 6    THR A C   1 
ATOM   82   O  O   . THR A 1 14  ? 4.865   -5.843  -3.002  1.00 33.55 ? 6    THR A O   1 
ATOM   83   C  CB  . THR A 1 14  ? 2.599   -7.303  -4.608  1.00 34.87 ? 6    THR A CB  1 
ATOM   84   O  OG1 . THR A 1 14  ? 2.563   -6.729  -5.889  1.00 33.53 ? 6    THR A OG1 1 
ATOM   85   C  CG2 . THR A 1 14  ? 1.375   -8.242  -4.463  1.00 35.70 ? 6    THR A CG2 1 
ATOM   86   N  N   . GLU A 1 15  ? 3.812   -4.257  -4.203  1.00 35.89 ? 7    GLU A N   1 
ATOM   87   C  CA  . GLU A 1 15  ? 4.969   -3.390  -4.294  1.00 36.15 ? 7    GLU A CA  1 
ATOM   88   C  C   . GLU A 1 15  ? 4.649   -2.018  -4.722  1.00 35.41 ? 7    GLU A C   1 
ATOM   89   O  O   . GLU A 1 15  ? 3.822   -1.804  -5.597  1.00 34.10 ? 7    GLU A O   1 
ATOM   90   C  CB  . GLU A 1 15  ? 6.024   -3.974  -5.238  1.00 38.22 ? 7    GLU A CB  1 
ATOM   91   C  CG  . GLU A 1 15  ? 7.350   -3.195  -5.245  1.00 38.06 ? 7    GLU A CG  1 
ATOM   92   C  CD  . GLU A 1 15  ? 8.297   -3.677  -6.320  1.00 40.52 ? 7    GLU A CD  1 
ATOM   93   O  OE1 . GLU A 1 15  ? 9.073   -4.627  -6.058  1.00 44.94 ? 7    GLU A OE1 1 
ATOM   94   O  OE2 . GLU A 1 15  ? 8.304   -3.105  -7.411  1.00 47.03 ? 7    GLU A OE2 1 
ATOM   95   N  N   . VAL A 1 16  ? 5.269   -1.027  -4.064  1.00 35.03 ? 8    VAL A N   1 
ATOM   96   C  CA  . VAL A 1 16  ? 5.175   0.376   -4.524  1.00 34.86 ? 8    VAL A CA  1 
ATOM   97   C  C   . VAL A 1 16  ? 6.624   0.886   -4.617  1.00 35.52 ? 8    VAL A C   1 
ATOM   98   O  O   . VAL A 1 16  ? 7.388   0.722   -3.696  1.00 35.08 ? 8    VAL A O   1 
ATOM   99   C  CB  . VAL A 1 16  ? 4.430   1.301   -3.530  1.00 34.21 ? 8    VAL A CB  1 
ATOM   100  C  CG1 . VAL A 1 16  ? 4.602   2.744   -3.906  1.00 31.80 ? 8    VAL A CG1 1 
ATOM   101  C  CG2 . VAL A 1 16  ? 2.974   0.905   -3.438  1.00 35.18 ? 8    VAL A CG2 1 
ATOM   102  N  N   . LYS A 1 17  ? 6.951   1.493   -5.747  1.00 34.26 ? 9    LYS A N   1 
ATOM   103  C  CA  . LYS A 1 17  ? 8.206   2.172   -5.937  1.00 34.48 ? 9    LYS A CA  1 
ATOM   104  C  C   . LYS A 1 17  ? 7.975   3.644   -6.173  1.00 31.47 ? 9    LYS A C   1 
ATOM   105  O  O   . LYS A 1 17  ? 7.136   4.046   -6.992  1.00 33.40 ? 9    LYS A O   1 
ATOM   106  C  CB  . LYS A 1 17  ? 8.934   1.580   -7.134  1.00 37.09 ? 9    LYS A CB  1 
ATOM   107  C  CG  . LYS A 1 17  ? 9.522   0.222   -6.873  1.00 39.01 ? 9    LYS A CG  1 
ATOM   108  C  CD  . LYS A 1 17  ? 10.572  0.255   -5.716  1.00 44.19 ? 9    LYS A CD  1 
ATOM   109  C  CE  . LYS A 1 17  ? 11.199  -1.094  -5.545  1.00 44.15 ? 9    LYS A CE  1 
ATOM   110  N  NZ  . LYS A 1 17  ? 12.133  -1.123  -4.411  1.00 44.79 ? 9    LYS A NZ  1 
ATOM   111  N  N   . GLU A 1 18  ? 8.725   4.452   -5.454  1.00 31.01 ? 10   GLU A N   1 
ATOM   112  C  CA  . GLU A 1 18  ? 8.687   5.860   -5.588  1.00 31.89 ? 10   GLU A CA  1 
ATOM   113  C  C   . GLU A 1 18  ? 9.693   6.324   -6.647  1.00 33.08 ? 10   GLU A C   1 
ATOM   114  O  O   . GLU A 1 18  ? 10.882  6.298   -6.445  1.00 34.07 ? 10   GLU A O   1 
ATOM   115  C  CB  . GLU A 1 18  ? 8.945   6.557   -4.268  1.00 32.56 ? 10   GLU A CB  1 
ATOM   116  C  CG  . GLU A 1 18  ? 7.858   6.308   -3.174  1.00 33.53 ? 10   GLU A CG  1 
ATOM   117  C  CD  . GLU A 1 18  ? 6.531   7.003   -3.437  1.00 33.64 ? 10   GLU A CD  1 
ATOM   118  O  OE1 . GLU A 1 18  ? 6.503   8.089   -4.067  1.00 36.81 ? 10   GLU A OE1 1 
ATOM   119  O  OE2 . GLU A 1 18  ? 5.519   6.429   -2.996  1.00 35.04 ? 10   GLU A OE2 1 
ATOM   120  N  N   . ASN A 1 19  ? 9.194   6.794   -7.772  1.00 32.20 ? 11   ASN A N   1 
ATOM   121  C  CA  . ASN A 1 19  ? 10.093  7.218   -8.840  1.00 33.43 ? 11   ASN A CA  1 
ATOM   122  C  C   . ASN A 1 19  ? 10.272  8.716   -8.711  1.00 34.30 ? 11   ASN A C   1 
ATOM   123  O  O   . ASN A 1 19  ? 9.376   9.474   -9.029  1.00 33.61 ? 11   ASN A O   1 
ATOM   124  C  CB  . ASN A 1 19  ? 9.536   6.793   -10.218 1.00 33.14 ? 11   ASN A CB  1 
ATOM   125  C  CG  . ASN A 1 19  ? 10.464  7.167   -11.358 1.00 32.01 ? 11   ASN A CG  1 
ATOM   126  O  OD1 . ASN A 1 19  ? 11.129  8.205   -11.315 1.00 34.69 ? 11   ASN A OD1 1 
ATOM   127  N  ND2 . ASN A 1 19  ? 10.531  6.330   -12.346 1.00 33.35 ? 11   ASN A ND2 1 
ATOM   128  N  N   . LYS A 1 20  ? 11.413  9.137   -8.180  1.00 35.71 ? 12   LYS A N   1 
ATOM   129  C  CA  . LYS A 1 20  ? 11.670  10.552  -7.923  1.00 38.62 ? 12   LYS A CA  1 
ATOM   130  C  C   . LYS A 1 20  ? 11.918  11.339  -9.204  1.00 39.03 ? 12   LYS A C   1 
ATOM   131  O  O   . LYS A 1 20  ? 11.558  12.511  -9.290  1.00 40.76 ? 12   LYS A O   1 
ATOM   132  C  CB  . LYS A 1 20  ? 12.859  10.727  -6.973  1.00 39.03 ? 12   LYS A CB  1 
ATOM   133  C  CG  . LYS A 1 20  ? 12.676  10.023  -5.612  1.00 43.26 ? 12   LYS A CG  1 
ATOM   134  C  CD  . LYS A 1 20  ? 11.379  10.446  -4.849  1.00 46.10 ? 12   LYS A CD  1 
ATOM   135  C  CE  . LYS A 1 20  ? 11.394  9.891   -3.394  1.00 47.64 ? 12   LYS A CE  1 
ATOM   136  N  NZ  . LYS A 1 20  ? 11.593  8.370   -3.338  1.00 50.74 ? 12   LYS A NZ  1 
ATOM   137  N  N   . LEU A 1 21  ? 12.537  10.704  -10.186 1.00 39.13 ? 13   LEU A N   1 
ATOM   138  C  CA  . LEU A 1 21  ? 12.916  11.397  -11.398 1.00 39.45 ? 13   LEU A CA  1 
ATOM   139  C  C   . LEU A 1 21  ? 11.695  11.720  -12.261 1.00 39.59 ? 13   LEU A C   1 
ATOM   140  O  O   . LEU A 1 21  ? 11.625  12.770  -12.905 1.00 39.65 ? 13   LEU A O   1 
ATOM   141  C  CB  . LEU A 1 21  ? 13.892  10.541  -12.217 1.00 39.88 ? 13   LEU A CB  1 
ATOM   142  C  CG  . LEU A 1 21  ? 15.221  10.197  -11.552 1.00 41.83 ? 13   LEU A CG  1 
ATOM   143  C  CD1 . LEU A 1 21  ? 16.161  9.603   -12.606 1.00 44.29 ? 13   LEU A CD1 1 
ATOM   144  C  CD2 . LEU A 1 21  ? 15.865  11.384  -10.856 1.00 40.83 ? 13   LEU A CD2 1 
ATOM   145  N  N   . ILE A 1 22  ? 10.732  10.806  -12.285 1.00 38.70 ? 14   ILE A N   1 
ATOM   146  C  CA  . ILE A 1 22  ? 9.525   10.958  -13.101 1.00 38.52 ? 14   ILE A CA  1 
ATOM   147  C  C   . ILE A 1 22  ? 8.407   11.585  -12.297 1.00 37.80 ? 14   ILE A C   1 
ATOM   148  O  O   . ILE A 1 22  ? 7.575   12.288  -12.859 1.00 40.20 ? 14   ILE A O   1 
ATOM   149  C  CB  . ILE A 1 22  ? 9.134   9.584   -13.736 1.00 38.59 ? 14   ILE A CB  1 
ATOM   150  C  CG1 . ILE A 1 22  ? 10.192  9.213   -14.774 1.00 40.38 ? 14   ILE A CG1 1 
ATOM   151  C  CG2 . ILE A 1 22  ? 7.745   9.617   -14.389 1.00 39.53 ? 14   ILE A CG2 1 
ATOM   152  C  CD1 . ILE A 1 22  ? 10.019  7.913   -15.448 1.00 39.74 ? 14   ILE A CD1 1 
ATOM   153  N  N   . GLY A 1 23  ? 8.408   11.362  -10.977 1.00 36.49 ? 15   GLY A N   1 
ATOM   154  C  CA  . GLY A 1 23  ? 7.452   11.946  -10.067 1.00 36.09 ? 15   GLY A CA  1 
ATOM   155  C  C   . GLY A 1 23  ? 6.182   11.105  -10.006 1.00 35.02 ? 15   GLY A C   1 
ATOM   156  O  O   . GLY A 1 23  ? 5.067   11.596  -10.250 1.00 32.87 ? 15   GLY A O   1 
ATOM   157  N  N   . ARG A 1 24  ? 6.377   9.820   -9.757  1.00 33.60 ? 16   ARG A N   1 
ATOM   158  C  CA  . ARG A 1 24  ? 5.237   8.884   -9.707  1.00 33.44 ? 16   ARG A CA  1 
ATOM   159  C  C   . ARG A 1 24  ? 5.476   7.712   -8.824  1.00 33.02 ? 16   ARG A C   1 
ATOM   160  O  O   . ARG A 1 24  ? 6.650   7.375   -8.457  1.00 33.16 ? 16   ARG A O   1 
ATOM   161  C  CB  . ARG A 1 24  ? 4.789   8.407   -11.144 1.00 31.07 ? 16   ARG A CB  1 
ATOM   162  C  CG  . ARG A 1 24  ? 5.838   7.485   -11.751 1.00 32.27 ? 16   ARG A CG  1 
ATOM   163  C  CD  . ARG A 1 24  ? 5.525   7.064   -13.163 1.00 34.16 ? 16   ARG A CD  1 
ATOM   164  N  NE  . ARG A 1 24  ? 6.555   6.135   -13.666 1.00 32.25 ? 16   ARG A NE  1 
ATOM   165  C  CZ  . ARG A 1 24  ? 6.786   5.884   -14.941 1.00 34.49 ? 16   ARG A CZ  1 
ATOM   166  N  NH1 . ARG A 1 24  ? 6.109   6.500   -15.896 1.00 32.90 ? 16   ARG A NH1 1 
ATOM   167  N  NH2 . ARG A 1 24  ? 7.717   5.017   -15.272 1.00 34.05 ? 16   ARG A NH2 1 
ATOM   168  N  N   . LYS A 1 25  ? 4.360   7.125   -8.383  1.00 33.13 ? 17   LYS A N   1 
ATOM   169  C  CA  . LYS A 1 25  ? 4.407   5.834   -7.725  1.00 33.88 ? 17   LYS A CA  1 
ATOM   170  C  C   . LYS A 1 25  ? 4.172   4.781   -8.776  1.00 33.03 ? 17   LYS A C   1 
ATOM   171  O  O   . LYS A 1 25  ? 3.320   4.930   -9.610  1.00 30.73 ? 17   LYS A O   1 
ATOM   172  C  CB  . LYS A 1 25  ? 3.277   5.638   -6.702  1.00 33.66 ? 17   LYS A CB  1 
ATOM   173  C  CG  . LYS A 1 25  ? 3.099   6.764   -5.698  1.00 34.51 ? 17   LYS A CG  1 
ATOM   174  C  CD  . LYS A 1 25  ? 1.946   6.410   -4.714  1.00 34.91 ? 17   LYS A CD  1 
ATOM   175  C  CE  . LYS A 1 25  ? 1.902   7.396   -3.513  1.00 36.05 ? 17   LYS A CE  1 
ATOM   176  N  NZ  . LYS A 1 25  ? 2.987   7.160   -2.496  1.00 35.66 ? 17   LYS A NZ  1 
ATOM   177  N  N   . GLU A 1 26  ? 4.903   3.716   -8.685  1.00 31.74 ? 18   GLU A N   1 
ATOM   178  C  CA  . GLU A 1 26  ? 4.811   2.528   -9.523  1.00 33.37 ? 18   GLU A CA  1 
ATOM   179  C  C   . GLU A 1 26  ? 4.321   1.393   -8.606  1.00 33.77 ? 18   GLU A C   1 
ATOM   180  O  O   . GLU A 1 26  ? 5.058   0.927   -7.737  1.00 33.63 ? 18   GLU A O   1 
ATOM   181  C  CB  . GLU A 1 26  ? 6.220   2.169   -10.077 1.00 31.20 ? 18   GLU A CB  1 
ATOM   182  C  CG  . GLU A 1 26  ? 6.501   3.163   -11.223 1.00 34.94 ? 18   GLU A CG  1 
ATOM   183  C  CD  . GLU A 1 26  ? 7.936   3.330   -11.614 1.00 37.26 ? 18   GLU A CD  1 
ATOM   184  O  OE1 . GLU A 1 26  ? 8.826   2.569   -11.156 1.00 36.38 ? 18   GLU A OE1 1 
ATOM   185  O  OE2 . GLU A 1 26  ? 8.154   4.297   -12.388 1.00 39.43 ? 18   GLU A OE2 1 
ATOM   186  N  N   . ILE A 1 27  ? 3.101   0.964   -8.853  1.00 33.60 ? 19   ILE A N   1 
ATOM   187  C  CA  . ILE A 1 27  ? 2.346   0.152   -7.919  1.00 34.11 ? 19   ILE A CA  1 
ATOM   188  C  C   . ILE A 1 27  ? 1.922   -1.155  -8.590  1.00 33.64 ? 19   ILE A C   1 
ATOM   189  O  O   . ILE A 1 27  ? 1.152   -1.178  -9.551  1.00 32.32 ? 19   ILE A O   1 
ATOM   190  C  CB  . ILE A 1 27  ? 1.054   0.845   -7.474  1.00 33.37 ? 19   ILE A CB  1 
ATOM   191  C  CG1 . ILE A 1 27  ? 1.293   2.293   -7.017  1.00 33.14 ? 19   ILE A CG1 1 
ATOM   192  C  CG2 . ILE A 1 27  ? 0.304   -0.033  -6.359  1.00 32.92 ? 19   ILE A CG2 1 
ATOM   193  C  CD1 . ILE A 1 27  ? -0.068  3.183   -7.062  1.00 33.69 ? 19   ILE A CD1 1 
ATOM   194  N  N   . TYR A 1 28  ? 2.393   -2.237  -7.993  1.00 33.49 ? 20   TYR A N   1 
ATOM   195  C  CA  . TYR A 1 28  ? 2.028   -3.582  -8.393  1.00 32.96 ? 20   TYR A CA  1 
ATOM   196  C  C   . TYR A 1 28  ? 1.077   -4.125  -7.326  1.00 33.00 ? 20   TYR A C   1 
ATOM   197  O  O   . TYR A 1 28  ? 1.245   -3.918  -6.105  1.00 33.11 ? 20   TYR A O   1 
ATOM   198  C  CB  . TYR A 1 28  ? 3.308   -4.441  -8.510  1.00 34.85 ? 20   TYR A CB  1 
ATOM   199  C  CG  . TYR A 1 28  ? 4.167   -4.000  -9.683  1.00 35.06 ? 20   TYR A CG  1 
ATOM   200  C  CD1 . TYR A 1 28  ? 3.934   -4.520  -10.947 1.00 36.49 ? 20   TYR A CD1 1 
ATOM   201  C  CD2 . TYR A 1 28  ? 5.194   -3.020  -9.525  1.00 37.45 ? 20   TYR A CD2 1 
ATOM   202  C  CE1 . TYR A 1 28  ? 4.691   -4.126  -12.044 1.00 38.10 ? 20   TYR A CE1 1 
ATOM   203  C  CE2 . TYR A 1 28  ? 5.956   -2.586  -10.646 1.00 37.89 ? 20   TYR A CE2 1 
ATOM   204  C  CZ  . TYR A 1 28  ? 5.687   -3.172  -11.893 1.00 39.47 ? 20   TYR A CZ  1 
ATOM   205  O  OH  . TYR A 1 28  ? 6.346   -2.850  -13.085 1.00 42.52 ? 20   TYR A OH  1 
ATOM   206  N  N   . PHE A 1 29  ? 0.026   -4.824  -7.779  1.00 34.36 ? 21   PHE A N   1 
ATOM   207  C  CA  . PHE A 1 29  ? -0.942  -5.344  -6.825  1.00 33.20 ? 21   PHE A CA  1 
ATOM   208  C  C   . PHE A 1 29  ? -1.598  -6.597  -7.389  1.00 33.84 ? 21   PHE A C   1 
ATOM   209  O  O   . PHE A 1 29  ? -1.594  -6.819  -8.628  1.00 33.29 ? 21   PHE A O   1 
ATOM   210  C  CB  . PHE A 1 29  ? -1.972  -4.275  -6.524  1.00 32.38 ? 21   PHE A CB  1 
ATOM   211  C  CG  . PHE A 1 29  ? -2.655  -3.758  -7.726  1.00 31.24 ? 21   PHE A CG  1 
ATOM   212  C  CD1 . PHE A 1 29  ? -3.907  -4.198  -8.080  1.00 37.19 ? 21   PHE A CD1 1 
ATOM   213  C  CD2 . PHE A 1 29  ? -2.032  -2.788  -8.509  1.00 32.88 ? 21   PHE A CD2 1 
ATOM   214  C  CE1 . PHE A 1 29  ? -4.510  -3.709  -9.257  1.00 33.09 ? 21   PHE A CE1 1 
ATOM   215  C  CE2 . PHE A 1 29  ? -2.599  -2.285  -9.644  1.00 32.66 ? 21   PHE A CE2 1 
ATOM   216  C  CZ  . PHE A 1 29  ? -3.825  -2.735  -10.036 1.00 34.99 ? 21   PHE A CZ  1 
ATOM   217  N  N   . GLU A 1 30  ? -2.162  -7.384  -6.484  1.00 34.71 ? 22   GLU A N   1 
ATOM   218  C  CA  . GLU A 1 30  ? -3.085  -8.524  -6.818  1.00 35.29 ? 22   GLU A CA  1 
ATOM   219  C  C   . GLU A 1 30  ? -4.565  -8.166  -6.609  1.00 34.97 ? 22   GLU A C   1 
ATOM   220  O  O   . GLU A 1 30  ? -4.898  -7.387  -5.716  1.00 34.27 ? 22   GLU A O   1 
ATOM   221  C  CB  . GLU A 1 30  ? -2.719  -9.729  -5.970  1.00 36.66 ? 22   GLU A CB  1 
ATOM   222  C  CG  . GLU A 1 30  ? -1.426  -10.346 -6.419  1.00 36.19 ? 22   GLU A CG  1 
ATOM   223  C  CD  . GLU A 1 30  ? -0.870  -11.340 -5.468  1.00 40.53 ? 22   GLU A CD  1 
ATOM   224  O  OE1 . GLU A 1 30  ? -1.574  -11.740 -4.496  1.00 45.10 ? 22   GLU A OE1 1 
ATOM   225  O  OE2 . GLU A 1 30  ? 0.293   -11.712 -5.711  1.00 45.79 ? 22   GLU A OE2 1 
ATOM   226  N  N   . ILE A 1 31  ? -5.449  -8.650  -7.494  1.00 34.46 ? 23   ILE A N   1 
ATOM   227  C  CA  . ILE A 1 31  ? -6.892  -8.486  -7.296  1.00 34.74 ? 23   ILE A CA  1 
ATOM   228  C  C   . ILE A 1 31  ? -7.428  -9.918  -7.079  1.00 34.69 ? 23   ILE A C   1 
ATOM   229  O  O   . ILE A 1 31  ? -7.149  -10.790 -7.890  1.00 34.77 ? 23   ILE A O   1 
ATOM   230  C  CB  . ILE A 1 31  ? -7.578  -7.880  -8.494  1.00 34.67 ? 23   ILE A CB  1 
ATOM   231  C  CG1 . ILE A 1 31  ? -6.922  -6.544  -8.868  1.00 36.86 ? 23   ILE A CG1 1 
ATOM   232  C  CG2 . ILE A 1 31  ? -9.071  -7.723  -8.193  1.00 35.67 ? 23   ILE A CG2 1 
ATOM   233  C  CD1 . ILE A 1 31  ? -6.587  -6.391  -10.318 1.00 40.55 ? 23   ILE A CD1 1 
ATOM   234  N  N   . TYR A 1 32  ? -8.114  -10.174 -5.965  1.00 33.27 ? 24   TYR A N   1 
ATOM   235  C  CA  . TYR A 1 32  ? -8.804  -11.425 -5.776  1.00 31.79 ? 24   TYR A CA  1 
ATOM   236  C  C   . TYR A 1 32  ? -10.266 -11.136 -6.026  1.00 30.81 ? 24   TYR A C   1 
ATOM   237  O  O   . TYR A 1 32  ? -10.858 -10.318 -5.348  1.00 30.39 ? 24   TYR A O   1 
ATOM   238  C  CB  . TYR A 1 32  ? -8.571  -11.958 -4.384  1.00 31.79 ? 24   TYR A CB  1 
ATOM   239  C  CG  . TYR A 1 32  ? -9.163  -13.302 -4.090  1.00 31.13 ? 24   TYR A CG  1 
ATOM   240  C  CD1 . TYR A 1 32  ? -8.984  -14.381 -4.979  1.00 32.17 ? 24   TYR A CD1 1 
ATOM   241  C  CD2 . TYR A 1 32  ? -9.858  -13.522 -2.916  1.00 32.04 ? 24   TYR A CD2 1 
ATOM   242  C  CE1 . TYR A 1 32  ? -9.514  -15.609 -4.725  1.00 31.62 ? 24   TYR A CE1 1 
ATOM   243  C  CE2 . TYR A 1 32  ? -10.399 -14.764 -2.639  1.00 32.10 ? 24   TYR A CE2 1 
ATOM   244  C  CZ  . TYR A 1 32  ? -10.217 -15.807 -3.566  1.00 31.75 ? 24   TYR A CZ  1 
ATOM   245  O  OH  . TYR A 1 32  ? -10.720 -17.043 -3.300  1.00 35.52 ? 24   TYR A OH  1 
ATOM   246  N  N   . HIS A 1 33  ? -10.828 -11.821 -7.018  1.00 29.50 ? 25   HIS A N   1 
ATOM   247  C  CA  . HIS A 1 33  ? -12.217 -11.633 -7.426  1.00 29.43 ? 25   HIS A CA  1 
ATOM   248  C  C   . HIS A 1 33  ? -12.954 -12.943 -7.444  1.00 29.36 ? 25   HIS A C   1 
ATOM   249  O  O   . HIS A 1 33  ? -13.398 -13.370 -8.510  1.00 27.92 ? 25   HIS A O   1 
ATOM   250  C  CB  . HIS A 1 33  ? -12.285 -10.959 -8.794  1.00 30.25 ? 25   HIS A CB  1 
ATOM   251  C  CG  . HIS A 1 33  ? -11.443 -11.614 -9.848  1.00 29.41 ? 25   HIS A CG  1 
ATOM   252  N  ND1 . HIS A 1 33  ? -10.158 -11.218 -10.127 1.00 32.31 ? 25   HIS A ND1 1 
ATOM   253  C  CD2 . HIS A 1 33  ? -11.722 -12.609 -10.715 1.00 27.97 ? 25   HIS A CD2 1 
ATOM   254  C  CE1 . HIS A 1 33  ? -9.683  -11.949 -11.122 1.00 27.84 ? 25   HIS A CE1 1 
ATOM   255  N  NE2 . HIS A 1 33  ? -10.597 -12.825 -11.462 1.00 29.93 ? 25   HIS A NE2 1 
ATOM   256  N  N   . PRO A 1 34  ? -13.200 -13.515 -6.251  1.00 29.31 ? 26   PRO A N   1 
ATOM   257  C  CA  . PRO A 1 34  ? -13.816 -14.855 -6.094  1.00 29.70 ? 26   PRO A CA  1 
ATOM   258  C  C   . PRO A 1 34  ? -15.181 -14.920 -6.698  1.00 30.67 ? 26   PRO A C   1 
ATOM   259  O  O   . PRO A 1 34  ? -15.956 -13.949 -6.636  1.00 30.87 ? 26   PRO A O   1 
ATOM   260  C  CB  . PRO A 1 34  ? -13.906 -15.037 -4.574  1.00 29.59 ? 26   PRO A CB  1 
ATOM   261  C  CG  . PRO A 1 34  ? -13.944 -13.629 -4.038  1.00 28.70 ? 26   PRO A CG  1 
ATOM   262  C  CD  . PRO A 1 34  ? -12.984 -12.881 -4.935  1.00 29.06 ? 26   PRO A CD  1 
ATOM   263  N  N   . GLY A 1 35  ? -15.433 -16.058 -7.336  1.00 31.30 ? 27   GLY A N   1 
ATOM   264  C  CA  . GLY A 1 35  ? -16.679 -16.357 -7.978  1.00 32.45 ? 27   GLY A CA  1 
ATOM   265  C  C   . GLY A 1 35  ? -17.126 -15.327 -8.983  1.00 33.05 ? 27   GLY A C   1 
ATOM   266  O  O   . GLY A 1 35  ? -18.311 -15.234 -9.264  1.00 31.97 ? 27   GLY A O   1 
ATOM   267  N  N   . GLU A 1 36  ? -16.188 -14.573 -9.541  1.00 34.24 ? 28   GLU A N   1 
ATOM   268  C  CA  . GLU A 1 36  ? -16.510 -13.493 -10.461 1.00 35.84 ? 28   GLU A CA  1 
ATOM   269  C  C   . GLU A 1 36  ? -15.493 -13.376 -11.601 1.00 37.02 ? 28   GLU A C   1 
ATOM   270  O  O   . GLU A 1 36  ? -14.294 -13.754 -11.466 1.00 35.86 ? 28   GLU A O   1 
ATOM   271  C  CB  . GLU A 1 36  ? -16.548 -12.146 -9.713  1.00 36.91 ? 28   GLU A CB  1 
ATOM   272  C  CG  . GLU A 1 36  ? -17.613 -12.032 -8.611  1.00 38.19 ? 28   GLU A CG  1 
ATOM   273  C  CD  . GLU A 1 36  ? -19.038 -11.911 -9.137  1.00 42.94 ? 28   GLU A CD  1 
ATOM   274  O  OE1 . GLU A 1 36  ? -19.227 -11.872 -10.378 1.00 46.31 ? 28   GLU A OE1 1 
ATOM   275  O  OE2 . GLU A 1 36  ? -19.985 -11.879 -8.297  1.00 43.91 ? 28   GLU A OE2 1 
ATOM   276  N  N   . PRO A 1 37  ? -15.944 -12.802 -12.721 1.00 37.94 ? 29   PRO A N   1 
ATOM   277  C  CA  . PRO A 1 37  ? -15.042 -12.597 -13.834 1.00 38.58 ? 29   PRO A CA  1 
ATOM   278  C  C   . PRO A 1 37  ? -14.062 -11.505 -13.439 1.00 39.92 ? 29   PRO A C   1 
ATOM   279  O  O   . PRO A 1 37  ? -14.246 -10.833 -12.387 1.00 40.53 ? 29   PRO A O   1 
ATOM   280  C  CB  . PRO A 1 37  ? -15.995 -12.176 -14.985 1.00 39.96 ? 29   PRO A CB  1 
ATOM   281  C  CG  . PRO A 1 37  ? -17.135 -11.506 -14.308 1.00 38.86 ? 29   PRO A CG  1 
ATOM   282  C  CD  . PRO A 1 37  ? -17.306 -12.298 -13.005 1.00 38.38 ? 29   PRO A CD  1 
ATOM   283  N  N   . THR A 1 38  ? -13.013 -11.331 -14.216 1.00 39.16 ? 30   THR A N   1 
ATOM   284  C  CA  . THR A 1 38  ? -12.057 -10.291 -13.874 1.00 40.23 ? 30   THR A CA  1 
ATOM   285  C  C   . THR A 1 38  ? -12.816 -8.979  -13.785 1.00 39.51 ? 30   THR A C   1 
ATOM   286  O  O   . THR A 1 38  ? -13.719 -8.772  -14.581 1.00 39.38 ? 30   THR A O   1 
ATOM   287  C  CB  . THR A 1 38  ? -10.985 -10.207 -14.907 1.00 40.45 ? 30   THR A CB  1 
ATOM   288  O  OG1 . THR A 1 38  ? -10.256 -8.997  -14.680 1.00 44.19 ? 30   THR A OG1 1 
ATOM   289  C  CG2 . THR A 1 38  ? -11.628 -10.223 -16.354 1.00 44.29 ? 30   THR A CG2 1 
ATOM   290  N  N   . PRO A 1 39  ? -12.555 -8.137  -12.764 1.00 38.79 ? 31   PRO A N   1 
ATOM   291  C  CA  . PRO A 1 39  ? -13.352 -6.889  -12.727 1.00 38.89 ? 31   PRO A CA  1 
ATOM   292  C  C   . PRO A 1 39  ? -12.852 -5.852  -13.711 1.00 38.01 ? 31   PRO A C   1 
ATOM   293  O  O   . PRO A 1 39  ? -11.704 -5.938  -14.146 1.00 38.44 ? 31   PRO A O   1 
ATOM   294  C  CB  . PRO A 1 39  ? -13.112 -6.357  -11.306 1.00 39.11 ? 31   PRO A CB  1 
ATOM   295  C  CG  . PRO A 1 39  ? -11.715 -6.884  -10.991 1.00 40.21 ? 31   PRO A CG  1 
ATOM   296  C  CD  . PRO A 1 39  ? -11.636 -8.225  -11.612 1.00 39.66 ? 31   PRO A CD  1 
ATOM   297  N  N   . SER A 1 40  ? -13.682 -4.855  -13.977 1.00 37.09 ? 32   SER A N   1 
ATOM   298  C  CA  . SER A 1 40  ? -13.311 -3.772  -14.893 1.00 37.22 ? 32   SER A CA  1 
ATOM   299  C  C   . SER A 1 40  ? -12.165 -2.962  -14.376 1.00 37.03 ? 32   SER A C   1 
ATOM   300  O  O   . SER A 1 40  ? -11.842 -3.020  -13.179 1.00 38.60 ? 32   SER A O   1 
ATOM   301  C  CB  . SER A 1 40  ? -14.523 -2.865  -15.180 1.00 37.25 ? 32   SER A CB  1 
ATOM   302  O  OG  . SER A 1 40  ? -14.994 -2.172  -14.012 1.00 37.29 ? 32   SER A OG  1 
ATOM   303  N  N   . ARG A 1 41  ? -11.484 -2.255  -15.289 1.00 36.67 ? 33   ARG A N   1 
ATOM   304  C  CA  . ARG A 1 41  ? -10.471 -1.312  -14.897 1.00 37.58 ? 33   ARG A CA  1 
ATOM   305  C  C   . ARG A 1 41  ? -11.085 -0.268  -14.020 1.00 35.76 ? 33   ARG A C   1 
ATOM   306  O  O   . ARG A 1 41  ? -10.461 0.195   -13.107 1.00 35.10 ? 33   ARG A O   1 
ATOM   307  C  CB  . ARG A 1 41  ? -9.802  -0.607  -16.097 1.00 38.44 ? 33   ARG A CB  1 
ATOM   308  C  CG  . ARG A 1 41  ? -8.812  -1.479  -16.832 1.00 41.21 ? 33   ARG A CG  1 
ATOM   309  C  CD  . ARG A 1 41  ? -7.732  -0.695  -17.527 1.00 43.65 ? 33   ARG A CD  1 
ATOM   310  N  NE  . ARG A 1 41  ? -6.840  -1.610  -18.230 1.00 47.07 ? 33   ARG A NE  1 
ATOM   311  C  CZ  . ARG A 1 41  ? -5.710  -1.259  -18.816 1.00 50.80 ? 33   ARG A CZ  1 
ATOM   312  N  NH1 . ARG A 1 41  ? -5.292  0.002   -18.771 1.00 54.14 ? 33   ARG A NH1 1 
ATOM   313  N  NH2 . ARG A 1 41  ? -5.001  -2.179  -19.470 1.00 51.67 ? 33   ARG A NH2 1 
ATOM   314  N  N   . LYS A 1 42  ? -12.286 0.176   -14.359 1.00 34.32 ? 34   LYS A N   1 
ATOM   315  C  CA  . LYS A 1 42  ? -12.986 1.132   -13.524 1.00 35.15 ? 34   LYS A CA  1 
ATOM   316  C  C   . LYS A 1 42  ? -13.150 0.731   -12.059 1.00 34.49 ? 34   LYS A C   1 
ATOM   317  O  O   . LYS A 1 42  ? -12.923 1.531   -11.141 1.00 34.47 ? 34   LYS A O   1 
ATOM   318  C  CB  . LYS A 1 42  ? -14.387 1.361   -14.094 1.00 34.67 ? 34   LYS A CB  1 
ATOM   319  C  CG  . LYS A 1 42  ? -15.081 2.469   -13.403 1.00 36.89 ? 34   LYS A CG  1 
ATOM   320  C  CD  . LYS A 1 42  ? -16.405 2.796   -14.032 1.00 37.39 ? 34   LYS A CD  1 
ATOM   321  C  CE  . LYS A 1 42  ? -17.531 2.141   -13.290 1.00 41.41 ? 34   LYS A CE  1 
ATOM   322  N  NZ  . LYS A 1 42  ? -17.851 2.910   -12.042 1.00 43.18 ? 34   LYS A NZ  1 
ATOM   323  N  N   . ASP A 1 43  ? -13.556 -0.506  -11.827 1.00 34.68 ? 35   ASP A N   1 
ATOM   324  C  CA  . ASP A 1 43  ? -13.790 -0.936  -10.452 1.00 35.13 ? 35   ASP A CA  1 
ATOM   325  C  C   . ASP A 1 43  ? -12.487 -1.173  -9.761  1.00 34.69 ? 35   ASP A C   1 
ATOM   326  O  O   . ASP A 1 43  ? -12.315 -0.931  -8.564  1.00 34.70 ? 35   ASP A O   1 
ATOM   327  C  CB  . ASP A 1 43  ? -14.592 -2.223  -10.425 1.00 36.36 ? 35   ASP A CB  1 
ATOM   328  C  CG  . ASP A 1 43  ? -16.043 -2.004  -10.782 1.00 37.85 ? 35   ASP A CG  1 
ATOM   329  O  OD1 . ASP A 1 43  ? -16.564 -0.864  -10.612 1.00 44.82 ? 35   ASP A OD1 1 
ATOM   330  O  OD2 . ASP A 1 43  ? -16.677 -2.995  -11.195 1.00 40.36 ? 35   ASP A OD2 1 
ATOM   331  N  N   . VAL A 1 44  ? -11.561 -1.680  -10.528 1.00 34.81 ? 36   VAL A N   1 
ATOM   332  C  CA  . VAL A 1 44  ? -10.246 -1.928  -9.966  1.00 34.11 ? 36   VAL A CA  1 
ATOM   333  C  C   . VAL A 1 44  ? -9.589  -0.590  -9.542  1.00 35.12 ? 36   VAL A C   1 
ATOM   334  O  O   . VAL A 1 44  ? -9.071  -0.447  -8.436  1.00 35.61 ? 36   VAL A O   1 
ATOM   335  C  CB  . VAL A 1 44  ? -9.409  -2.676  -10.944 1.00 34.36 ? 36   VAL A CB  1 
ATOM   336  C  CG1 . VAL A 1 44  ? -7.962  -2.751  -10.397 1.00 32.58 ? 36   VAL A CG1 1 
ATOM   337  C  CG2 . VAL A 1 44  ? -9.987  -4.069  -11.157 1.00 31.83 ? 36   VAL A CG2 1 
ATOM   338  N  N   . LYS A 1 45  ? -9.629  0.405   -10.413 1.00 34.62 ? 37   LYS A N   1 
ATOM   339  C  CA  . LYS A 1 45  ? -9.159  1.748   -10.073 1.00 34.56 ? 37   LYS A CA  1 
ATOM   340  C  C   . LYS A 1 45  ? -9.822  2.313   -8.777  1.00 34.11 ? 37   LYS A C   1 
ATOM   341  O  O   . LYS A 1 45  ? -9.163  2.918   -7.943  1.00 32.25 ? 37   LYS A O   1 
ATOM   342  C  CB  . LYS A 1 45  ? -9.488  2.693   -11.262 1.00 35.69 ? 37   LYS A CB  1 
ATOM   343  C  CG  . LYS A 1 45  ? -8.983  4.103   -11.083 1.00 36.92 ? 37   LYS A CG  1 
ATOM   344  C  CD  . LYS A 1 45  ? -9.125  4.900   -12.325 1.00 36.43 ? 37   LYS A CD  1 
ATOM   345  C  CE  . LYS A 1 45  ? -8.657  6.335   -12.152 1.00 39.26 ? 37   LYS A CE  1 
ATOM   346  N  NZ  . LYS A 1 45  ? -9.281  7.187   -13.297 1.00 42.72 ? 37   LYS A NZ  1 
ATOM   347  N  N   . GLY A 1 46  ? -11.135 2.122   -8.640  1.00 34.08 ? 38   GLY A N   1 
ATOM   348  C  CA  . GLY A 1 46  ? -11.906 2.636   -7.501  1.00 35.03 ? 38   GLY A CA  1 
ATOM   349  C  C   . GLY A 1 46  ? -11.407 2.086   -6.161  1.00 35.38 ? 38   GLY A C   1 
ATOM   350  O  O   . GLY A 1 46  ? -11.202 2.827   -5.210  1.00 34.34 ? 38   GLY A O   1 
ATOM   351  N  N   . LYS A 1 47  ? -11.168 0.779   -6.126  1.00 36.87 ? 39   LYS A N   1 
ATOM   352  C  CA  . LYS A 1 47  ? -10.615 0.094   -4.938  1.00 36.71 ? 39   LYS A CA  1 
ATOM   353  C  C   . LYS A 1 47  ? -9.184  0.491   -4.633  1.00 36.17 ? 39   LYS A C   1 
ATOM   354  O  O   . LYS A 1 47  ? -8.822  0.690   -3.481  1.00 36.22 ? 39   LYS A O   1 
ATOM   355  C  CB  . LYS A 1 47  ? -10.629 -1.426  -5.129  1.00 38.18 ? 39   LYS A CB  1 
ATOM   356  C  CG  . LYS A 1 47  ? -11.539 -2.171  -4.120  1.00 41.14 ? 39   LYS A CG  1 
ATOM   357  C  CD  . LYS A 1 47  ? -12.945 -2.200  -4.622  1.00 42.68 ? 39   LYS A CD  1 
ATOM   358  C  CE  . LYS A 1 47  ? -13.957 -2.639  -3.572  1.00 43.73 ? 39   LYS A CE  1 
ATOM   359  N  NZ  . LYS A 1 47  ? -15.321 -2.171  -3.995  1.00 43.72 ? 39   LYS A NZ  1 
ATOM   360  N  N   . LEU A 1 48  ? -8.371  0.608   -5.661  1.00 34.90 ? 40   LEU A N   1 
ATOM   361  C  CA  . LEU A 1 48  ? -6.982  0.971   -5.481  1.00 35.74 ? 40   LEU A CA  1 
ATOM   362  C  C   . LEU A 1 48  ? -6.843  2.377   -4.900  1.00 35.32 ? 40   LEU A C   1 
ATOM   363  O  O   . LEU A 1 48  ? -6.092  2.631   -3.960  1.00 35.21 ? 40   LEU A O   1 
ATOM   364  C  CB  . LEU A 1 48  ? -6.296  0.835   -6.842  1.00 34.61 ? 40   LEU A CB  1 
ATOM   365  C  CG  . LEU A 1 48  ? -4.890  1.183   -7.015  1.00 38.53 ? 40   LEU A CG  1 
ATOM   366  C  CD1 . LEU A 1 48  ? -4.112  0.125   -6.198  1.00 33.63 ? 40   LEU A CD1 1 
ATOM   367  C  CD2 . LEU A 1 48  ? -4.545  1.172   -8.528  1.00 38.71 ? 40   LEU A CD2 1 
ATOM   368  N  N   . VAL A 1 49  ? -7.582  3.306   -5.469  1.00 34.08 ? 41   VAL A N   1 
ATOM   369  C  CA  . VAL A 1 49  ? -7.653  4.682   -5.011  1.00 34.45 ? 41   VAL A CA  1 
ATOM   370  C  C   . VAL A 1 49  ? -8.171  4.810   -3.586  1.00 34.49 ? 41   VAL A C   1 
ATOM   371  O  O   . VAL A 1 49  ? -7.602  5.583   -2.772  1.00 33.41 ? 41   VAL A O   1 
ATOM   372  C  CB  . VAL A 1 49  ? -8.562  5.472   -6.012  1.00 33.99 ? 41   VAL A CB  1 
ATOM   373  C  CG1 . VAL A 1 49  ? -9.155  6.727   -5.428  1.00 34.19 ? 41   VAL A CG1 1 
ATOM   374  C  CG2 . VAL A 1 49  ? -7.754  5.714   -7.314  1.00 33.49 ? 41   VAL A CG2 1 
ATOM   375  N  N   . ALA A 1 50  ? -9.236  4.050   -3.289  1.00 33.17 ? 42   ALA A N   1 
ATOM   376  C  CA  . ALA A 1 50  ? -9.819  4.029   -1.964  1.00 33.98 ? 42   ALA A CA  1 
ATOM   377  C  C   . ALA A 1 50  ? -8.782  3.488   -0.972  1.00 34.11 ? 42   ALA A C   1 
ATOM   378  O  O   . ALA A 1 50  ? -8.573  4.083   0.098   1.00 35.87 ? 42   ALA A O   1 
ATOM   379  C  CB  . ALA A 1 50  ? -11.056 3.148   -1.928  1.00 32.24 ? 42   ALA A CB  1 
HETATM 380  N  N   . MSE A 1 51  ? -8.185  2.363   -1.352  1.00 35.96 ? 43   MSE A N   1 
HETATM 381  C  CA  . MSE A 1 51  ? -7.179  1.628   -0.544  1.00 35.40 ? 43   MSE A CA  1 
HETATM 382  C  C   . MSE A 1 51  ? -5.929  2.483   -0.218  1.00 35.29 ? 43   MSE A C   1 
HETATM 383  O  O   . MSE A 1 51  ? -5.444  2.515   0.909   1.00 34.51 ? 43   MSE A O   1 
HETATM 384  C  CB  . MSE A 1 51  ? -6.802  0.331   -1.266  1.00 37.20 ? 43   MSE A CB  1 
HETATM 385  C  CG  . MSE A 1 51  ? -5.659  -0.590  -0.644  1.00 40.18 ? 43   MSE A CG  1 
HETATM 386  SE SE  . MSE A 1 51  ? -6.243  -1.231  1.098   1.00 52.71 ? 43   MSE A SE  1 
HETATM 387  C  CE  . MSE A 1 51  ? -7.448  -2.635  0.443   1.00 45.39 ? 43   MSE A CE  1 
ATOM   388  N  N   . LEU A 1 52  ? -5.424  3.195   -1.194  1.00 34.50 ? 44   LEU A N   1 
ATOM   389  C  CA  . LEU A 1 52  ? -4.194  3.941   -0.999  1.00 34.15 ? 44   LEU A CA  1 
ATOM   390  C  C   . LEU A 1 52  ? -4.405  5.427   -0.698  1.00 33.60 ? 44   LEU A C   1 
ATOM   391  O  O   . LEU A 1 52  ? -3.445  6.151   -0.471  1.00 30.15 ? 44   LEU A O   1 
ATOM   392  C  CB  . LEU A 1 52  ? -3.299  3.733   -2.214  1.00 34.79 ? 44   LEU A CB  1 
ATOM   393  C  CG  . LEU A 1 52  ? -2.705  2.330   -2.341  1.00 35.28 ? 44   LEU A CG  1 
ATOM   394  C  CD1 . LEU A 1 52  ? -1.823  2.219   -3.594  1.00 34.05 ? 44   LEU A CD1 1 
ATOM   395  C  CD2 . LEU A 1 52  ? -1.915  1.918   -1.044  1.00 34.18 ? 44   LEU A CD2 1 
ATOM   396  N  N   . ASP A 1 53  ? -5.675  5.870   -0.688  1.00 32.97 ? 45   ASP A N   1 
ATOM   397  C  CA  . ASP A 1 53  ? -6.042  7.242   -0.413  1.00 32.86 ? 45   ASP A CA  1 
ATOM   398  C  C   . ASP A 1 53  ? -5.410  8.115   -1.496  1.00 32.09 ? 45   ASP A C   1 
ATOM   399  O  O   . ASP A 1 53  ? -4.719  9.091   -1.175  1.00 29.73 ? 45   ASP A O   1 
ATOM   400  C  CB  . ASP A 1 53  ? -5.608  7.683   1.042   1.00 33.46 ? 45   ASP A CB  1 
ATOM   401  C  CG  . ASP A 1 53  ? -6.355  8.936   1.563   1.00 34.42 ? 45   ASP A CG  1 
ATOM   402  O  OD1 . ASP A 1 53  ? -7.114  9.546   0.794   1.00 39.39 ? 45   ASP A OD1 1 
ATOM   403  O  OD2 . ASP A 1 53  ? -6.195  9.338   2.755   1.00 33.64 ? 45   ASP A OD2 1 
ATOM   404  N  N   . LEU A 1 54  ? -5.691  7.785   -2.774  1.00 31.60 ? 46   LEU A N   1 
ATOM   405  C  CA  . LEU A 1 54  ? -5.073  8.447   -3.932  1.00 32.69 ? 46   LEU A CA  1 
ATOM   406  C  C   . LEU A 1 54  ? -6.077  9.353   -4.686  1.00 33.30 ? 46   LEU A C   1 
ATOM   407  O  O   . LEU A 1 54  ? -7.272  9.083   -4.640  1.00 34.35 ? 46   LEU A O   1 
ATOM   408  C  CB  . LEU A 1 54  ? -4.545  7.378   -4.937  1.00 32.30 ? 46   LEU A CB  1 
ATOM   409  C  CG  . LEU A 1 54  ? -3.578  6.264   -4.597  1.00 35.45 ? 46   LEU A CG  1 
ATOM   410  C  CD1 . LEU A 1 54  ? -3.333  5.297   -5.817  1.00 32.50 ? 46   LEU A CD1 1 
ATOM   411  C  CD2 . LEU A 1 54  ? -2.321  6.864   -4.064  1.00 34.11 ? 46   LEU A CD2 1 
ATOM   412  N  N   . ASN A 1 55  ? -5.617  10.409  -5.359  1.00 33.48 ? 47   ASN A N   1 
ATOM   413  C  CA  . ASN A 1 55  ? -6.473  11.162  -6.303  1.00 33.65 ? 47   ASN A CA  1 
ATOM   414  C  C   . ASN A 1 55  ? -6.714  10.263  -7.532  1.00 33.04 ? 47   ASN A C   1 
ATOM   415  O  O   . ASN A 1 55  ? -5.757  9.853   -8.195  1.00 32.77 ? 47   ASN A O   1 
ATOM   416  C  CB  . ASN A 1 55  ? -5.803  12.504  -6.733  1.00 33.16 ? 47   ASN A CB  1 
ATOM   417  C  CG  . ASN A 1 55  ? -6.742  13.426  -7.573  1.00 34.42 ? 47   ASN A CG  1 
ATOM   418  O  OD1 . ASN A 1 55  ? -7.749  12.972  -8.161  1.00 33.88 ? 47   ASN A OD1 1 
ATOM   419  N  ND2 . ASN A 1 55  ? -6.409  14.735  -7.627  1.00 34.57 ? 47   ASN A ND2 1 
ATOM   420  N  N   . PRO A 1 56  ? -7.982  9.946   -7.851  1.00 33.80 ? 48   PRO A N   1 
ATOM   421  C  CA  . PRO A 1 56  ? -8.237  9.132   -9.034  1.00 33.33 ? 48   PRO A CA  1 
ATOM   422  C  C   . PRO A 1 56  ? -7.866  9.828   -10.334 1.00 33.09 ? 48   PRO A C   1 
ATOM   423  O  O   . PRO A 1 56  ? -7.624  9.166   -11.349 1.00 31.66 ? 48   PRO A O   1 
ATOM   424  C  CB  . PRO A 1 56  ? -9.729  8.889   -8.964  1.00 33.89 ? 48   PRO A CB  1 
ATOM   425  C  CG  . PRO A 1 56  ? -10.233 10.051  -8.251  1.00 35.12 ? 48   PRO A CG  1 
ATOM   426  C  CD  . PRO A 1 56  ? -9.240  10.266  -7.167  1.00 33.26 ? 48   PRO A CD  1 
ATOM   427  N  N   . GLU A 1 57  ? -7.807  11.150  -10.311 1.00 33.79 ? 49   GLU A N   1 
ATOM   428  C  CA  . GLU A 1 57  ? -7.536  11.879  -11.535 1.00 35.04 ? 49   GLU A CA  1 
ATOM   429  C  C   . GLU A 1 57  ? -6.158  11.620  -12.076 1.00 33.61 ? 49   GLU A C   1 
ATOM   430  O  O   . GLU A 1 57  ? -5.917  11.834  -13.248 1.00 33.52 ? 49   GLU A O   1 
ATOM   431  C  CB  . GLU A 1 57  ? -7.762  13.391  -11.361 1.00 35.41 ? 49   GLU A CB  1 
ATOM   432  C  CG  . GLU A 1 57  ? -9.207  13.728  -11.143 1.00 36.82 ? 49   GLU A CG  1 
ATOM   433  C  CD  . GLU A 1 57  ? -9.426  15.228  -10.980 1.00 38.63 ? 49   GLU A CD  1 
ATOM   434  O  OE1 . GLU A 1 57  ? -8.570  16.026  -11.448 1.00 44.53 ? 49   GLU A OE1 1 
ATOM   435  O  OE2 . GLU A 1 57  ? -10.462 15.607  -10.374 1.00 46.90 ? 49   GLU A OE2 1 
ATOM   436  N  N   . THR A 1 58  ? -5.243  11.124  -11.238 1.00 33.63 ? 50   THR A N   1 
ATOM   437  C  CA  . THR A 1 58  ? -3.901  10.932  -11.671 1.00 33.52 ? 50   THR A CA  1 
ATOM   438  C  C   . THR A 1 58  ? -3.412  9.487   -11.376 1.00 33.71 ? 50   THR A C   1 
ATOM   439  O  O   . THR A 1 58  ? -2.244  9.217   -11.261 1.00 32.63 ? 50   THR A O   1 
ATOM   440  C  CB  . THR A 1 58  ? -2.985  12.014  -11.026 1.00 33.44 ? 50   THR A CB  1 
ATOM   441  O  OG1 . THR A 1 58  ? -3.112  11.957  -9.597  1.00 34.02 ? 50   THR A OG1 1 
ATOM   442  C  CG2 . THR A 1 58  ? -3.321  13.402  -11.525 1.00 35.13 ? 50   THR A CG2 1 
ATOM   443  N  N   . THR A 1 59  ? -4.348  8.536   -11.327 1.00 33.98 ? 51   THR A N   1 
ATOM   444  C  CA  . THR A 1 59  ? -4.026  7.167   -10.990 1.00 33.39 ? 51   THR A CA  1 
ATOM   445  C  C   . THR A 1 59  ? -4.220  6.434   -12.309 1.00 34.37 ? 51   THR A C   1 
ATOM   446  O  O   . THR A 1 59  ? -5.280  6.517   -12.865 1.00 33.42 ? 51   THR A O   1 
ATOM   447  C  CB  . THR A 1 59  ? -5.015  6.597   -9.974  1.00 32.83 ? 51   THR A CB  1 
ATOM   448  O  OG1 . THR A 1 59  ? -4.924  7.321   -8.755  1.00 29.75 ? 51   THR A OG1 1 
ATOM   449  C  CG2 . THR A 1 59  ? -4.824  5.105   -9.757  1.00 33.32 ? 51   THR A CG2 1 
ATOM   450  N  N   . VAL A 1 60  ? -3.177  5.731   -12.798 1.00 34.57 ? 52   VAL A N   1 
ATOM   451  C  CA  . VAL A 1 60  ? -3.223  5.225   -14.207 1.00 34.86 ? 52   VAL A CA  1 
ATOM   452  C  C   . VAL A 1 60  ? -2.966  3.784   -14.193 1.00 34.67 ? 52   VAL A C   1 
ATOM   453  O  O   . VAL A 1 60  ? -1.827  3.373   -14.013 1.00 34.73 ? 52   VAL A O   1 
ATOM   454  C  CB  . VAL A 1 60  ? -2.164  5.922   -15.157 1.00 35.78 ? 52   VAL A CB  1 
ATOM   455  C  CG1 . VAL A 1 60  ? -2.136  5.250   -16.589 1.00 37.90 ? 52   VAL A CG1 1 
ATOM   456  C  CG2 . VAL A 1 60  ? -2.508  7.381   -15.275 1.00 31.81 ? 52   VAL A CG2 1 
ATOM   457  N  N   . ILE A 1 61  ? -4.012  2.977   -14.332 1.00 34.51 ? 53   ILE A N   1 
ATOM   458  C  CA  . ILE A 1 61  ? -3.787  1.529   -14.463 1.00 35.15 ? 53   ILE A CA  1 
ATOM   459  C  C   . ILE A 1 61  ? -3.140  1.237   -15.809 1.00 35.45 ? 53   ILE A C   1 
ATOM   460  O  O   . ILE A 1 61  ? -3.651  1.682   -16.886 1.00 36.48 ? 53   ILE A O   1 
ATOM   461  C  CB  . ILE A 1 61  ? -5.126  0.808   -14.389 1.00 34.42 ? 53   ILE A CB  1 
ATOM   462  C  CG1 . ILE A 1 61  ? -5.682  0.913   -12.968 1.00 37.09 ? 53   ILE A CG1 1 
ATOM   463  C  CG2 . ILE A 1 61  ? -5.010  -0.612  -14.938 1.00 34.90 ? 53   ILE A CG2 1 
ATOM   464  C  CD1 . ILE A 1 61  ? -7.063  0.268   -12.900 1.00 38.14 ? 53   ILE A CD1 1 
ATOM   465  N  N   . GLN A 1 62  ? -2.051  0.515   -15.788 1.00 35.48 ? 54   GLN A N   1 
ATOM   466  C  CA  . GLN A 1 62  ? -1.346  0.178   -16.992 1.00 35.87 ? 54   GLN A CA  1 
ATOM   467  C  C   . GLN A 1 62  ? -1.852  -1.145  -17.539 1.00 35.58 ? 54   GLN A C   1 
ATOM   468  O  O   . GLN A 1 62  ? -2.060  -1.292  -18.734 1.00 33.91 ? 54   GLN A O   1 
ATOM   469  C  CB  . GLN A 1 62  ? 0.130   0.018   -16.690 1.00 36.41 ? 54   GLN A CB  1 
ATOM   470  C  CG  . GLN A 1 62  ? 1.001   -0.301  -17.893 1.00 39.70 ? 54   GLN A CG  1 
ATOM   471  C  CD  . GLN A 1 62  ? 0.983   0.830   -18.909 1.00 43.29 ? 54   GLN A CD  1 
ATOM   472  O  OE1 . GLN A 1 62  ? 1.054   2.040   -18.535 1.00 45.17 ? 54   GLN A OE1 1 
ATOM   473  N  NE2 . GLN A 1 62  ? 0.860   0.459   -20.198 1.00 40.97 ? 54   GLN A NE2 1 
ATOM   474  N  N   . TYR A 1 63  ? -1.928  -2.142  -16.677 1.00 34.03 ? 55   TYR A N   1 
ATOM   475  C  CA  . TYR A 1 63  ? -2.480  -3.399  -17.101 1.00 32.98 ? 55   TYR A CA  1 
ATOM   476  C  C   . TYR A 1 63  ? -3.045  -4.136  -15.922 1.00 32.37 ? 55   TYR A C   1 
ATOM   477  O  O   . TYR A 1 63  ? -2.628  -3.914  -14.771 1.00 32.41 ? 55   TYR A O   1 
ATOM   478  C  CB  . TYR A 1 63  ? -1.466  -4.217  -17.879 1.00 31.98 ? 55   TYR A CB  1 
ATOM   479  C  CG  . TYR A 1 63  ? -0.278  -4.664  -17.069 1.00 30.64 ? 55   TYR A CG  1 
ATOM   480  C  CD1 . TYR A 1 63  ? -0.432  -5.658  -16.131 1.00 34.66 ? 55   TYR A CD1 1 
ATOM   481  C  CD2 . TYR A 1 63  ? 0.986   -4.120  -17.270 1.00 32.06 ? 55   TYR A CD2 1 
ATOM   482  C  CE1 . TYR A 1 63  ? 0.657   -6.074  -15.317 1.00 30.84 ? 55   TYR A CE1 1 
ATOM   483  C  CE2 . TYR A 1 63  ? 2.095   -4.554  -16.497 1.00 32.22 ? 55   TYR A CE2 1 
ATOM   484  C  CZ  . TYR A 1 63  ? 1.903   -5.525  -15.545 1.00 33.61 ? 55   TYR A CZ  1 
ATOM   485  O  OH  . TYR A 1 63  ? 2.962   -5.942  -14.747 1.00 33.46 ? 55   TYR A OH  1 
ATOM   486  N  N   . ILE A 1 64  ? -3.873  -5.113  -16.261 1.00 30.81 ? 56   ILE A N   1 
ATOM   487  C  CA  . ILE A 1 64  ? -4.419  -6.075  -15.363 1.00 30.69 ? 56   ILE A CA  1 
ATOM   488  C  C   . ILE A 1 64  ? -4.352  -7.438  -16.093 1.00 31.07 ? 56   ILE A C   1 
ATOM   489  O  O   . ILE A 1 64  ? -5.043  -7.648  -17.101 1.00 31.38 ? 56   ILE A O   1 
ATOM   490  C  CB  . ILE A 1 64  ? -5.850  -5.812  -15.001 1.00 32.49 ? 56   ILE A CB  1 
ATOM   491  C  CG1 . ILE A 1 64  ? -6.035  -4.424  -14.363 1.00 31.55 ? 56   ILE A CG1 1 
ATOM   492  C  CG2 . ILE A 1 64  ? -6.308  -6.952  -14.028 1.00 34.33 ? 56   ILE A CG2 1 
ATOM   493  C  CD1 . ILE A 1 64  ? -7.532  -4.062  -14.048 1.00 32.71 ? 56   ILE A CD1 1 
ATOM   494  N  N   . ARG A 1 65  ? -3.516  -8.336  -15.595 1.00 30.43 ? 57   ARG A N   1 
ATOM   495  C  CA  . ARG A 1 65  ? -3.399  -9.714  -16.155 1.00 31.04 ? 57   ARG A CA  1 
ATOM   496  C  C   . ARG A 1 65  ? -4.318  -10.629 -15.362 1.00 30.26 ? 57   ARG A C   1 
ATOM   497  O  O   . ARG A 1 65  ? -4.318  -10.581 -14.119 1.00 31.01 ? 57   ARG A O   1 
ATOM   498  C  CB  . ARG A 1 65  ? -2.004  -10.268 -15.977 1.00 30.47 ? 57   ARG A CB  1 
ATOM   499  C  CG  . ARG A 1 65  ? -0.847  -9.364  -16.429 1.00 35.12 ? 57   ARG A CG  1 
ATOM   500  C  CD  . ARG A 1 65  ? -1.038  -8.835  -17.809 1.00 37.07 ? 57   ARG A CD  1 
ATOM   501  N  NE  . ARG A 1 65  ? 0.211   -8.245  -18.324 1.00 36.25 ? 57   ARG A NE  1 
ATOM   502  C  CZ  . ARG A 1 65  ? 0.268   -7.465  -19.396 1.00 38.27 ? 57   ARG A CZ  1 
ATOM   503  N  NH1 . ARG A 1 65  ? -0.829  -7.182  -20.068 1.00 34.93 ? 57   ARG A NH1 1 
ATOM   504  N  NH2 . ARG A 1 65  ? 1.442   -6.980  -19.810 1.00 39.63 ? 57   ARG A NH2 1 
ATOM   505  N  N   . SER A 1 66  ? -5.026  -11.478 -16.063 1.00 28.85 ? 58   SER A N   1 
ATOM   506  C  CA  . SER A 1 66  ? -5.895  -12.524 -15.477 1.00 28.17 ? 58   SER A CA  1 
ATOM   507  C  C   . SER A 1 66  ? -5.428  -13.862 -15.986 1.00 28.01 ? 58   SER A C   1 
ATOM   508  O  O   . SER A 1 66  ? -4.567  -13.955 -16.911 1.00 26.22 ? 58   SER A O   1 
ATOM   509  C  CB  . SER A 1 66  ? -7.358  -12.295 -15.908 1.00 28.25 ? 58   SER A CB  1 
ATOM   510  O  OG  . SER A 1 66  ? -7.828  -11.056 -15.381 1.00 29.10 ? 58   SER A OG  1 
ATOM   511  N  N   . TYR A 1 67  ? -5.971  -14.895 -15.350 1.00 27.38 ? 59   TYR A N   1 
ATOM   512  C  CA  . TYR A 1 67  ? -5.535  -16.258 -15.533 1.00 27.68 ? 59   TYR A CA  1 
ATOM   513  C  C   . TYR A 1 67  ? -6.795  -17.117 -15.509 1.00 27.41 ? 59   TYR A C   1 
ATOM   514  O  O   . TYR A 1 67  ? -7.596  -17.001 -14.602 1.00 26.70 ? 59   TYR A O   1 
ATOM   515  C  CB  . TYR A 1 67  ? -4.534  -16.689 -14.436 1.00 28.16 ? 59   TYR A CB  1 
ATOM   516  C  CG  . TYR A 1 67  ? -3.383  -15.738 -14.294 1.00 30.41 ? 59   TYR A CG  1 
ATOM   517  C  CD1 . TYR A 1 67  ? -2.173  -16.004 -14.900 1.00 27.63 ? 59   TYR A CD1 1 
ATOM   518  C  CD2 . TYR A 1 67  ? -3.508  -14.546 -13.570 1.00 30.61 ? 59   TYR A CD2 1 
ATOM   519  C  CE1 . TYR A 1 67  ? -1.142  -15.123 -14.828 1.00 29.36 ? 59   TYR A CE1 1 
ATOM   520  C  CE2 . TYR A 1 67  ? -2.450  -13.668 -13.475 1.00 27.00 ? 59   TYR A CE2 1 
ATOM   521  C  CZ  . TYR A 1 67  ? -1.284  -13.948 -14.117 1.00 28.08 ? 59   TYR A CZ  1 
ATOM   522  O  OH  . TYR A 1 67  ? -0.226  -13.056 -14.015 1.00 33.25 ? 59   TYR A OH  1 
ATOM   523  N  N   . PHE A 1 68  ? -6.969  -17.956 -16.534 1.00 25.98 ? 60   PHE A N   1 
ATOM   524  C  CA  . PHE A 1 68  ? -8.140  -18.792 -16.695 1.00 26.85 ? 60   PHE A CA  1 
ATOM   525  C  C   . PHE A 1 68  ? -8.300  -19.750 -15.501 1.00 27.78 ? 60   PHE A C   1 
ATOM   526  O  O   . PHE A 1 68  ? -9.422  -20.109 -15.100 1.00 27.26 ? 60   PHE A O   1 
ATOM   527  C  CB  . PHE A 1 68  ? -8.006  -19.607 -17.978 1.00 26.83 ? 60   PHE A CB  1 
ATOM   528  C  CG  . PHE A 1 68  ? -8.108  -18.807 -19.237 1.00 27.25 ? 60   PHE A CG  1 
ATOM   529  C  CD1 . PHE A 1 68  ? -9.256  -18.086 -19.523 1.00 27.79 ? 60   PHE A CD1 1 
ATOM   530  C  CD2 . PHE A 1 68  ? -7.077  -18.818 -20.187 1.00 25.81 ? 60   PHE A CD2 1 
ATOM   531  C  CE1 . PHE A 1 68  ? -9.364  -17.373 -20.691 1.00 27.20 ? 60   PHE A CE1 1 
ATOM   532  C  CE2 . PHE A 1 68  ? -7.190  -18.107 -21.358 1.00 26.52 ? 60   PHE A CE2 1 
ATOM   533  C  CZ  . PHE A 1 68  ? -8.334  -17.368 -21.605 1.00 28.06 ? 60   PHE A CZ  1 
ATOM   534  N  N   . GLY A 1 69  ? -7.155  -20.142 -14.950 1.00 28.45 ? 61   GLY A N   1 
ATOM   535  C  CA  . GLY A 1 69  ? -7.073  -21.116 -13.928 1.00 30.19 ? 61   GLY A CA  1 
ATOM   536  C  C   . GLY A 1 69  ? -7.307  -20.587 -12.545 1.00 32.21 ? 61   GLY A C   1 
ATOM   537  O  O   . GLY A 1 69  ? -7.319  -21.384 -11.630 1.00 33.41 ? 61   GLY A O   1 
ATOM   538  N  N   . SER A 1 70  ? -7.502  -19.273 -12.381 1.00 32.21 ? 62   SER A N   1 
ATOM   539  C  CA  . SER A 1 70  ? -7.734  -18.735 -11.045 1.00 34.24 ? 62   SER A CA  1 
ATOM   540  C  C   . SER A 1 70  ? -8.509  -17.428 -10.985 1.00 33.55 ? 62   SER A C   1 
ATOM   541  O  O   . SER A 1 70  ? -8.668  -16.769 -11.987 1.00 35.11 ? 62   SER A O   1 
ATOM   542  C  CB  . SER A 1 70  ? -6.406  -18.609 -10.293 1.00 34.45 ? 62   SER A CB  1 
ATOM   543  O  OG  . SER A 1 70  ? -5.740  -17.389 -10.519 1.00 37.39 ? 62   SER A OG  1 
ATOM   544  N  N   . TYR A 1 71  ? -8.983  -17.091 -9.775  1.00 34.18 ? 63   TYR A N   1 
ATOM   545  C  CA  . TYR A 1 71  ? -9.721  -15.842 -9.475  1.00 33.39 ? 63   TYR A CA  1 
ATOM   546  C  C   . TYR A 1 71  ? -8.830  -14.719 -8.950  1.00 33.66 ? 63   TYR A C   1 
ATOM   547  O  O   . TYR A 1 71  ? -9.330  -13.759 -8.372  1.00 32.32 ? 63   TYR A O   1 
ATOM   548  C  CB  . TYR A 1 71  ? -10.804 -16.094 -8.415  1.00 32.45 ? 63   TYR A CB  1 
ATOM   549  C  CG  . TYR A 1 71  ? -12.012 -16.847 -8.911  1.00 30.87 ? 63   TYR A CG  1 
ATOM   550  C  CD1 . TYR A 1 71  ? -12.856 -16.280 -9.862  1.00 29.67 ? 63   TYR A CD1 1 
ATOM   551  C  CD2 . TYR A 1 71  ? -12.327 -18.107 -8.412  1.00 29.94 ? 63   TYR A CD2 1 
ATOM   552  C  CE1 . TYR A 1 71  ? -13.967 -16.960 -10.329 1.00 32.53 ? 63   TYR A CE1 1 
ATOM   553  C  CE2 . TYR A 1 71  ? -13.450 -18.809 -8.878  1.00 31.70 ? 63   TYR A CE2 1 
ATOM   554  C  CZ  . TYR A 1 71  ? -14.266 -18.230 -9.821  1.00 31.15 ? 63   TYR A CZ  1 
ATOM   555  O  OH  . TYR A 1 71  ? -15.361 -18.922 -10.255 1.00 28.58 ? 63   TYR A OH  1 
ATOM   556  N  N   . LYS A 1 72  ? -7.519  -14.849 -9.137  1.00 34.20 ? 64   LYS A N   1 
ATOM   557  C  CA  . LYS A 1 72  ? -6.552  -13.798 -8.847  1.00 35.04 ? 64   LYS A CA  1 
ATOM   558  C  C   . LYS A 1 72  ? -6.000  -13.205 -10.119 1.00 34.00 ? 64   LYS A C   1 
ATOM   559  O  O   . LYS A 1 72  ? -5.745  -13.922 -11.090 1.00 34.21 ? 64   LYS A O   1 
ATOM   560  C  CB  . LYS A 1 72  ? -5.418  -14.356 -8.008  1.00 36.19 ? 64   LYS A CB  1 
ATOM   561  C  CG  . LYS A 1 72  ? -5.919  -14.890 -6.687  1.00 40.10 ? 64   LYS A CG  1 
ATOM   562  C  CD  . LYS A 1 72  ? -4.816  -14.937 -5.634  1.00 38.79 ? 64   LYS A CD  1 
ATOM   563  C  CE  . LYS A 1 72  ? -5.283  -15.740 -4.416  1.00 43.00 ? 64   LYS A CE  1 
ATOM   564  N  NZ  . LYS A 1 72  ? -4.381  -15.540 -3.237  1.00 45.85 ? 64   LYS A NZ  1 
ATOM   565  N  N   . SER A 1 73  ? -5.953  -11.885 -10.162 1.00 33.41 ? 65   SER A N   1 
ATOM   566  C  CA  . SER A 1 73  ? -5.439  -11.135 -11.276 1.00 32.65 ? 65   SER A CA  1 
ATOM   567  C  C   . SER A 1 73  ? -4.263  -10.320 -10.744 1.00 34.11 ? 65   SER A C   1 
ATOM   568  O  O   . SER A 1 73  ? -4.158  -10.101 -9.530  1.00 33.13 ? 65   SER A O   1 
ATOM   569  C  CB  . SER A 1 73  ? -6.498  -10.224 -11.847 1.00 33.51 ? 65   SER A CB  1 
ATOM   570  O  OG  . SER A 1 73  ? -7.496  -10.973 -12.510 1.00 29.27 ? 65   SER A OG  1 
ATOM   571  N  N   . LYS A 1 74  ? -3.395  -9.837  -11.640 1.00 34.08 ? 66   LYS A N   1 
ATOM   572  C  CA  . LYS A 1 74  ? -2.185  -9.092  -11.203 1.00 35.12 ? 66   LYS A CA  1 
ATOM   573  C  C   . LYS A 1 74  ? -2.095  -7.848  -12.000 1.00 34.71 ? 66   LYS A C   1 
ATOM   574  O  O   . LYS A 1 74  ? -2.135  -7.936  -13.215 1.00 36.23 ? 66   LYS A O   1 
ATOM   575  C  CB  . LYS A 1 74  ? -0.954  -9.928  -11.452 1.00 34.95 ? 66   LYS A CB  1 
ATOM   576  C  CG  . LYS A 1 74  ? -0.903  -11.113 -10.528 1.00 38.57 ? 66   LYS A CG  1 
ATOM   577  C  CD  . LYS A 1 74  ? 0.371   -11.896 -10.650 1.00 39.37 ? 66   LYS A CD  1 
ATOM   578  C  CE  . LYS A 1 74  ? 0.463   -13.055 -9.623  1.00 43.17 ? 66   LYS A CE  1 
ATOM   579  N  NZ  . LYS A 1 74  ? -0.725  -13.953 -9.469  1.00 48.09 ? 66   LYS A NZ  1 
ATOM   580  N  N   . GLY A 1 75  ? -2.021  -6.685  -11.336 1.00 35.32 ? 67   GLY A N   1 
ATOM   581  C  CA  . GLY A 1 75  ? -2.126  -5.365  -12.043 1.00 34.16 ? 67   GLY A CA  1 
ATOM   582  C  C   . GLY A 1 75  ? -0.907  -4.486  -11.795 1.00 34.24 ? 67   GLY A C   1 
ATOM   583  O  O   . GLY A 1 75  ? -0.096  -4.751  -10.909 1.00 31.35 ? 67   GLY A O   1 
ATOM   584  N  N   . TYR A 1 76  ? -0.730  -3.508  -12.665 1.00 33.55 ? 68   TYR A N   1 
ATOM   585  C  CA  . TYR A 1 76  ? 0.310   -2.487  -12.505 1.00 33.08 ? 68   TYR A CA  1 
ATOM   586  C  C   . TYR A 1 76  ? -0.374  -1.154  -12.751 1.00 32.45 ? 68   TYR A C   1 
ATOM   587  O  O   . TYR A 1 76  ? -1.114  -1.043  -13.698 1.00 34.26 ? 68   TYR A O   1 
ATOM   588  C  CB  . TYR A 1 76  ? 1.415   -2.744  -13.503 1.00 33.21 ? 68   TYR A CB  1 
ATOM   589  C  CG  . TYR A 1 76  ? 2.432   -1.659  -13.621 1.00 32.19 ? 68   TYR A CG  1 
ATOM   590  C  CD1 . TYR A 1 76  ? 2.925   -1.026  -12.501 1.00 35.90 ? 68   TYR A CD1 1 
ATOM   591  C  CD2 . TYR A 1 76  ? 2.925   -1.277  -14.848 1.00 34.02 ? 68   TYR A CD2 1 
ATOM   592  C  CE1 . TYR A 1 76  ? 3.877   -0.027  -12.598 1.00 36.16 ? 68   TYR A CE1 1 
ATOM   593  C  CE2 . TYR A 1 76  ? 3.876   -0.264  -14.963 1.00 32.03 ? 68   TYR A CE2 1 
ATOM   594  C  CZ  . TYR A 1 76  ? 4.351   0.339   -13.828 1.00 35.23 ? 68   TYR A CZ  1 
ATOM   595  O  OH  . TYR A 1 76  ? 5.313   1.322   -13.885 1.00 37.09 ? 68   TYR A OH  1 
ATOM   596  N  N   . ALA A 1 77  ? -0.195  -0.184  -11.843 1.00 32.46 ? 69   ALA A N   1 
ATOM   597  C  CA  . ALA A 1 77  ? -0.745  1.159   -11.943 1.00 32.59 ? 69   ALA A CA  1 
ATOM   598  C  C   . ALA A 1 77  ? 0.379   2.159   -11.642 1.00 33.49 ? 69   ALA A C   1 
ATOM   599  O  O   . ALA A 1 77  ? 1.374   1.895   -10.920 1.00 31.02 ? 69   ALA A O   1 
ATOM   600  C  CB  . ALA A 1 77  ? -1.887  1.330   -10.914 1.00 27.55 ? 69   ALA A CB  1 
ATOM   601  N  N   . LYS A 1 78  ? 0.282   3.316   -12.245 1.00 33.54 ? 70   LYS A N   1 
ATOM   602  C  CA  . LYS A 1 78  ? 1.205   4.406   -11.886 1.00 33.91 ? 70   LYS A CA  1 
ATOM   603  C  C   . LYS A 1 78  ? 0.425   5.487   -11.211 1.00 34.81 ? 70   LYS A C   1 
ATOM   604  O  O   . LYS A 1 78  ? -0.670  5.831   -11.695 1.00 31.09 ? 70   LYS A O   1 
ATOM   605  C  CB  . LYS A 1 78  ? 1.898   4.915   -13.148 1.00 32.45 ? 70   LYS A CB  1 
ATOM   606  C  CG  . LYS A 1 78  ? 3.038   3.956   -13.549 1.00 35.26 ? 70   LYS A CG  1 
ATOM   607  C  CD  . LYS A 1 78  ? 3.472   4.181   -14.922 1.00 36.31 ? 70   LYS A CD  1 
ATOM   608  C  CE  . LYS A 1 78  ? 2.478   3.580   -15.944 1.00 39.48 ? 70   LYS A CE  1 
ATOM   609  N  NZ  . LYS A 1 78  ? 2.893   3.951   -17.338 1.00 41.16 ? 70   LYS A NZ  1 
ATOM   610  N  N   . TYR A 1 79  ? 0.930   6.050   -10.129 1.00 31.90 ? 71   TYR A N   1 
ATOM   611  C  CA  . TYR A 1 79  ? 0.255   7.264   -9.641  1.00 33.11 ? 71   TYR A CA  1 
ATOM   612  C  C   . TYR A 1 79  ? 1.143   8.528   -9.771  1.00 32.62 ? 71   TYR A C   1 
ATOM   613  O  O   . TYR A 1 79  ? 2.207   8.590   -9.229  1.00 31.53 ? 71   TYR A O   1 
ATOM   614  C  CB  . TYR A 1 79  ? -0.136  7.082   -8.201  1.00 32.34 ? 71   TYR A CB  1 
ATOM   615  C  CG  . TYR A 1 79  ? -0.723  8.262   -7.549  1.00 33.69 ? 71   TYR A CG  1 
ATOM   616  C  CD1 . TYR A 1 79  ? -2.040  8.602   -7.784  1.00 34.57 ? 71   TYR A CD1 1 
ATOM   617  C  CD2 . TYR A 1 79  ? 0.017   9.051   -6.692  1.00 34.56 ? 71   TYR A CD2 1 
ATOM   618  C  CE1 . TYR A 1 79  ? -2.598  9.700   -7.189  1.00 34.53 ? 71   TYR A CE1 1 
ATOM   619  C  CE2 . TYR A 1 79  ? -0.566  10.169  -6.073  1.00 36.21 ? 71   TYR A CE2 1 
ATOM   620  C  CZ  . TYR A 1 79  ? -1.863  10.463  -6.349  1.00 35.82 ? 71   TYR A CZ  1 
ATOM   621  O  OH  . TYR A 1 79  ? -2.442  11.530  -5.789  1.00 38.77 ? 71   TYR A OH  1 
ATOM   622  N  N   . TYR A 1 80  ? 0.657   9.510   -10.471 1.00 32.71 ? 72   TYR A N   1 
ATOM   623  C  CA  . TYR A 1 80  ? 1.393   10.792  -10.714 1.00 33.19 ? 72   TYR A CA  1 
ATOM   624  C  C   . TYR A 1 80  ? 1.024   11.850  -9.665  1.00 33.26 ? 72   TYR A C   1 
ATOM   625  O  O   . TYR A 1 80  ? -0.158  12.181  -9.448  1.00 34.55 ? 72   TYR A O   1 
ATOM   626  C  CB  . TYR A 1 80  ? 1.086   11.290  -12.134 1.00 32.18 ? 72   TYR A CB  1 
ATOM   627  C  CG  . TYR A 1 80  ? 1.730   10.401  -13.179 1.00 30.57 ? 72   TYR A CG  1 
ATOM   628  C  CD1 . TYR A 1 80  ? 2.980   10.730  -13.714 1.00 30.13 ? 72   TYR A CD1 1 
ATOM   629  C  CD2 . TYR A 1 80  ? 1.126   9.215   -13.582 1.00 24.34 ? 72   TYR A CD2 1 
ATOM   630  C  CE1 . TYR A 1 80  ? 3.595   9.950   -14.638 1.00 32.04 ? 72   TYR A CE1 1 
ATOM   631  C  CE2 . TYR A 1 80  ? 1.768   8.386   -14.538 1.00 30.89 ? 72   TYR A CE2 1 
ATOM   632  C  CZ  . TYR A 1 80  ? 3.005   8.774   -15.049 1.00 31.28 ? 72   TYR A CZ  1 
ATOM   633  O  OH  . TYR A 1 80  ? 3.720   8.039   -15.966 1.00 32.24 ? 72   TYR A OH  1 
ATOM   634  N  N   . TYR A 1 81  ? 2.051   12.387  -9.006  1.00 34.05 ? 73   TYR A N   1 
ATOM   635  C  CA  . TYR A 1 81  ? 1.866   13.500  -8.101  1.00 34.17 ? 73   TYR A CA  1 
ATOM   636  C  C   . TYR A 1 81  ? 1.367   14.773  -8.792  1.00 34.40 ? 73   TYR A C   1 
ATOM   637  O  O   . TYR A 1 81  ? 0.650   15.569  -8.199  1.00 33.42 ? 73   TYR A O   1 
ATOM   638  C  CB  . TYR A 1 81  ? 3.138   13.745  -7.333  1.00 34.44 ? 73   TYR A CB  1 
ATOM   639  C  CG  . TYR A 1 81  ? 3.477   12.574  -6.457  1.00 33.98 ? 73   TYR A CG  1 
ATOM   640  C  CD1 . TYR A 1 81  ? 2.642   12.203  -5.416  1.00 34.37 ? 73   TYR A CD1 1 
ATOM   641  C  CD2 . TYR A 1 81  ? 4.652   11.838  -6.656  1.00 35.20 ? 73   TYR A CD2 1 
ATOM   642  C  CE1 . TYR A 1 81  ? 2.939   11.092  -4.629  1.00 35.46 ? 73   TYR A CE1 1 
ATOM   643  C  CE2 . TYR A 1 81  ? 4.993   10.778  -5.822  1.00 32.46 ? 73   TYR A CE2 1 
ATOM   644  C  CZ  . TYR A 1 81  ? 4.126   10.388  -4.838  1.00 35.51 ? 73   TYR A CZ  1 
ATOM   645  O  OH  . TYR A 1 81  ? 4.412   9.325   -4.007  1.00 35.53 ? 73   TYR A OH  1 
ATOM   646  N  N   . ASP A 1 82  ? 1.734   14.957  -10.053 1.00 35.28 ? 74   ASP A N   1 
ATOM   647  C  CA  . ASP A 1 82  ? 1.285   16.104  -10.817 1.00 36.03 ? 74   ASP A CA  1 
ATOM   648  C  C   . ASP A 1 82  ? 0.583   15.741  -12.142 1.00 35.48 ? 74   ASP A C   1 
ATOM   649  O  O   . ASP A 1 82  ? 1.141   15.015  -12.952 1.00 34.92 ? 74   ASP A O   1 
ATOM   650  C  CB  . ASP A 1 82  ? 2.515   16.991  -11.038 1.00 36.50 ? 74   ASP A CB  1 
ATOM   651  C  CG  . ASP A 1 82  ? 2.159   18.347  -11.529 1.00 41.08 ? 74   ASP A CG  1 
ATOM   652  O  OD1 . ASP A 1 82  ? 1.804   18.405  -12.715 1.00 47.40 ? 74   ASP A OD1 1 
ATOM   653  O  OD2 . ASP A 1 82  ? 2.244   19.342  -10.749 1.00 45.85 ? 74   ASP A OD2 1 
ATOM   654  N  N   . LYS A 1 83  ? -0.641  16.251  -12.359 1.00 35.50 ? 75   LYS A N   1 
ATOM   655  C  CA  . LYS A 1 83  ? -1.429  15.973  -13.580 1.00 36.09 ? 75   LYS A CA  1 
ATOM   656  C  C   . LYS A 1 83  ? -0.686  16.281  -14.891 1.00 35.98 ? 75   LYS A C   1 
ATOM   657  O  O   . LYS A 1 83  ? -0.694  15.504  -15.836 1.00 35.77 ? 75   LYS A O   1 
ATOM   658  C  CB  . LYS A 1 83  ? -2.782  16.709  -13.489 1.00 35.87 ? 75   LYS A CB  1 
ATOM   659  C  CG  . LYS A 1 83  ? -3.414  17.181  -14.787 1.00 39.09 ? 75   LYS A CG  1 
ATOM   660  C  CD  . LYS A 1 83  ? -3.766  18.646  -14.709 1.00 41.76 ? 75   LYS A CD  1 
ATOM   661  C  CE  . LYS A 1 83  ? -4.259  19.221  -16.054 1.00 42.59 ? 75   LYS A CE  1 
ATOM   662  N  NZ  . LYS A 1 83  ? -5.413  18.449  -16.631 1.00 44.02 ? 75   LYS A NZ  1 
ATOM   663  N  N   . ASP A 1 84  ? -0.011  17.408  -14.956 1.00 36.43 ? 76   ASP A N   1 
ATOM   664  C  CA  . ASP A 1 84  ? 0.597   17.810  -16.223 1.00 37.01 ? 76   ASP A CA  1 
ATOM   665  C  C   . ASP A 1 84  ? 1.775   16.945  -16.592 1.00 36.89 ? 76   ASP A C   1 
ATOM   666  O  O   . ASP A 1 84  ? 1.987   16.681  -17.782 1.00 36.61 ? 76   ASP A O   1 
ATOM   667  C  CB  . ASP A 1 84  ? 0.986   19.276  -16.185 1.00 38.24 ? 76   ASP A CB  1 
ATOM   668  C  CG  . ASP A 1 84  ? -0.219  20.179  -16.018 1.00 42.15 ? 76   ASP A CG  1 
ATOM   669  O  OD1 . ASP A 1 84  ? -0.891  20.491  -17.029 1.00 45.78 ? 76   ASP A OD1 1 
ATOM   670  O  OD2 . ASP A 1 84  ? -0.515  20.555  -14.854 1.00 48.51 ? 76   ASP A OD2 1 
ATOM   671  N  N   . ARG A 1 85  ? 2.507   16.451  -15.578 1.00 36.03 ? 77   ARG A N   1 
ATOM   672  C  CA  . ARG A 1 85  ? 3.545   15.458  -15.776 1.00 35.69 ? 77   ARG A CA  1 
ATOM   673  C  C   . ARG A 1 85  ? 2.968   14.139  -16.345 1.00 35.55 ? 77   ARG A C   1 
ATOM   674  O  O   . ARG A 1 85  ? 3.530   13.513  -17.257 1.00 34.89 ? 77   ARG A O   1 
ATOM   675  C  CB  . ARG A 1 85  ? 4.246   15.200  -14.430 1.00 35.51 ? 77   ARG A CB  1 
ATOM   676  C  CG  . ARG A 1 85  ? 5.326   14.112  -14.429 1.00 37.44 ? 77   ARG A CG  1 
ATOM   677  C  CD  . ARG A 1 85  ? 6.512   14.387  -15.335 1.00 39.53 ? 77   ARG A CD  1 
ATOM   678  N  NE  . ARG A 1 85  ? 7.166   15.671  -15.055 1.00 40.61 ? 77   ARG A NE  1 
ATOM   679  C  CZ  . ARG A 1 85  ? 8.029   15.909  -14.073 1.00 41.91 ? 77   ARG A CZ  1 
ATOM   680  N  NH1 . ARG A 1 85  ? 8.351   14.968  -13.208 1.00 44.11 ? 77   ARG A NH1 1 
ATOM   681  N  NH2 . ARG A 1 85  ? 8.576   17.113  -13.950 1.00 42.86 ? 77   ARG A NH2 1 
HETATM 682  N  N   . MSE A 1 86  ? 1.857   13.702  -15.783 1.00 34.91 ? 78   MSE A N   1 
HETATM 683  C  CA  . MSE A 1 86  ? 1.185   12.543  -16.308 1.00 34.82 ? 78   MSE A CA  1 
HETATM 684  C  C   . MSE A 1 86  ? 0.961   12.682  -17.785 1.00 34.32 ? 78   MSE A C   1 
HETATM 685  O  O   . MSE A 1 86  ? 1.259   11.763  -18.534 1.00 34.08 ? 78   MSE A O   1 
HETATM 686  C  CB  . MSE A 1 86  ? -0.147  12.322  -15.609 1.00 34.19 ? 78   MSE A CB  1 
HETATM 687  C  CG  . MSE A 1 86  ? -0.932  11.213  -16.163 1.00 31.11 ? 78   MSE A CG  1 
HETATM 688  SE SE  . MSE A 1 86  ? -2.577  11.054  -15.137 1.00 36.38 ? 78   MSE A SE  1 
HETATM 689  C  CE  . MSE A 1 86  ? -3.586  12.336  -16.021 1.00 29.90 ? 78   MSE A CE  1 
ATOM   690  N  N   . LEU A 1 87  ? 0.406   13.822  -18.169 1.00 34.60 ? 79   LEU A N   1 
ATOM   691  C  CA  . LEU A 1 87  ? 0.028   14.132  -19.535 1.00 34.60 ? 79   LEU A CA  1 
ATOM   692  C  C   . LEU A 1 87  ? 1.196   14.150  -20.520 1.00 34.79 ? 79   LEU A C   1 
ATOM   693  O  O   . LEU A 1 87  ? 1.039   13.767  -21.677 1.00 34.47 ? 79   LEU A O   1 
ATOM   694  C  CB  . LEU A 1 87  ? -0.703  15.473  -19.592 1.00 34.84 ? 79   LEU A CB  1 
ATOM   695  C  CG  . LEU A 1 87  ? -1.991  15.545  -18.778 1.00 35.75 ? 79   LEU A CG  1 
ATOM   696  C  CD1 . LEU A 1 87  ? -2.835  16.706  -19.207 1.00 33.39 ? 79   LEU A CD1 1 
ATOM   697  C  CD2 . LEU A 1 87  ? -2.740  14.201  -18.832 1.00 38.11 ? 79   LEU A CD2 1 
ATOM   698  N  N   . TYR A 1 88  ? 2.356   14.593  -20.066 1.00 35.42 ? 80   TYR A N   1 
ATOM   699  C  CA  . TYR A 1 88  ? 3.564   14.540  -20.887 1.00 35.38 ? 80   TYR A CA  1 
ATOM   700  C  C   . TYR A 1 88  ? 4.110   13.122  -21.080 1.00 34.57 ? 80   TYR A C   1 
ATOM   701  O  O   . TYR A 1 88  ? 4.686   12.835  -22.098 1.00 33.69 ? 80   TYR A O   1 
ATOM   702  C  CB  . TYR A 1 88  ? 4.640   15.445  -20.282 1.00 36.83 ? 80   TYR A CB  1 
ATOM   703  C  CG  . TYR A 1 88  ? 4.405   16.915  -20.540 1.00 37.96 ? 80   TYR A CG  1 
ATOM   704  C  CD1 . TYR A 1 88  ? 4.692   17.486  -21.783 1.00 38.36 ? 80   TYR A CD1 1 
ATOM   705  C  CD2 . TYR A 1 88  ? 3.929   17.748  -19.529 1.00 39.45 ? 80   TYR A CD2 1 
ATOM   706  C  CE1 . TYR A 1 88  ? 4.498   18.829  -22.011 1.00 39.29 ? 80   TYR A CE1 1 
ATOM   707  C  CE2 . TYR A 1 88  ? 3.741   19.074  -19.742 1.00 39.76 ? 80   TYR A CE2 1 
ATOM   708  C  CZ  . TYR A 1 88  ? 4.024   19.622  -20.976 1.00 39.66 ? 80   TYR A CZ  1 
ATOM   709  O  OH  . TYR A 1 88  ? 3.822   20.966  -21.162 1.00 40.14 ? 80   TYR A OH  1 
ATOM   710  N  N   . ILE A 1 89  ? 3.908   12.245  -20.101 1.00 34.51 ? 81   ILE A N   1 
ATOM   711  C  CA  . ILE A 1 89  ? 4.523   10.915  -20.093 1.00 34.38 ? 81   ILE A CA  1 
ATOM   712  C  C   . ILE A 1 89  ? 3.585   9.850   -20.667 1.00 34.60 ? 81   ILE A C   1 
ATOM   713  O  O   . ILE A 1 89  ? 3.998   9.048   -21.502 1.00 33.59 ? 81   ILE A O   1 
ATOM   714  C  CB  . ILE A 1 89  ? 4.963   10.490  -18.646 1.00 35.32 ? 81   ILE A CB  1 
ATOM   715  C  CG1 . ILE A 1 89  ? 6.036   11.469  -18.083 1.00 36.12 ? 81   ILE A CG1 1 
ATOM   716  C  CG2 . ILE A 1 89  ? 5.412   9.023   -18.645 1.00 35.28 ? 81   ILE A CG2 1 
ATOM   717  C  CD1 . ILE A 1 89  ? 7.220   11.631  -18.956 1.00 35.01 ? 81   ILE A CD1 1 
ATOM   718  N  N   . GLU A 1 90  ? 2.321   9.840   -20.232 1.00 33.89 ? 82   GLU A N   1 
ATOM   719  C  CA  . GLU A 1 90  ? 1.391   8.766   -20.636 1.00 33.67 ? 82   GLU A CA  1 
ATOM   720  C  C   . GLU A 1 90  ? 0.765   8.969   -21.983 1.00 33.62 ? 82   GLU A C   1 
ATOM   721  O  O   . GLU A 1 90  ? 0.277   10.029  -22.251 1.00 33.01 ? 82   GLU A O   1 
ATOM   722  C  CB  . GLU A 1 90  ? 0.271   8.586   -19.597 1.00 33.59 ? 82   GLU A CB  1 
ATOM   723  C  CG  . GLU A 1 90  ? 0.754   8.171   -18.280 1.00 33.72 ? 82   GLU A CG  1 
ATOM   724  C  CD  . GLU A 1 90  ? 1.408   6.784   -18.297 1.00 37.11 ? 82   GLU A CD  1 
ATOM   725  O  OE1 . GLU A 1 90  ? 1.050   6.018   -19.210 1.00 36.49 ? 82   GLU A OE1 1 
ATOM   726  O  OE2 . GLU A 1 90  ? 2.312   6.471   -17.456 1.00 37.68 ? 82   GLU A OE2 1 
ATOM   727  N  N   . PRO A 1 91  ? 0.799   7.943   -22.858 1.00 33.70 ? 83   PRO A N   1 
ATOM   728  C  CA  . PRO A 1 91  ? 0.043   7.970   -24.097 1.00 34.15 ? 83   PRO A CA  1 
ATOM   729  C  C   . PRO A 1 91  ? -1.462  8.144   -23.851 1.00 34.96 ? 83   PRO A C   1 
ATOM   730  O  O   . PRO A 1 91  ? -2.008  7.558   -22.869 1.00 36.25 ? 83   PRO A O   1 
ATOM   731  C  CB  . PRO A 1 91  ? 0.336   6.587   -24.697 1.00 34.41 ? 83   PRO A CB  1 
ATOM   732  C  CG  . PRO A 1 91  ? 1.566   6.181   -24.101 1.00 33.22 ? 83   PRO A CG  1 
ATOM   733  C  CD  . PRO A 1 91  ? 1.584   6.702   -22.751 1.00 33.89 ? 83   PRO A CD  1 
ATOM   734  N  N   . GLU A 1 92  ? -2.075  8.960   -24.683 1.00 35.21 ? 84   GLU A N   1 
ATOM   735  C  CA  . GLU A 1 92  ? -3.513  9.309   -24.635 1.00 35.98 ? 84   GLU A CA  1 
ATOM   736  C  C   . GLU A 1 92  ? -4.458  8.094   -24.674 1.00 35.10 ? 84   GLU A C   1 
ATOM   737  O  O   . GLU A 1 92  ? -5.502  8.101   -24.051 1.00 34.44 ? 84   GLU A O   1 
ATOM   738  C  CB  . GLU A 1 92  ? -3.872  10.255  -25.771 1.00 37.82 ? 84   GLU A CB  1 
ATOM   739  C  CG  . GLU A 1 92  ? -3.097  11.590  -25.777 1.00 42.20 ? 84   GLU A CG  1 
ATOM   740  C  CD  . GLU A 1 92  ? -1.889  11.587  -26.718 1.00 44.87 ? 84   GLU A CD  1 
ATOM   741  O  OE1 . GLU A 1 92  ? -1.327  10.480  -26.945 1.00 41.72 ? 84   GLU A OE1 1 
ATOM   742  O  OE2 . GLU A 1 92  ? -1.500  12.683  -27.210 1.00 47.56 ? 84   GLU A OE2 1 
ATOM   743  N  N   . TYR A 1 93  ? -4.078  7.042   -25.390 1.00 34.86 ? 85   TYR A N   1 
ATOM   744  C  CA  . TYR A 1 93  ? -4.901  5.828   -25.471 1.00 34.74 ? 85   TYR A CA  1 
ATOM   745  C  C   . TYR A 1 93  ? -5.030  5.165   -24.126 1.00 34.71 ? 85   TYR A C   1 
ATOM   746  O  O   . TYR A 1 93  ? -6.057  4.628   -23.801 1.00 34.36 ? 85   TYR A O   1 
ATOM   747  C  CB  . TYR A 1 93  ? -4.389  4.868   -26.565 1.00 34.95 ? 85   TYR A CB  1 
ATOM   748  C  CG  . TYR A 1 93  ? -3.236  3.969   -26.163 1.00 35.98 ? 85   TYR A CG  1 
ATOM   749  C  CD1 . TYR A 1 93  ? -3.463  2.679   -25.680 1.00 33.29 ? 85   TYR A CD1 1 
ATOM   750  C  CD2 . TYR A 1 93  ? -1.920  4.388   -26.333 1.00 35.82 ? 85   TYR A CD2 1 
ATOM   751  C  CE1 . TYR A 1 93  ? -2.414  1.878   -25.311 1.00 36.57 ? 85   TYR A CE1 1 
ATOM   752  C  CE2 . TYR A 1 93  ? -0.876  3.585   -25.975 1.00 33.69 ? 85   TYR A CE2 1 
ATOM   753  C  CZ  . TYR A 1 93  ? -1.114  2.362   -25.469 1.00 34.09 ? 85   TYR A CZ  1 
ATOM   754  O  OH  . TYR A 1 93  ? -0.044  1.594   -25.115 1.00 38.11 ? 85   TYR A OH  1 
ATOM   755  N  N   . ILE A 1 94  ? -3.968  5.208   -23.329 1.00 34.83 ? 86   ILE A N   1 
ATOM   756  C  CA  . ILE A 1 94  ? -3.957  4.643   -21.971 1.00 35.03 ? 86   ILE A CA  1 
ATOM   757  C  C   . ILE A 1 94  ? -4.764  5.462   -20.997 1.00 35.03 ? 86   ILE A C   1 
ATOM   758  O  O   . ILE A 1 94  ? -5.487  4.901   -20.174 1.00 34.82 ? 86   ILE A O   1 
ATOM   759  C  CB  . ILE A 1 94  ? -2.544  4.546   -21.429 1.00 34.92 ? 86   ILE A CB  1 
ATOM   760  C  CG1 . ILE A 1 94  ? -1.748  3.570   -22.262 1.00 37.29 ? 86   ILE A CG1 1 
ATOM   761  C  CG2 . ILE A 1 94  ? -2.536  4.087   -19.960 1.00 35.42 ? 86   ILE A CG2 1 
ATOM   762  C  CD1 . ILE A 1 94  ? -0.381  3.245   -21.650 1.00 36.94 ? 86   ILE A CD1 1 
ATOM   763  N  N   . LEU A 1 95  ? -4.610  6.775   -21.098 1.00 34.52 ? 87   LEU A N   1 
ATOM   764  C  CA  . LEU A 1 95  ? -5.380  7.724   -20.309 1.00 35.19 ? 87   LEU A CA  1 
ATOM   765  C  C   . LEU A 1 95  ? -6.870  7.664   -20.634 1.00 35.48 ? 87   LEU A C   1 
ATOM   766  O  O   . LEU A 1 95  ? -7.682  7.682   -19.712 1.00 36.40 ? 87   LEU A O   1 
ATOM   767  C  CB  . LEU A 1 95  ? -4.871  9.175   -20.477 1.00 34.68 ? 87   LEU A CB  1 
ATOM   768  C  CG  . LEU A 1 95  ? -3.419  9.428   -20.013 1.00 31.99 ? 87   LEU A CG  1 
ATOM   769  C  CD1 . LEU A 1 95  ? -2.998  10.926  -20.004 1.00 27.97 ? 87   LEU A CD1 1 
ATOM   770  C  CD2 . LEU A 1 95  ? -3.107  8.801   -18.652 1.00 27.59 ? 87   LEU A CD2 1 
ATOM   771  N  N   . ILE A 1 96  ? -7.214  7.523   -21.904 1.00 37.39 ? 88   ILE A N   1 
ATOM   772  C  CA  . ILE A 1 96  ? -8.608  7.393   -22.322 1.00 37.63 ? 88   ILE A CA  1 
ATOM   773  C  C   . ILE A 1 96  ? -9.177  6.096   -21.756 1.00 38.19 ? 88   ILE A C   1 
ATOM   774  O  O   . ILE A 1 96  ? -10.077 6.115   -20.937 1.00 37.30 ? 88   ILE A O   1 
ATOM   775  C  CB  . ILE A 1 96  ? -8.755  7.419   -23.850 1.00 37.73 ? 88   ILE A CB  1 
ATOM   776  C  CG1 . ILE A 1 96  ? -8.344  8.772   -24.422 1.00 38.42 ? 88   ILE A CG1 1 
ATOM   777  C  CG2 . ILE A 1 96  ? -10.193 7.176   -24.291 1.00 38.78 ? 88   ILE A CG2 1 
ATOM   778  C  CD1 . ILE A 1 96  ? -8.862  9.945   -23.646 1.00 38.72 ? 88   ILE A CD1 1 
ATOM   779  N  N   . ARG A 1 97  ? -8.600  4.974   -22.154 1.00 38.95 ? 89   ARG A N   1 
ATOM   780  C  CA  . ARG A 1 97  ? -8.918  3.668   -21.570 1.00 40.09 ? 89   ARG A CA  1 
ATOM   781  C  C   . ARG A 1 97  ? -9.152  3.624   -20.043 1.00 39.16 ? 89   ARG A C   1 
ATOM   782  O  O   . ARG A 1 97  ? -9.885  2.743   -19.552 1.00 39.35 ? 89   ARG A O   1 
ATOM   783  C  CB  . ARG A 1 97  ? -7.787  2.713   -21.885 1.00 41.37 ? 89   ARG A CB  1 
ATOM   784  C  CG  . ARG A 1 97  ? -8.157  1.240   -21.850 1.00 45.91 ? 89   ARG A CG  1 
ATOM   785  C  CD  . ARG A 1 97  ? -7.037  0.439   -22.518 1.00 45.78 ? 89   ARG A CD  1 
ATOM   786  N  NE  . ARG A 1 97  ? -5.793  0.490   -21.749 1.00 52.34 ? 89   ARG A NE  1 
ATOM   787  C  CZ  . ARG A 1 97  ? -4.621  0.013   -22.176 1.00 53.37 ? 89   ARG A CZ  1 
ATOM   788  N  NH1 . ARG A 1 97  ? -4.524  -0.503  -23.411 1.00 55.31 ? 89   ARG A NH1 1 
ATOM   789  N  NH2 . ARG A 1 97  ? -3.544  0.071   -21.390 1.00 52.23 ? 89   ARG A NH2 1 
ATOM   790  N  N   . ASP A 1 98  ? -8.516  4.519   -19.294 1.00 38.47 ? 90   ASP A N   1 
ATOM   791  C  CA  . ASP A 1 98  ? -8.553  4.471   -17.829 1.00 37.95 ? 90   ASP A CA  1 
ATOM   792  C  C   . ASP A 1 98  ? -9.474  5.514   -17.265 1.00 37.87 ? 90   ASP A C   1 
ATOM   793  O  O   . ASP A 1 98  ? -9.448  5.787   -16.079 1.00 36.34 ? 90   ASP A O   1 
ATOM   794  C  CB  . ASP A 1 98  ? -7.183  4.724   -17.215 1.00 38.68 ? 90   ASP A CB  1 
ATOM   795  C  CG  . ASP A 1 98  ? -6.215  3.515   -17.324 1.00 39.81 ? 90   ASP A CG  1 
ATOM   796  O  OD1 . ASP A 1 98  ? -6.587  2.332   -17.594 1.00 43.49 ? 90   ASP A OD1 1 
ATOM   797  O  OD2 . ASP A 1 98  ? -5.029  3.837   -17.218 1.00 38.22 ? 90   ASP A OD2 1 
ATOM   798  N  N   . GLY A 1 99  ? -10.289 6.113   -18.119 1.00 36.97 ? 91   GLY A N   1 
ATOM   799  C  CA  . GLY A 1 99  ? -11.241 7.087   -17.674 1.00 38.87 ? 91   GLY A CA  1 
ATOM   800  C  C   . GLY A 1 99  ? -10.663 8.450   -17.429 1.00 39.03 ? 91   GLY A C   1 
ATOM   801  O  O   . GLY A 1 99  ? -11.410 9.324   -16.994 1.00 37.36 ? 91   GLY A O   1 
ATOM   802  N  N   . ILE A 1 100 ? -9.357  8.625   -17.698 1.00 40.37 ? 92   ILE A N   1 
ATOM   803  C  CA  . ILE A 1 100 ? -8.697  9.914   -17.518 1.00 41.00 ? 92   ILE A CA  1 
ATOM   804  C  C   . ILE A 1 100 ? -8.931  10.729  -18.773 1.00 42.39 ? 92   ILE A C   1 
ATOM   805  O  O   . ILE A 1 100 ? -9.284  10.248  -19.851 1.00 44.82 ? 92   ILE A O   1 
ATOM   806  C  CB  . ILE A 1 100 ? -7.195  9.859   -17.329 1.00 41.08 ? 92   ILE A CB  1 
ATOM   807  C  CG1 . ILE A 1 100 ? -6.804  8.845   -16.256 1.00 38.42 ? 92   ILE A CG1 1 
ATOM   808  C  CG2 . ILE A 1 100 ? -6.638  11.271  -16.979 1.00 39.84 ? 92   ILE A CG2 1 
ATOM   809  C  CD1 . ILE A 1 100 ? -7.408  9.160   -14.929 1.00 35.26 ? 92   ILE A CD1 1 
ATOM   810  N  N   . ILE A 1 101 ? -8.742  11.927  -18.726 1.00 44.58 ? 93   ILE A N   1 
HETATM 811  N  N   . MSE B 1 9   ? 6.580   -14.756 5.676   1.00 44.32 ? 1    MSE B N   1 
HETATM 812  C  CA  . MSE B 1 9   ? 5.498   -13.785 6.060   1.00 44.69 ? 1    MSE B CA  1 
HETATM 813  C  C   . MSE B 1 9   ? 4.942   -12.974 4.868   1.00 42.08 ? 1    MSE B C   1 
HETATM 814  O  O   . MSE B 1 9   ? 5.696   -12.448 4.043   1.00 42.88 ? 1    MSE B O   1 
HETATM 815  C  CB  . MSE B 1 9   ? 5.929   -12.814 7.208   1.00 45.66 ? 1    MSE B CB  1 
HETATM 816  C  CG  . MSE B 1 9   ? 7.282   -12.081 7.060   1.00 48.64 ? 1    MSE B CG  1 
HETATM 817  SE SE  . MSE B 1 9   ? 7.286   -10.407 8.084   1.00 55.27 ? 1    MSE B SE  1 
HETATM 818  C  CE  . MSE B 1 9   ? 5.513   -9.825  7.706   1.00 49.16 ? 1    MSE B CE  1 
ATOM   819  N  N   . GLU B 1 10  ? 3.612   -12.876 4.807   1.00 38.56 ? 2    GLU B N   1 
ATOM   820  C  CA  . GLU B 1 10  ? 2.910   -12.023 3.853   1.00 37.95 ? 2    GLU B CA  1 
ATOM   821  C  C   . GLU B 1 10  ? 2.242   -10.854 4.591   1.00 36.11 ? 2    GLU B C   1 
ATOM   822  O  O   . GLU B 1 10  ? 1.619   -11.039 5.642   1.00 35.34 ? 2    GLU B O   1 
ATOM   823  C  CB  . GLU B 1 10  ? 1.824   -12.799 3.093   1.00 38.17 ? 2    GLU B CB  1 
ATOM   824  C  CG  . GLU B 1 10  ? 2.264   -14.077 2.358   1.00 41.79 ? 2    GLU B CG  1 
ATOM   825  C  CD  . GLU B 1 10  ? 2.836   -13.822 0.949   1.00 45.79 ? 2    GLU B CD  1 
ATOM   826  O  OE1 . GLU B 1 10  ? 3.305   -12.674 0.671   1.00 49.42 ? 2    GLU B OE1 1 
ATOM   827  O  OE2 . GLU B 1 10  ? 2.816   -14.790 0.133   1.00 48.15 ? 2    GLU B OE2 1 
ATOM   828  N  N   . ILE B 1 11  ? 2.387   -9.661  4.040   1.00 35.47 ? 3    ILE B N   1 
ATOM   829  C  CA  . ILE B 1 11  ? 1.730   -8.458  4.551   1.00 35.74 ? 3    ILE B CA  1 
ATOM   830  C  C   . ILE B 1 11  ? 0.656   -8.046  3.565   1.00 35.23 ? 3    ILE B C   1 
ATOM   831  O  O   . ILE B 1 11  ? 0.924   -7.886  2.371   1.00 34.59 ? 3    ILE B O   1 
ATOM   832  C  CB  . ILE B 1 11  ? 2.743   -7.330  4.737   1.00 36.14 ? 3    ILE B CB  1 
ATOM   833  C  CG1 . ILE B 1 11  ? 3.607   -7.620  5.956   1.00 36.54 ? 3    ILE B CG1 1 
ATOM   834  C  CG2 . ILE B 1 11  ? 2.075   -5.945  4.880   1.00 36.68 ? 3    ILE B CG2 1 
ATOM   835  C  CD1 . ILE B 1 11  ? 4.650   -6.545  6.168   1.00 37.56 ? 3    ILE B CD1 1 
ATOM   836  N  N   . LYS B 1 12  ? -0.587  -7.958  4.045   1.00 35.22 ? 4    LYS B N   1 
ATOM   837  C  CA  . LYS B 1 12  ? -1.677  -7.410  3.225   1.00 35.52 ? 4    LYS B CA  1 
ATOM   838  C  C   . LYS B 1 12  ? -2.070  -6.036  3.774   1.00 35.01 ? 4    LYS B C   1 
ATOM   839  O  O   . LYS B 1 12  ? -2.644  -5.939  4.859   1.00 35.58 ? 4    LYS B O   1 
ATOM   840  C  CB  . LYS B 1 12  ? -2.910  -8.327  3.200   1.00 35.27 ? 4    LYS B CB  1 
ATOM   841  C  CG  . LYS B 1 12  ? -3.940  -7.827  2.167   1.00 36.94 ? 4    LYS B CG  1 
ATOM   842  C  CD  . LYS B 1 12  ? -5.258  -8.583  2.121   1.00 39.18 ? 4    LYS B CD  1 
ATOM   843  C  CE  . LYS B 1 12  ? -6.227  -7.826  1.141   1.00 41.66 ? 4    LYS B CE  1 
ATOM   844  N  NZ  . LYS B 1 12  ? -6.274  -6.268  1.349   1.00 41.39 ? 4    LYS B NZ  1 
ATOM   845  N  N   . ILE B 1 13  ? -1.793  -4.998  3.023   1.00 34.63 ? 5    ILE B N   1 
ATOM   846  C  CA  . ILE B 1 13  ? -2.297  -3.664  3.331   1.00 34.44 ? 5    ILE B CA  1 
ATOM   847  C  C   . ILE B 1 13  ? -3.826  -3.621  3.249   1.00 34.41 ? 5    ILE B C   1 
ATOM   848  O  O   . ILE B 1 13  ? -4.432  -4.050  2.282   1.00 34.72 ? 5    ILE B O   1 
ATOM   849  C  CB  . ILE B 1 13  ? -1.670  -2.613  2.448   1.00 35.23 ? 5    ILE B CB  1 
ATOM   850  C  CG1 . ILE B 1 13  ? -0.149  -2.729  2.543   1.00 35.42 ? 5    ILE B CG1 1 
ATOM   851  C  CG2 . ILE B 1 13  ? -2.214  -1.137  2.815   1.00 35.14 ? 5    ILE B CG2 1 
ATOM   852  C  CD1 . ILE B 1 13  ? 0.569   -1.653  1.947   1.00 39.27 ? 5    ILE B CD1 1 
ATOM   853  N  N   . THR B 1 14  ? -4.452  -3.153  4.318   1.00 34.46 ? 6    THR B N   1 
ATOM   854  C  CA  . THR B 1 14  ? -5.894  -3.087  4.403   1.00 34.94 ? 6    THR B CA  1 
ATOM   855  C  C   . THR B 1 14  ? -6.404  -1.641  4.288   1.00 35.40 ? 6    THR B C   1 
ATOM   856  O  O   . THR B 1 14  ? -7.530  -1.437  3.858   1.00 33.76 ? 6    THR B O   1 
ATOM   857  C  CB  . THR B 1 14  ? -6.401  -3.785  5.694   1.00 36.55 ? 6    THR B CB  1 
ATOM   858  O  OG1 . THR B 1 14  ? -5.855  -3.180  6.863   1.00 35.24 ? 6    THR B OG1 1 
ATOM   859  C  CG2 . THR B 1 14  ? -6.001  -5.280  5.686   1.00 36.68 ? 6    THR B CG2 1 
ATOM   860  N  N   . GLU B 1 15  ? -5.573  -0.650  4.654   1.00 36.26 ? 7    GLU B N   1 
ATOM   861  C  CA  . GLU B 1 15  ? -5.993  0.728   4.703   1.00 36.35 ? 7    GLU B CA  1 
ATOM   862  C  C   . GLU B 1 15  ? -4.767  1.633   4.783   1.00 35.41 ? 7    GLU B C   1 
ATOM   863  O  O   . GLU B 1 15  ? -3.773  1.370   5.489   1.00 35.04 ? 7    GLU B O   1 
ATOM   864  C  CB  . GLU B 1 15  ? -6.998  0.955   5.856   1.00 36.65 ? 7    GLU B CB  1 
ATOM   865  C  CG  . GLU B 1 15  ? -7.408  2.424   6.022   1.00 38.80 ? 7    GLU B CG  1 
ATOM   866  C  CD  . GLU B 1 15  ? -8.404  2.646   7.165   1.00 41.03 ? 7    GLU B CD  1 
ATOM   867  O  OE1 . GLU B 1 15  ? -9.563  2.218   7.040   1.00 47.20 ? 7    GLU B OE1 1 
ATOM   868  O  OE2 . GLU B 1 15  ? -8.040  3.262   8.199   1.00 50.11 ? 7    GLU B OE2 1 
ATOM   869  N  N   . VAL B 1 16  ? -4.790  2.676   3.960   1.00 35.39 ? 8    VAL B N   1 
ATOM   870  C  CA  . VAL B 1 16  ? -3.818  3.762   4.048   1.00 35.49 ? 8    VAL B CA  1 
ATOM   871  C  C   . VAL B 1 16  ? -4.642  5.048   4.153   1.00 35.86 ? 8    VAL B C   1 
ATOM   872  O  O   . VAL B 1 16  ? -5.549  5.284   3.354   1.00 36.00 ? 8    VAL B O   1 
ATOM   873  C  CB  . VAL B 1 16  ? -2.847  3.868   2.863   1.00 35.93 ? 8    VAL B CB  1 
ATOM   874  C  CG1 . VAL B 1 16  ? -1.963  5.095   3.033   1.00 36.13 ? 8    VAL B CG1 1 
ATOM   875  C  CG2 . VAL B 1 16  ? -1.902  2.653   2.754   1.00 35.34 ? 8    VAL B CG2 1 
ATOM   876  N  N   . LYS B 1 17  ? -4.357  5.855   5.165   1.00 37.20 ? 9    LYS B N   1 
ATOM   877  C  CA  . LYS B 1 17  ? -4.991  7.156   5.320   1.00 37.23 ? 9    LYS B CA  1 
ATOM   878  C  C   . LYS B 1 17  ? -3.916  8.196   5.312   1.00 35.90 ? 9    LYS B C   1 
ATOM   879  O  O   . LYS B 1 17  ? -2.967  8.068   6.040   1.00 34.02 ? 9    LYS B O   1 
ATOM   880  C  CB  . LYS B 1 17  ? -5.767  7.227   6.629   1.00 37.61 ? 9    LYS B CB  1 
ATOM   881  C  CG  . LYS B 1 17  ? -6.951  6.292   6.626   1.00 41.76 ? 9    LYS B CG  1 
ATOM   882  C  CD  . LYS B 1 17  ? -7.692  6.304   7.948   1.00 42.36 ? 9    LYS B CD  1 
ATOM   883  C  CE  . LYS B 1 17  ? -9.145  5.877   7.756   1.00 45.79 ? 9    LYS B CE  1 
ATOM   884  N  NZ  . LYS B 1 17  ? -9.811  5.376   9.020   1.00 49.94 ? 9    LYS B NZ  1 
ATOM   885  N  N   . GLU B 1 18  ? -4.050  9.224   4.480   1.00 34.34 ? 10   GLU B N   1 
ATOM   886  C  CA  . GLU B 1 18  ? -3.138  10.378  4.602   1.00 34.23 ? 10   GLU B CA  1 
ATOM   887  C  C   . GLU B 1 18  ? -3.622  11.306  5.684   1.00 32.96 ? 10   GLU B C   1 
ATOM   888  O  O   . GLU B 1 18  ? -4.637  11.930  5.537   1.00 31.02 ? 10   GLU B O   1 
ATOM   889  C  CB  . GLU B 1 18  ? -3.051  11.181  3.319   1.00 33.81 ? 10   GLU B CB  1 
ATOM   890  C  CG  . GLU B 1 18  ? -2.305  10.504  2.230   1.00 36.60 ? 10   GLU B CG  1 
ATOM   891  C  CD  . GLU B 1 18  ? -0.895  10.248  2.581   1.00 38.48 ? 10   GLU B CD  1 
ATOM   892  O  OE1 . GLU B 1 18  ? -0.237  11.102  3.208   1.00 40.92 ? 10   GLU B OE1 1 
ATOM   893  O  OE2 . GLU B 1 18  ? -0.438  9.159   2.225   1.00 42.03 ? 10   GLU B OE2 1 
ATOM   894  N  N   . ASN B 1 19  ? -2.887  11.385  6.781   1.00 31.62 ? 11   ASN B N   1 
ATOM   895  C  CA  . ASN B 1 19  ? -3.218  12.351  7.848   1.00 31.69 ? 11   ASN B CA  1 
ATOM   896  C  C   . ASN B 1 19  ? -2.520  13.669  7.554   1.00 31.77 ? 11   ASN B C   1 
ATOM   897  O  O   . ASN B 1 19  ? -1.394  13.863  7.920   1.00 31.28 ? 11   ASN B O   1 
ATOM   898  C  CB  . ASN B 1 19  ? -2.846  11.792  9.232   1.00 31.44 ? 11   ASN B CB  1 
ATOM   899  C  CG  . ASN B 1 19  ? -3.272  12.718  10.390  1.00 32.87 ? 11   ASN B CG  1 
ATOM   900  O  OD1 . ASN B 1 19  ? -3.358  13.938  10.229  1.00 36.15 ? 11   ASN B OD1 1 
ATOM   901  N  ND2 . ASN B 1 19  ? -3.515  12.136  11.553  1.00 33.62 ? 11   ASN B ND2 1 
ATOM   902  N  N   . LYS B 1 20  ? -3.212  14.596  6.889   1.00 32.49 ? 12   LYS B N   1 
ATOM   903  C  CA  . LYS B 1 20  ? -2.615  15.870  6.521   1.00 33.30 ? 12   LYS B CA  1 
ATOM   904  C  C   . LYS B 1 20  ? -2.449  16.832  7.692   1.00 34.22 ? 12   LYS B C   1 
ATOM   905  O  O   . LYS B 1 20  ? -1.631  17.760  7.610   1.00 34.19 ? 12   LYS B O   1 
ATOM   906  C  CB  . LYS B 1 20  ? -3.428  16.530  5.381   1.00 34.04 ? 12   LYS B CB  1 
ATOM   907  C  CG  . LYS B 1 20  ? -3.270  15.739  4.066   1.00 34.92 ? 12   LYS B CG  1 
ATOM   908  C  CD  . LYS B 1 20  ? -3.886  16.428  2.876   1.00 34.57 ? 12   LYS B CD  1 
ATOM   909  C  CE  . LYS B 1 20  ? -4.985  15.622  2.248   1.00 36.19 ? 12   LYS B CE  1 
ATOM   910  N  NZ  . LYS B 1 20  ? -5.744  16.460  1.211   1.00 39.24 ? 12   LYS B NZ  1 
ATOM   911  N  N   . LEU B 1 21  ? -3.190  16.600  8.786   1.00 34.65 ? 13   LEU B N   1 
ATOM   912  C  CA  . LEU B 1 21  ? -3.163  17.514  9.937   1.00 34.54 ? 13   LEU B CA  1 
ATOM   913  C  C   . LEU B 1 21  ? -1.888  17.309  10.685  1.00 34.40 ? 13   LEU B C   1 
ATOM   914  O  O   . LEU B 1 21  ? -1.186  18.264  11.012  1.00 34.47 ? 13   LEU B O   1 
ATOM   915  C  CB  . LEU B 1 21  ? -4.320  17.228  10.880  1.00 35.89 ? 13   LEU B CB  1 
ATOM   916  C  CG  . LEU B 1 21  ? -4.664  18.251  11.976  1.00 37.85 ? 13   LEU B CG  1 
ATOM   917  C  CD1 . LEU B 1 21  ? -6.023  17.874  12.574  1.00 42.73 ? 13   LEU B CD1 1 
ATOM   918  C  CD2 . LEU B 1 21  ? -3.627  18.340  13.108  1.00 44.17 ? 13   LEU B CD2 1 
ATOM   919  N  N   . ILE B 1 22  ? -1.589  16.038  10.918  1.00 33.68 ? 14   ILE B N   1 
ATOM   920  C  CA  . ILE B 1 22  ? -0.334  15.634  11.554  1.00 34.05 ? 14   ILE B CA  1 
ATOM   921  C  C   . ILE B 1 22  ? 0.824   15.559  10.537  1.00 34.01 ? 14   ILE B C   1 
ATOM   922  O  O   . ILE B 1 22  ? 1.946   15.851  10.875  1.00 34.87 ? 14   ILE B O   1 
ATOM   923  C  CB  . ILE B 1 22  ? -0.518  14.358  12.305  1.00 34.13 ? 14   ILE B CB  1 
ATOM   924  C  CG1 . ILE B 1 22  ? -1.438  14.647  13.496  1.00 35.81 ? 14   ILE B CG1 1 
ATOM   925  C  CG2 . ILE B 1 22  ? 0.874   13.752  12.758  1.00 33.91 ? 14   ILE B CG2 1 
ATOM   926  C  CD1 . ILE B 1 22  ? -1.747  13.448  14.325  1.00 36.21 ? 14   ILE B CD1 1 
ATOM   927  N  N   . GLY B 1 23  ? 0.551   15.210  9.292   1.00 33.34 ? 15   GLY B N   1 
ATOM   928  C  CA  . GLY B 1 23  ? 1.623   15.059  8.312   1.00 33.51 ? 15   GLY B CA  1 
ATOM   929  C  C   . GLY B 1 23  ? 2.289   13.692  8.345   1.00 34.17 ? 15   GLY B C   1 
ATOM   930  O  O   . GLY B 1 23  ? 3.530   13.574  8.408   1.00 33.11 ? 15   GLY B O   1 
ATOM   931  N  N   . ARG B 1 24  ? 1.454   12.660  8.247   1.00 33.83 ? 16   ARG B N   1 
ATOM   932  C  CA  . ARG B 1 24  ? 1.915   11.314  8.236   1.00 33.06 ? 16   ARG B CA  1 
ATOM   933  C  C   . ARG B 1 24  ? 0.942   10.409  7.491   1.00 33.29 ? 16   ARG B C   1 
ATOM   934  O  O   . ARG B 1 24  ? -0.255  10.757  7.260   1.00 32.79 ? 16   ARG B O   1 
ATOM   935  C  CB  . ARG B 1 24  ? 2.106   10.803  9.657   1.00 33.17 ? 16   ARG B CB  1 
ATOM   936  C  CG  . ARG B 1 24  ? 0.756   10.651  10.421  1.00 31.56 ? 16   ARG B CG  1 
ATOM   937  C  CD  . ARG B 1 24  ? 0.991   10.157  11.830  1.00 33.26 ? 16   ARG B CD  1 
ATOM   938  N  NE  . ARG B 1 24  ? -0.281  9.995   12.525  1.00 31.11 ? 16   ARG B NE  1 
ATOM   939  C  CZ  . ARG B 1 24  ? -0.453  10.059  13.844  1.00 35.17 ? 16   ARG B CZ  1 
ATOM   940  N  NH1 . ARG B 1 24  ? 0.568   10.301  14.649  1.00 35.43 ? 16   ARG B NH1 1 
ATOM   941  N  NH2 . ARG B 1 24  ? -1.648  9.899   14.370  1.00 33.20 ? 16   ARG B NH2 1 
ATOM   942  N  N   . LYS B 1 25  ? 1.471   9.248   7.094   1.00 33.49 ? 17   LYS B N   1 
ATOM   943  C  CA  . LYS B 1 25  ? 0.691   8.152   6.541   1.00 34.30 ? 17   LYS B CA  1 
ATOM   944  C  C   . LYS B 1 25  ? 0.341   7.182   7.638   1.00 33.21 ? 17   LYS B C   1 
ATOM   945  O  O   . LYS B 1 25  ? 1.240   6.746   8.382   1.00 33.59 ? 17   LYS B O   1 
ATOM   946  C  CB  . LYS B 1 25  ? 1.519   7.367   5.526   1.00 34.46 ? 17   LYS B CB  1 
ATOM   947  C  CG  . LYS B 1 25  ? 1.451   7.825   4.173   1.00 38.49 ? 17   LYS B CG  1 
ATOM   948  C  CD  . LYS B 1 25  ? 2.182   6.812   3.193   1.00 38.35 ? 17   LYS B CD  1 
ATOM   949  C  CE  . LYS B 1 25  ? 2.546   7.501   1.895   1.00 38.20 ? 17   LYS B CE  1 
ATOM   950  N  NZ  . LYS B 1 25  ? 1.274   8.046   1.269   1.00 39.65 ? 17   LYS B NZ  1 
ATOM   951  N  N   . GLU B 1 26  ? -0.937  6.824   7.745   1.00 32.78 ? 18   GLU B N   1 
ATOM   952  C  CA  . GLU B 1 26  ? -1.400  5.827   8.693   1.00 33.61 ? 18   GLU B CA  1 
ATOM   953  C  C   . GLU B 1 26  ? -1.695  4.543   7.920   1.00 34.12 ? 18   GLU B C   1 
ATOM   954  O  O   . GLU B 1 26  ? -2.538  4.518   7.085   1.00 33.98 ? 18   GLU B O   1 
ATOM   955  C  CB  . GLU B 1 26  ? -2.577  6.370   9.465   1.00 32.86 ? 18   GLU B CB  1 
ATOM   956  C  CG  . GLU B 1 26  ? -2.138  7.622   10.220  1.00 35.76 ? 18   GLU B CG  1 
ATOM   957  C  CD  . GLU B 1 26  ? -3.195  8.425   10.938  1.00 36.89 ? 18   GLU B CD  1 
ATOM   958  O  OE1 . GLU B 1 26  ? -4.397  8.147   10.783  1.00 40.56 ? 18   GLU B OE1 1 
ATOM   959  O  OE2 . GLU B 1 26  ? -2.791  9.370   11.680  1.00 36.92 ? 18   GLU B OE2 1 
ATOM   960  N  N   . ILE B 1 27  ? -0.908  3.487   8.187   1.00 33.85 ? 19   ILE B N   1 
ATOM   961  C  CA  . ILE B 1 27  ? -0.968  2.281   7.341   1.00 34.09 ? 19   ILE B CA  1 
ATOM   962  C  C   . ILE B 1 27  ? -1.404  1.102   8.174   1.00 33.46 ? 19   ILE B C   1 
ATOM   963  O  O   . ILE B 1 27  ? -0.697  0.703   9.099   1.00 32.64 ? 19   ILE B O   1 
ATOM   964  C  CB  . ILE B 1 27  ? 0.383   1.991   6.736   1.00 33.58 ? 19   ILE B CB  1 
ATOM   965  C  CG1 . ILE B 1 27  ? 0.852   3.197   5.918   1.00 35.02 ? 19   ILE B CG1 1 
ATOM   966  C  CG2 . ILE B 1 27  ? 0.386   0.739   5.849   1.00 32.01 ? 19   ILE B CG2 1 
ATOM   967  C  CD1 . ILE B 1 27  ? 2.315   3.036   5.435   1.00 35.99 ? 19   ILE B CD1 1 
ATOM   968  N  N   . TYR B 1 28  ? -2.580  0.571   7.839   1.00 33.70 ? 20   TYR B N   1 
ATOM   969  C  CA  . TYR B 1 28  ? -3.090  -0.641  8.448   1.00 33.08 ? 20   TYR B CA  1 
ATOM   970  C  C   . TYR B 1 28  ? -2.892  -1.822  7.511   1.00 33.16 ? 20   TYR B C   1 
ATOM   971  O  O   . TYR B 1 28  ? -3.076  -1.718  6.294   1.00 33.38 ? 20   TYR B O   1 
ATOM   972  C  CB  . TYR B 1 28  ? -4.552  -0.489  8.867   1.00 33.76 ? 20   TYR B CB  1 
ATOM   973  C  CG  . TYR B 1 28  ? -4.756  0.625   9.831   1.00 34.34 ? 20   TYR B CG  1 
ATOM   974  C  CD1 . TYR B 1 28  ? -4.747  0.411   11.195  1.00 35.96 ? 20   TYR B CD1 1 
ATOM   975  C  CD2 . TYR B 1 28  ? -4.950  1.920   9.364   1.00 37.68 ? 20   TYR B CD2 1 
ATOM   976  C  CE1 . TYR B 1 28  ? -4.937  1.460   12.069  1.00 37.04 ? 20   TYR B CE1 1 
ATOM   977  C  CE2 . TYR B 1 28  ? -5.156  2.956   10.213  1.00 37.67 ? 20   TYR B CE2 1 
ATOM   978  C  CZ  . TYR B 1 28  ? -5.114  2.736   11.570  1.00 36.64 ? 20   TYR B CZ  1 
ATOM   979  O  OH  . TYR B 1 28  ? -5.326  3.800   12.418  1.00 37.49 ? 20   TYR B OH  1 
ATOM   980  N  N   . PHE B 1 29  ? -2.501  -2.952  8.109   1.00 33.95 ? 21   PHE B N   1 
ATOM   981  C  CA  . PHE B 1 29  ? -2.151  -4.142  7.363   1.00 33.47 ? 21   PHE B CA  1 
ATOM   982  C  C   . PHE B 1 29  ? -2.326  -5.397  8.211   1.00 33.69 ? 21   PHE B C   1 
ATOM   983  O  O   . PHE B 1 29  ? -2.366  -5.350  9.427   1.00 32.38 ? 21   PHE B O   1 
ATOM   984  C  CB  . PHE B 1 29  ? -0.718  -4.055  6.828   1.00 33.03 ? 21   PHE B CB  1 
ATOM   985  C  CG  . PHE B 1 29  ? 0.317   -3.908  7.903   1.00 33.04 ? 21   PHE B CG  1 
ATOM   986  C  CD1 . PHE B 1 29  ? 0.965   -4.991  8.373   1.00 31.93 ? 21   PHE B CD1 1 
ATOM   987  C  CD2 . PHE B 1 29  ? 0.647   -2.651  8.396   1.00 31.74 ? 21   PHE B CD2 1 
ATOM   988  C  CE1 . PHE B 1 29  ? 1.909   -4.861  9.391   1.00 34.39 ? 21   PHE B CE1 1 
ATOM   989  C  CE2 . PHE B 1 29  ? 1.553   -2.494  9.382   1.00 33.11 ? 21   PHE B CE2 1 
ATOM   990  C  CZ  . PHE B 1 29  ? 2.213   -3.594  9.884   1.00 34.87 ? 21   PHE B CZ  1 
ATOM   991  N  N   . GLU B 1 30  ? -2.476  -6.515  7.529   1.00 34.47 ? 22   GLU B N   1 
ATOM   992  C  CA  . GLU B 1 30  ? -2.541  -7.832  8.179   1.00 35.08 ? 22   GLU B CA  1 
ATOM   993  C  C   . GLU B 1 30  ? -1.226  -8.543  7.872   1.00 34.93 ? 22   GLU B C   1 
ATOM   994  O  O   . GLU B 1 30  ? -0.658  -8.336  6.809   1.00 34.42 ? 22   GLU B O   1 
ATOM   995  C  CB  . GLU B 1 30  ? -3.735  -8.608  7.656   1.00 35.82 ? 22   GLU B CB  1 
ATOM   996  C  CG  . GLU B 1 30  ? -5.075  -7.967  8.085   1.00 37.81 ? 22   GLU B CG  1 
ATOM   997  C  CD  . GLU B 1 30  ? -6.288  -8.565  7.447   1.00 38.44 ? 22   GLU B CD  1 
ATOM   998  O  OE1 . GLU B 1 30  ? -6.187  -9.171  6.351   1.00 41.85 ? 22   GLU B OE1 1 
ATOM   999  O  OE2 . GLU B 1 30  ? -7.368  -8.413  8.049   1.00 44.14 ? 22   GLU B OE2 1 
ATOM   1000 N  N   . ILE B 1 31  ? -0.746  -9.351  8.822   1.00 34.49 ? 23   ILE B N   1 
ATOM   1001 C  CA  . ILE B 1 31  ? 0.436   -10.199 8.648   1.00 35.05 ? 23   ILE B CA  1 
ATOM   1002 C  C   . ILE B 1 31  ? 0.000   -11.670 8.696   1.00 34.86 ? 23   ILE B C   1 
ATOM   1003 O  O   . ILE B 1 31  ? -0.669  -12.109 9.628   1.00 34.61 ? 23   ILE B O   1 
ATOM   1004 C  CB  . ILE B 1 31  ? 1.506   -9.937  9.773   1.00 35.26 ? 23   ILE B CB  1 
ATOM   1005 C  CG1 . ILE B 1 31  ? 1.775   -8.440  9.911   1.00 37.07 ? 23   ILE B CG1 1 
ATOM   1006 C  CG2 . ILE B 1 31  ? 2.789   -10.660 9.491   1.00 34.95 ? 23   ILE B CG2 1 
ATOM   1007 C  CD1 . ILE B 1 31  ? 2.062   -8.014  11.333  1.00 38.16 ? 23   ILE B CD1 1 
ATOM   1008 N  N   . TYR B 1 32  ? 0.375   -12.414 7.668   1.00 35.30 ? 24   TYR B N   1 
ATOM   1009 C  CA  . TYR B 1 32  ? 0.110   -13.847 7.609   1.00 35.83 ? 24   TYR B CA  1 
ATOM   1010 C  C   . TYR B 1 32  ? 1.409   -14.631 7.758   1.00 35.32 ? 24   TYR B C   1 
ATOM   1011 O  O   . TYR B 1 32  ? 2.379   -14.385 7.060   1.00 34.17 ? 24   TYR B O   1 
ATOM   1012 C  CB  . TYR B 1 32  ? -0.492  -14.194 6.262   1.00 36.80 ? 24   TYR B CB  1 
ATOM   1013 C  CG  . TYR B 1 32  ? -1.828  -13.568 6.016   1.00 38.85 ? 24   TYR B CG  1 
ATOM   1014 C  CD1 . TYR B 1 32  ? -3.001  -14.205 6.437   1.00 39.98 ? 24   TYR B CD1 1 
ATOM   1015 C  CD2 . TYR B 1 32  ? -1.943  -12.363 5.338   1.00 39.78 ? 24   TYR B CD2 1 
ATOM   1016 C  CE1 . TYR B 1 32  ? -4.235  -13.641 6.216   1.00 39.63 ? 24   TYR B CE1 1 
ATOM   1017 C  CE2 . TYR B 1 32  ? -3.193  -11.789 5.118   1.00 40.86 ? 24   TYR B CE2 1 
ATOM   1018 C  CZ  . TYR B 1 32  ? -4.328  -12.443 5.555   1.00 39.57 ? 24   TYR B CZ  1 
ATOM   1019 O  OH  . TYR B 1 32  ? -5.554  -11.899 5.299   1.00 39.72 ? 24   TYR B OH  1 
ATOM   1020 N  N   . HIS B 1 33  ? 1.416   -15.586 8.673   1.00 35.00 ? 25   HIS B N   1 
ATOM   1021 C  CA  . HIS B 1 33  ? 2.617   -16.328 8.967   1.00 35.27 ? 25   HIS B CA  1 
ATOM   1022 C  C   . HIS B 1 33  ? 2.196   -17.703 9.417   1.00 35.30 ? 25   HIS B C   1 
ATOM   1023 O  O   . HIS B 1 33  ? 2.426   -18.078 10.559  1.00 36.22 ? 25   HIS B O   1 
ATOM   1024 C  CB  . HIS B 1 33  ? 3.397   -15.606 10.051  1.00 35.24 ? 25   HIS B CB  1 
ATOM   1025 C  CG  . HIS B 1 33  ? 2.616   -15.394 11.297  1.00 34.99 ? 25   HIS B CG  1 
ATOM   1026 N  ND1 . HIS B 1 33  ? 1.740   -14.346 11.454  1.00 34.89 ? 25   HIS B ND1 1 
ATOM   1027 C  CD2 . HIS B 1 33  ? 2.557   -16.110 12.440  1.00 35.19 ? 25   HIS B CD2 1 
ATOM   1028 C  CE1 . HIS B 1 33  ? 1.182   -14.422 12.649  1.00 35.11 ? 25   HIS B CE1 1 
ATOM   1029 N  NE2 . HIS B 1 33  ? 1.669   -15.482 13.270  1.00 34.83 ? 25   HIS B NE2 1 
ATOM   1030 N  N   . PRO B 1 34  ? 1.539   -18.444 8.528   1.00 35.52 ? 26   PRO B N   1 
ATOM   1031 C  CA  . PRO B 1 34  ? 1.075   -19.780 8.877   1.00 36.23 ? 26   PRO B CA  1 
ATOM   1032 C  C   . PRO B 1 34  ? 2.237   -20.646 9.301   1.00 37.33 ? 26   PRO B C   1 
ATOM   1033 O  O   . PRO B 1 34  ? 3.305   -20.573 8.695   1.00 37.89 ? 26   PRO B O   1 
ATOM   1034 C  CB  . PRO B 1 34  ? 0.515   -20.307 7.562   1.00 36.12 ? 26   PRO B CB  1 
ATOM   1035 C  CG  . PRO B 1 34  ? 1.132   -19.418 6.512   1.00 35.82 ? 26   PRO B CG  1 
ATOM   1036 C  CD  . PRO B 1 34  ? 1.200   -18.109 7.139   1.00 35.25 ? 26   PRO B CD  1 
ATOM   1037 N  N   . GLY B 1 35  ? 2.030   -21.440 10.341  1.00 38.05 ? 27   GLY B N   1 
ATOM   1038 C  CA  . GLY B 1 35  ? 3.049   -22.350 10.833  1.00 39.02 ? 27   GLY B CA  1 
ATOM   1039 C  C   . GLY B 1 35  ? 4.202   -21.739 11.609  1.00 39.21 ? 27   GLY B C   1 
ATOM   1040 O  O   . GLY B 1 35  ? 5.160   -22.437 11.913  1.00 39.28 ? 27   GLY B O   1 
ATOM   1041 N  N   . GLU B 1 36  ? 4.113   -20.463 11.958  1.00 40.12 ? 28   GLU B N   1 
ATOM   1042 C  CA  . GLU B 1 36  ? 5.219   -19.794 12.631  1.00 40.97 ? 28   GLU B CA  1 
ATOM   1043 C  C   . GLU B 1 36  ? 4.704   -18.913 13.730  1.00 41.52 ? 28   GLU B C   1 
ATOM   1044 O  O   . GLU B 1 36  ? 3.522   -18.592 13.757  1.00 42.60 ? 28   GLU B O   1 
ATOM   1045 C  CB  . GLU B 1 36  ? 5.963   -18.885 11.668  1.00 41.02 ? 28   GLU B CB  1 
ATOM   1046 C  CG  . GLU B 1 36  ? 6.381   -19.474 10.349  1.00 42.58 ? 28   GLU B CG  1 
ATOM   1047 C  CD  . GLU B 1 36  ? 6.949   -18.385 9.422   1.00 44.05 ? 28   GLU B CD  1 
ATOM   1048 O  OE1 . GLU B 1 36  ? 6.557   -17.184 9.566   1.00 49.09 ? 28   GLU B OE1 1 
ATOM   1049 O  OE2 . GLU B 1 36  ? 7.784   -18.733 8.546   1.00 50.45 ? 28   GLU B OE2 1 
ATOM   1050 N  N   . PRO B 1 37  ? 5.601   -18.467 14.624  1.00 42.05 ? 29   PRO B N   1 
ATOM   1051 C  CA  . PRO B 1 37  ? 5.219   -17.401 15.532  1.00 41.88 ? 29   PRO B CA  1 
ATOM   1052 C  C   . PRO B 1 37  ? 5.156   -16.094 14.764  1.00 42.01 ? 29   PRO B C   1 
ATOM   1053 O  O   . PRO B 1 37  ? 5.676   -15.982 13.656  1.00 42.78 ? 29   PRO B O   1 
ATOM   1054 C  CB  . PRO B 1 37  ? 6.356   -17.389 16.548  1.00 42.33 ? 29   PRO B CB  1 
ATOM   1055 C  CG  . PRO B 1 37  ? 7.547   -17.817 15.742  1.00 42.60 ? 29   PRO B CG  1 
ATOM   1056 C  CD  . PRO B 1 37  ? 6.997   -18.896 14.840  1.00 42.06 ? 29   PRO B CD  1 
ATOM   1057 N  N   . THR B 1 38  ? 4.499   -15.107 15.332  1.00 41.44 ? 30   THR B N   1 
ATOM   1058 C  CA  . THR B 1 38  ? 4.346   -13.874 14.647  1.00 41.20 ? 30   THR B CA  1 
ATOM   1059 C  C   . THR B 1 38  ? 5.730   -13.240 14.558  1.00 41.02 ? 30   THR B C   1 
ATOM   1060 O  O   . THR B 1 38  ? 6.503   -13.335 15.515  1.00 42.18 ? 30   THR B O   1 
ATOM   1061 C  CB  . THR B 1 38  ? 3.420   -12.969 15.415  1.00 41.85 ? 30   THR B CB  1 
ATOM   1062 O  OG1 . THR B 1 38  ? 4.096   -12.495 16.578  1.00 45.30 ? 30   THR B OG1 1 
ATOM   1063 C  CG2 . THR B 1 38  ? 2.224   -13.746 15.850  1.00 40.51 ? 30   THR B CG2 1 
ATOM   1064 N  N   . PRO B 1 39  ? 6.070   -12.632 13.409  1.00 39.28 ? 31   PRO B N   1 
ATOM   1065 C  CA  . PRO B 1 39  ? 7.355   -11.927 13.236  1.00 38.62 ? 31   PRO B CA  1 
ATOM   1066 C  C   . PRO B 1 39  ? 7.606   -10.751 14.180  1.00 37.87 ? 31   PRO B C   1 
ATOM   1067 O  O   . PRO B 1 39  ? 6.680   -10.074 14.633  1.00 38.27 ? 31   PRO B O   1 
ATOM   1068 C  CB  . PRO B 1 39  ? 7.286   -11.444 11.766  1.00 38.82 ? 31   PRO B CB  1 
ATOM   1069 C  CG  . PRO B 1 39  ? 6.376   -12.423 11.109  1.00 39.58 ? 31   PRO B CG  1 
ATOM   1070 C  CD  . PRO B 1 39  ? 5.300   -12.626 12.152  1.00 39.56 ? 31   PRO B CD  1 
ATOM   1071 N  N   . SER B 1 40  ? 8.884   -10.496 14.448  1.00 37.45 ? 32   SER B N   1 
ATOM   1072 C  CA  . SER B 1 40  ? 9.308   -9.350  15.257  1.00 37.17 ? 32   SER B CA  1 
ATOM   1073 C  C   . SER B 1 40  ? 8.927   -8.041  14.620  1.00 36.99 ? 32   SER B C   1 
ATOM   1074 O  O   . SER B 1 40  ? 8.656   -8.001  13.399  1.00 38.61 ? 32   SER B O   1 
ATOM   1075 C  CB  . SER B 1 40  ? 10.832  -9.408  15.452  1.00 37.02 ? 32   SER B CB  1 
ATOM   1076 O  OG  . SER B 1 40  ? 11.511  -9.061  14.250  1.00 36.00 ? 32   SER B OG  1 
ATOM   1077 N  N   . ARG B 1 41  ? 8.890   -6.956  15.410  1.00 36.72 ? 33   ARG B N   1 
ATOM   1078 C  CA  . ARG B 1 41  ? 8.639   -5.622  14.843  1.00 37.47 ? 33   ARG B CA  1 
ATOM   1079 C  C   . ARG B 1 41  ? 9.659   -5.307  13.777  1.00 35.95 ? 33   ARG B C   1 
ATOM   1080 O  O   . ARG B 1 41  ? 9.390   -4.577  12.824  1.00 35.23 ? 33   ARG B O   1 
ATOM   1081 C  CB  . ARG B 1 41  ? 8.763   -4.485  15.872  1.00 37.79 ? 33   ARG B CB  1 
ATOM   1082 C  CG  . ARG B 1 41  ? 7.628   -4.328  16.807  1.00 39.92 ? 33   ARG B CG  1 
ATOM   1083 C  CD  . ARG B 1 41  ? 8.040   -3.401  17.952  1.00 43.11 ? 33   ARG B CD  1 
ATOM   1084 N  NE  . ARG B 1 41  ? 7.024   -3.446  19.006  1.00 50.10 ? 33   ARG B NE  1 
ATOM   1085 C  CZ  . ARG B 1 41  ? 5.854   -2.804  18.950  1.00 51.48 ? 33   ARG B CZ  1 
ATOM   1086 N  NH1 . ARG B 1 41  ? 5.547   -2.042  17.920  1.00 53.10 ? 33   ARG B NH1 1 
ATOM   1087 N  NH2 . ARG B 1 41  ? 4.979   -2.912  19.946  1.00 54.37 ? 33   ARG B NH2 1 
ATOM   1088 N  N   . LYS B 1 42  ? 10.870  -5.744  14.040  1.00 34.36 ? 34   LYS B N   1 
ATOM   1089 C  CA  . LYS B 1 42  ? 11.979  -5.452  13.188  1.00 35.22 ? 34   LYS B CA  1 
ATOM   1090 C  C   . LYS B 1 42  ? 11.817  -6.095  11.825  1.00 34.34 ? 34   LYS B C   1 
ATOM   1091 O  O   . LYS B 1 42  ? 12.136  -5.476  10.832  1.00 34.49 ? 34   LYS B O   1 
ATOM   1092 C  CB  . LYS B 1 42  ? 13.241  -6.033  13.843  1.00 34.05 ? 34   LYS B CB  1 
ATOM   1093 C  CG  . LYS B 1 42  ? 14.495  -5.684  13.118  1.00 36.94 ? 34   LYS B CG  1 
ATOM   1094 C  CD  . LYS B 1 42  ? 15.722  -6.015  13.958  1.00 37.12 ? 34   LYS B CD  1 
ATOM   1095 C  CE  . LYS B 1 42  ? 17.003  -5.748  13.177  1.00 40.42 ? 34   LYS B CE  1 
ATOM   1096 N  NZ  . LYS B 1 42  ? 17.046  -6.655  11.971  1.00 42.93 ? 34   LYS B NZ  1 
ATOM   1097 N  N   . ASP B 1 43  ? 11.394  -7.357  11.811  1.00 34.65 ? 35   ASP B N   1 
ATOM   1098 C  CA  . ASP B 1 43  ? 11.165  -8.111  10.571  1.00 34.94 ? 35   ASP B CA  1 
ATOM   1099 C  C   . ASP B 1 43  ? 9.978   -7.553  9.813   1.00 34.74 ? 35   ASP B C   1 
ATOM   1100 O  O   . ASP B 1 43  ? 10.039  -7.358  8.611   1.00 35.21 ? 35   ASP B O   1 
ATOM   1101 C  CB  . ASP B 1 43  ? 10.933  -9.594  10.863  1.00 35.83 ? 35   ASP B CB  1 
ATOM   1102 C  CG  . ASP B 1 43  ? 12.221  -10.342 11.096  1.00 35.66 ? 35   ASP B CG  1 
ATOM   1103 O  OD1 . ASP B 1 43  ? 13.282  -9.720  10.881  1.00 37.48 ? 35   ASP B OD1 1 
ATOM   1104 O  OD2 . ASP B 1 43  ? 12.162  -11.521 11.481  1.00 39.38 ? 35   ASP B OD2 1 
ATOM   1105 N  N   . VAL B 1 44  ? 8.909   -7.284  10.532  1.00 34.74 ? 36   VAL B N   1 
ATOM   1106 C  CA  . VAL B 1 44  ? 7.729   -6.672  9.939   1.00 34.39 ? 36   VAL B CA  1 
ATOM   1107 C  C   . VAL B 1 44  ? 8.062   -5.330  9.326   1.00 35.23 ? 36   VAL B C   1 
ATOM   1108 O  O   . VAL B 1 44  ? 7.572   -5.006  8.216   1.00 35.84 ? 36   VAL B O   1 
ATOM   1109 C  CB  . VAL B 1 44  ? 6.606   -6.544  10.972  1.00 34.96 ? 36   VAL B CB  1 
ATOM   1110 C  CG1 . VAL B 1 44  ? 5.446   -5.615  10.468  1.00 33.88 ? 36   VAL B CG1 1 
ATOM   1111 C  CG2 . VAL B 1 44  ? 6.090   -7.912  11.330  1.00 33.97 ? 36   VAL B CG2 1 
ATOM   1112 N  N   . LYS B 1 45  ? 8.846   -4.516  10.040  1.00 34.78 ? 37   LYS B N   1 
ATOM   1113 C  CA  . LYS B 1 45  ? 9.260   -3.238  9.552   1.00 34.47 ? 37   LYS B CA  1 
ATOM   1114 C  C   . LYS B 1 45  ? 10.126  -3.381  8.305   1.00 34.03 ? 37   LYS B C   1 
ATOM   1115 O  O   . LYS B 1 45  ? 9.924   -2.688  7.358   1.00 32.78 ? 37   LYS B O   1 
ATOM   1116 C  CB  . LYS B 1 45  ? 10.007  -2.433  10.609  1.00 35.37 ? 37   LYS B CB  1 
ATOM   1117 C  CG  . LYS B 1 45  ? 10.424  -1.050  10.152  1.00 35.37 ? 37   LYS B CG  1 
ATOM   1118 C  CD  . LYS B 1 45  ? 11.127  -0.310  11.252  1.00 35.99 ? 37   LYS B CD  1 
ATOM   1119 C  CE  . LYS B 1 45  ? 11.753  0.939   10.715  1.00 36.18 ? 37   LYS B CE  1 
ATOM   1120 N  NZ  . LYS B 1 45  ? 11.676  2.033   11.743  1.00 40.29 ? 37   LYS B NZ  1 
ATOM   1121 N  N   . GLY B 1 46  ? 11.110  -4.249  8.291   1.00 33.45 ? 38   GLY B N   1 
ATOM   1122 C  CA  . GLY B 1 46  ? 11.938  -4.331  7.114   1.00 34.96 ? 38   GLY B CA  1 
ATOM   1123 C  C   . GLY B 1 46  ? 11.189  -4.734  5.862   1.00 35.75 ? 38   GLY B C   1 
ATOM   1124 O  O   . GLY B 1 46  ? 11.539  -4.326  4.743   1.00 35.74 ? 38   GLY B O   1 
ATOM   1125 N  N   . LYS B 1 47  ? 10.162  -5.551  6.063   1.00 36.94 ? 39   LYS B N   1 
ATOM   1126 C  CA  . LYS B 1 47  ? 9.282   -6.020  4.992   1.00 37.01 ? 39   LYS B CA  1 
ATOM   1127 C  C   . LYS B 1 47  ? 8.377   -4.895  4.467   1.00 35.99 ? 39   LYS B C   1 
ATOM   1128 O  O   . LYS B 1 47  ? 8.219   -4.705  3.289   1.00 35.19 ? 39   LYS B O   1 
ATOM   1129 C  CB  . LYS B 1 47  ? 8.430   -7.169  5.528   1.00 38.00 ? 39   LYS B CB  1 
ATOM   1130 C  CG  . LYS B 1 47  ? 7.512   -7.809  4.521   1.00 40.32 ? 39   LYS B CG  1 
ATOM   1131 C  CD  . LYS B 1 47  ? 8.303   -8.565  3.503   1.00 43.07 ? 39   LYS B CD  1 
ATOM   1132 C  CE  . LYS B 1 47  ? 7.386   -9.262  2.505   1.00 44.45 ? 39   LYS B CE  1 
ATOM   1133 N  NZ  . LYS B 1 47  ? 8.177   -10.181 1.597   1.00 45.96 ? 39   LYS B NZ  1 
ATOM   1134 N  N   . LEU B 1 48  ? 7.812   -4.131  5.360   1.00 35.46 ? 40   LEU B N   1 
ATOM   1135 C  CA  . LEU B 1 48  ? 6.941   -3.037  4.997   1.00 36.29 ? 40   LEU B CA  1 
ATOM   1136 C  C   . LEU B 1 48  ? 7.713   -1.928  4.258   1.00 35.36 ? 40   LEU B C   1 
ATOM   1137 O  O   . LEU B 1 48  ? 7.257   -1.387  3.242   1.00 35.38 ? 40   LEU B O   1 
ATOM   1138 C  CB  . LEU B 1 48  ? 6.285   -2.502  6.290   1.00 36.47 ? 40   LEU B CB  1 
ATOM   1139 C  CG  . LEU B 1 48  ? 5.099   -1.561  6.135   1.00 37.28 ? 40   LEU B CG  1 
ATOM   1140 C  CD1 . LEU B 1 48  ? 3.886   -2.236  5.499   1.00 38.27 ? 40   LEU B CD1 1 
ATOM   1141 C  CD2 . LEU B 1 48  ? 4.684   -0.976  7.431   1.00 38.04 ? 40   LEU B CD2 1 
ATOM   1142 N  N   . VAL B 1 49  ? 8.899   -1.623  4.763   1.00 33.21 ? 41   VAL B N   1 
ATOM   1143 C  CA  . VAL B 1 49  ? 9.754   -0.619  4.181   1.00 32.67 ? 41   VAL B CA  1 
ATOM   1144 C  C   . VAL B 1 49  ? 10.209  -1.024  2.775   1.00 32.03 ? 41   VAL B C   1 
ATOM   1145 O  O   . VAL B 1 49  ? 10.189  -0.197  1.853   1.00 32.78 ? 41   VAL B O   1 
ATOM   1146 C  CB  . VAL B 1 49  ? 10.980  -0.351  5.130   1.00 33.20 ? 41   VAL B CB  1 
ATOM   1147 C  CG1 . VAL B 1 49  ? 12.203  0.153   4.359   1.00 37.91 ? 41   VAL B CG1 1 
ATOM   1148 C  CG2 . VAL B 1 49  ? 10.551  0.607   6.305   1.00 30.52 ? 41   VAL B CG2 1 
ATOM   1149 N  N   . ALA B 1 50  ? 10.646  -2.270  2.592   1.00 31.94 ? 42   ALA B N   1 
ATOM   1150 C  CA  . ALA B 1 50  ? 11.084  -2.737  1.288   1.00 31.72 ? 42   ALA B CA  1 
ATOM   1151 C  C   . ALA B 1 50  ? 9.910   -2.712  0.317   1.00 32.61 ? 42   ALA B C   1 
ATOM   1152 O  O   . ALA B 1 50  ? 10.015  -2.387  -0.852  1.00 32.30 ? 42   ALA B O   1 
ATOM   1153 C  CB  . ALA B 1 50  ? 11.663  -4.161  1.380   1.00 31.23 ? 42   ALA B CB  1 
HETATM 1154 N  N   . MSE B 1 51  ? 8.776   -3.129  0.808   1.00 33.42 ? 43   MSE B N   1 
HETATM 1155 C  CA  . MSE B 1 51  ? 7.619   -3.295  -0.027  1.00 35.56 ? 43   MSE B CA  1 
HETATM 1156 C  C   . MSE B 1 51  ? 7.004   -1.959  -0.515  1.00 32.72 ? 43   MSE B C   1 
HETATM 1157 O  O   . MSE B 1 51  ? 6.473   -1.861  -1.629  1.00 31.60 ? 43   MSE B O   1 
HETATM 1158 C  CB  . MSE B 1 51  ? 6.677   -4.098  0.825   1.00 36.49 ? 43   MSE B CB  1 
HETATM 1159 C  CG  . MSE B 1 51  ? 5.294   -4.101  0.492   1.00 40.78 ? 43   MSE B CG  1 
HETATM 1160 SE SE  . MSE B 1 51  ? 4.474   -5.368  1.830   1.00 47.13 ? 43   MSE B SE  1 
HETATM 1161 C  CE  . MSE B 1 51  ? 3.052   -5.649  0.588   1.00 39.85 ? 43   MSE B CE  1 
ATOM   1162 N  N   . LEU B 1 52  ? 7.091   -0.939  0.321   1.00 32.14 ? 44   LEU B N   1 
ATOM   1163 C  CA  . LEU B 1 52  ? 6.497   0.365   0.043   1.00 31.43 ? 44   LEU B CA  1 
ATOM   1164 C  C   . LEU B 1 52  ? 7.522   1.425   -0.285  1.00 31.64 ? 44   LEU B C   1 
ATOM   1165 O  O   . LEU B 1 52  ? 7.147   2.568   -0.524  1.00 31.43 ? 44   LEU B O   1 
ATOM   1166 C  CB  . LEU B 1 52  ? 5.614   0.834   1.198   1.00 31.53 ? 44   LEU B CB  1 
ATOM   1167 C  CG  . LEU B 1 52  ? 4.368   -0.023  1.490   1.00 29.48 ? 44   LEU B CG  1 
ATOM   1168 C  CD1 . LEU B 1 52  ? 3.622   0.578   2.696   1.00 30.15 ? 44   LEU B CD1 1 
ATOM   1169 C  CD2 . LEU B 1 52  ? 3.460   -0.159  0.211   1.00 32.42 ? 44   LEU B CD2 1 
ATOM   1170 N  N   . ASP B 1 53  ? 8.813   1.082   -0.297  1.00 31.03 ? 45   ASP B N   1 
ATOM   1171 C  CA  . ASP B 1 53  ? 9.871   2.060   -0.642  1.00 30.57 ? 45   ASP B CA  1 
ATOM   1172 C  C   . ASP B 1 53  ? 9.849   3.217   0.353   1.00 30.30 ? 45   ASP B C   1 
ATOM   1173 O  O   . ASP B 1 53  ? 9.923   4.393   -0.039  1.00 28.85 ? 45   ASP B O   1 
ATOM   1174 C  CB  . ASP B 1 53  ? 9.667   2.564   -2.098  1.00 30.81 ? 45   ASP B CB  1 
ATOM   1175 C  CG  . ASP B 1 53  ? 10.952  3.016   -2.773  1.00 31.54 ? 45   ASP B CG  1 
ATOM   1176 O  OD1 . ASP B 1 53  ? 12.004  2.901   -2.128  1.00 36.56 ? 45   ASP B OD1 1 
ATOM   1177 O  OD2 . ASP B 1 53  ? 10.892  3.497   -3.926  1.00 32.67 ? 45   ASP B OD2 1 
ATOM   1178 N  N   . LEU B 1 54  ? 9.813   2.892   1.635   1.00 31.25 ? 46   LEU B N   1 
ATOM   1179 C  CA  . LEU B 1 54  ? 9.775   3.900   2.704   1.00 32.26 ? 46   LEU B CA  1 
ATOM   1180 C  C   . LEU B 1 54  ? 11.168  4.099   3.304   1.00 33.39 ? 46   LEU B C   1 
ATOM   1181 O  O   . LEU B 1 54  ? 11.983  3.180   3.344   1.00 34.43 ? 46   LEU B O   1 
ATOM   1182 C  CB  . LEU B 1 54  ? 8.826   3.493   3.819   1.00 31.76 ? 46   LEU B CB  1 
ATOM   1183 C  CG  . LEU B 1 54  ? 7.406   3.096   3.494   1.00 33.15 ? 46   LEU B CG  1 
ATOM   1184 C  CD1 . LEU B 1 54  ? 6.711   2.554   4.773   1.00 31.30 ? 46   LEU B CD1 1 
ATOM   1185 C  CD2 . LEU B 1 54  ? 6.792   4.364   2.872   1.00 30.40 ? 46   LEU B CD2 1 
ATOM   1186 N  N   . ASN B 1 55  ? 11.435  5.307   3.769   1.00 33.74 ? 47   ASN B N   1 
ATOM   1187 C  CA  . ASN B 1 55  ? 12.590  5.561   4.599   1.00 33.79 ? 47   ASN B CA  1 
ATOM   1188 C  C   . ASN B 1 55  ? 12.367  4.865   5.932   1.00 33.34 ? 47   ASN B C   1 
ATOM   1189 O  O   . ASN B 1 55  ? 11.404  5.163   6.643   1.00 32.74 ? 47   ASN B O   1 
ATOM   1190 C  CB  . ASN B 1 55  ? 12.727  7.062   4.814   1.00 34.06 ? 47   ASN B CB  1 
ATOM   1191 C  CG  . ASN B 1 55  ? 13.974  7.444   5.608   1.00 36.88 ? 47   ASN B CG  1 
ATOM   1192 O  OD1 . ASN B 1 55  ? 14.800  6.613   5.944   1.00 36.40 ? 47   ASN B OD1 1 
ATOM   1193 N  ND2 . ASN B 1 55  ? 14.105  8.737   5.892   1.00 41.86 ? 47   ASN B ND2 1 
ATOM   1194 N  N   . PRO B 1 56  ? 13.228  3.894   6.269   1.00 33.58 ? 48   PRO B N   1 
ATOM   1195 C  CA  . PRO B 1 56  ? 13.018  3.192   7.515   1.00 33.34 ? 48   PRO B CA  1 
ATOM   1196 C  C   . PRO B 1 56  ? 13.153  4.103   8.753   1.00 33.26 ? 48   PRO B C   1 
ATOM   1197 O  O   . PRO B 1 56  ? 12.533  3.850   9.781   1.00 32.31 ? 48   PRO B O   1 
ATOM   1198 C  CB  . PRO B 1 56  ? 14.124  2.136   7.484   1.00 33.13 ? 48   PRO B CB  1 
ATOM   1199 C  CG  . PRO B 1 56  ? 15.101  2.609   6.583   1.00 35.25 ? 48   PRO B CG  1 
ATOM   1200 C  CD  . PRO B 1 56  ? 14.379  3.353   5.531   1.00 34.57 ? 48   PRO B CD  1 
ATOM   1201 N  N   . GLU B 1 57  ? 13.936  5.165   8.624   1.00 33.79 ? 49   GLU B N   1 
ATOM   1202 C  CA  . GLU B 1 57  ? 14.235  6.071   9.734   1.00 35.02 ? 49   GLU B CA  1 
ATOM   1203 C  C   . GLU B 1 57  ? 13.008  6.862   10.137  1.00 34.06 ? 49   GLU B C   1 
ATOM   1204 O  O   . GLU B 1 57  ? 12.980  7.475   11.204  1.00 34.07 ? 49   GLU B O   1 
ATOM   1205 C  CB  . GLU B 1 57  ? 15.317  7.085   9.301   1.00 36.10 ? 49   GLU B CB  1 
ATOM   1206 C  CG  . GLU B 1 57  ? 16.702  6.520   8.921   1.00 39.54 ? 49   GLU B CG  1 
ATOM   1207 C  CD  . GLU B 1 57  ? 17.692  7.664   8.538   1.00 41.47 ? 49   GLU B CD  1 
ATOM   1208 O  OE1 . GLU B 1 57  ? 17.387  8.462   7.601   1.00 50.60 ? 49   GLU B OE1 1 
ATOM   1209 O  OE2 . GLU B 1 57  ? 18.756  7.785   9.183   1.00 48.71 ? 49   GLU B OE2 1 
ATOM   1210 N  N   . THR B 1 58  ? 12.001  6.939   9.267   1.00 33.49 ? 50   THR B N   1 
ATOM   1211 C  CA  . THR B 1 58  ? 10.782  7.656   9.627   1.00 33.63 ? 50   THR B CA  1 
ATOM   1212 C  C   . THR B 1 58  ? 9.535   6.775   9.529   1.00 33.62 ? 50   THR B C   1 
ATOM   1213 O  O   . THR B 1 58  ? 8.416   7.290   9.419   1.00 32.59 ? 50   THR B O   1 
ATOM   1214 C  CB  . THR B 1 58  ? 10.620  8.958   8.789   1.00 34.12 ? 50   THR B CB  1 
ATOM   1215 O  OG1 . THR B 1 58  ? 10.575  8.630   7.416   1.00 34.34 ? 50   THR B OG1 1 
ATOM   1216 C  CG2 . THR B 1 58  ? 11.854  9.896   9.047   1.00 33.48 ? 50   THR B CG2 1 
ATOM   1217 N  N   . THR B 1 59  ? 9.740   5.459   9.659   1.00 33.45 ? 51   THR B N   1 
ATOM   1218 C  CA  . THR B 1 59  ? 8.639   4.487   9.635   1.00 33.35 ? 51   THR B CA  1 
ATOM   1219 C  C   . THR B 1 59  ? 8.472   3.920   11.046  1.00 34.33 ? 51   THR B C   1 
ATOM   1220 O  O   . THR B 1 59  ? 9.377   3.312   11.567  1.00 33.60 ? 51   THR B O   1 
ATOM   1221 C  CB  . THR B 1 59  ? 8.945   3.358   8.652   1.00 33.96 ? 51   THR B CB  1 
ATOM   1222 O  OG1 . THR B 1 59  ? 9.025   3.892   7.308   1.00 36.03 ? 51   THR B OG1 1 
ATOM   1223 C  CG2 . THR B 1 59  ? 7.869   2.224   8.757   1.00 31.68 ? 51   THR B CG2 1 
ATOM   1224 N  N   . VAL B 1 60  ? 7.298   4.075   11.640  1.00 34.35 ? 52   VAL B N   1 
ATOM   1225 C  CA  . VAL B 1 60  ? 7.100   3.728   13.031  1.00 34.73 ? 52   VAL B CA  1 
ATOM   1226 C  C   . VAL B 1 60  ? 6.041   2.648   13.146  1.00 34.81 ? 52   VAL B C   1 
ATOM   1227 O  O   . VAL B 1 60  ? 4.923   2.920   12.806  1.00 34.95 ? 52   VAL B O   1 
ATOM   1228 C  CB  . VAL B 1 60  ? 6.629   5.009   13.787  1.00 35.70 ? 52   VAL B CB  1 
ATOM   1229 C  CG1 . VAL B 1 60  ? 6.296   4.704   15.186  1.00 37.49 ? 52   VAL B CG1 1 
ATOM   1230 C  CG2 . VAL B 1 60  ? 7.754   6.130   13.648  1.00 35.68 ? 52   VAL B CG2 1 
ATOM   1231 N  N   . ILE B 1 61  ? 6.375   1.447   13.606  1.00 34.20 ? 53   ILE B N   1 
ATOM   1232 C  CA  . ILE B 1 61  ? 5.366   0.391   13.893  1.00 35.30 ? 53   ILE B CA  1 
ATOM   1233 C  C   . ILE B 1 61  ? 4.694   0.716   15.209  1.00 35.76 ? 53   ILE B C   1 
ATOM   1234 O  O   . ILE B 1 61  ? 5.376   0.784   16.259  1.00 36.99 ? 53   ILE B O   1 
ATOM   1235 C  CB  . ILE B 1 61  ? 6.029   -1.040  13.962  1.00 36.08 ? 53   ILE B CB  1 
ATOM   1236 C  CG1 . ILE B 1 61  ? 6.618   -1.396  12.591  1.00 37.61 ? 53   ILE B CG1 1 
ATOM   1237 C  CG2 . ILE B 1 61  ? 5.028   -2.158  14.438  1.00 33.80 ? 53   ILE B CG2 1 
ATOM   1238 C  CD1 . ILE B 1 61  ? 7.391   -2.702  12.565  1.00 39.08 ? 53   ILE B CD1 1 
ATOM   1239 N  N   . GLN B 1 62  ? 3.388   0.935   15.192  1.00 35.49 ? 54   GLN B N   1 
ATOM   1240 C  CA  . GLN B 1 62  ? 2.673   1.240   16.430  1.00 35.85 ? 54   GLN B CA  1 
ATOM   1241 C  C   . GLN B 1 62  ? 2.344   -0.052  17.188  1.00 35.70 ? 54   GLN B C   1 
ATOM   1242 O  O   . GLN B 1 62  ? 2.646   -0.208  18.375  1.00 33.51 ? 54   GLN B O   1 
ATOM   1243 C  CB  . GLN B 1 62  ? 1.416   2.018   16.144  1.00 36.77 ? 54   GLN B CB  1 
ATOM   1244 C  CG  . GLN B 1 62  ? 0.663   2.439   17.385  1.00 37.33 ? 54   GLN B CG  1 
ATOM   1245 C  CD  . GLN B 1 62  ? 1.475   3.325   18.235  1.00 41.26 ? 54   GLN B CD  1 
ATOM   1246 O  OE1 . GLN B 1 62  ? 2.211   4.202   17.735  1.00 38.94 ? 54   GLN B OE1 1 
ATOM   1247 N  NE2 . GLN B 1 62  ? 1.400   3.094   19.546  1.00 40.43 ? 54   GLN B NE2 1 
ATOM   1248 N  N   . TYR B 1 63  ? 1.718   -0.993  16.493  1.00 34.24 ? 55   TYR B N   1 
ATOM   1249 C  CA  . TYR B 1 63  ? 1.435   -2.312  17.130  1.00 33.64 ? 55   TYR B CA  1 
ATOM   1250 C  C   . TYR B 1 63  ? 1.400   -3.418  16.118  1.00 33.15 ? 55   TYR B C   1 
ATOM   1251 O  O   . TYR B 1 63  ? 1.166   -3.169  14.911  1.00 32.73 ? 55   TYR B O   1 
ATOM   1252 C  CB  . TYR B 1 63  ? 0.126   -2.295  17.899  1.00 33.42 ? 55   TYR B CB  1 
ATOM   1253 C  CG  . TYR B 1 63  ? -1.129  -2.030  17.079  1.00 32.68 ? 55   TYR B CG  1 
ATOM   1254 C  CD1 . TYR B 1 63  ? -1.648  -2.985  16.210  1.00 31.17 ? 55   TYR B CD1 1 
ATOM   1255 C  CD2 . TYR B 1 63  ? -1.811  -0.847  17.202  1.00 31.61 ? 55   TYR B CD2 1 
ATOM   1256 C  CE1 . TYR B 1 63  ? -2.781  -2.753  15.514  1.00 31.47 ? 55   TYR B CE1 1 
ATOM   1257 C  CE2 . TYR B 1 63  ? -2.962  -0.594  16.445  1.00 32.82 ? 55   TYR B CE2 1 
ATOM   1258 C  CZ  . TYR B 1 63  ? -3.437  -1.542  15.625  1.00 30.06 ? 55   TYR B CZ  1 
ATOM   1259 O  OH  . TYR B 1 63  ? -4.581  -1.266  14.873  1.00 32.45 ? 55   TYR B OH  1 
ATOM   1260 N  N   . ILE B 1 64  ? 1.626   -4.635  16.620  1.00 34.01 ? 56   ILE B N   1 
ATOM   1261 C  CA  . ILE B 1 64  ? 1.400   -5.848  15.895  1.00 33.99 ? 56   ILE B CA  1 
ATOM   1262 C  C   . ILE B 1 64  ? 0.592   -6.684  16.885  1.00 34.12 ? 56   ILE B C   1 
ATOM   1263 O  O   . ILE B 1 64  ? 1.092   -7.012  17.953  1.00 32.97 ? 56   ILE B O   1 
ATOM   1264 C  CB  . ILE B 1 64  ? 2.719   -6.600  15.580  1.00 34.70 ? 56   ILE B CB  1 
ATOM   1265 C  CG1 . ILE B 1 64  ? 3.654   -5.814  14.662  1.00 34.31 ? 56   ILE B CG1 1 
ATOM   1266 C  CG2 . ILE B 1 64  ? 2.437   -7.969  14.943  1.00 34.20 ? 56   ILE B CG2 1 
ATOM   1267 C  CD1 . ILE B 1 64  ? 5.057   -6.439  14.624  1.00 35.05 ? 56   ILE B CD1 1 
ATOM   1268 N  N   . ARG B 1 65  ? -0.657  -6.995  16.540  1.00 33.32 ? 57   ARG B N   1 
ATOM   1269 C  CA  . ARG B 1 65  ? -1.569  -7.652  17.466  1.00 34.52 ? 57   ARG B CA  1 
ATOM   1270 C  C   . ARG B 1 65  ? -2.015  -9.026  17.033  1.00 34.85 ? 57   ARG B C   1 
ATOM   1271 O  O   . ARG B 1 65  ? -2.137  -9.320  15.859  1.00 35.79 ? 57   ARG B O   1 
ATOM   1272 C  CB  . ARG B 1 65  ? -2.830  -6.809  17.613  1.00 34.66 ? 57   ARG B CB  1 
ATOM   1273 C  CG  . ARG B 1 65  ? -2.709  -5.613  18.464  1.00 35.08 ? 57   ARG B CG  1 
ATOM   1274 C  CD  . ARG B 1 65  ? -3.990  -4.845  18.360  1.00 36.64 ? 57   ARG B CD  1 
ATOM   1275 N  NE  . ARG B 1 65  ? -3.978  -3.551  19.034  1.00 39.04 ? 57   ARG B NE  1 
ATOM   1276 C  CZ  . ARG B 1 65  ? -4.919  -2.637  18.855  1.00 39.26 ? 57   ARG B CZ  1 
ATOM   1277 N  NH1 . ARG B 1 65  ? -5.929  -2.860  18.010  1.00 40.47 ? 57   ARG B NH1 1 
ATOM   1278 N  NH2 . ARG B 1 65  ? -4.826  -1.491  19.495  1.00 39.41 ? 57   ARG B NH2 1 
ATOM   1279 N  N   . SER B 1 66  ? -2.383  -9.841  18.002  1.00 36.05 ? 58   SER B N   1 
ATOM   1280 C  CA  . SER B 1 66  ? -2.941  -11.146 17.684  1.00 36.73 ? 58   SER B CA  1 
ATOM   1281 C  C   . SER B 1 66  ? -4.391  -10.985 17.373  1.00 36.73 ? 58   SER B C   1 
ATOM   1282 O  O   . SER B 1 66  ? -5.089  -10.160 17.977  1.00 39.38 ? 58   SER B O   1 
ATOM   1283 C  CB  . SER B 1 66  ? -2.841  -12.103 18.839  1.00 37.26 ? 58   SER B CB  1 
ATOM   1284 O  OG  . SER B 1 66  ? -3.156  -13.362 18.338  1.00 34.36 ? 58   SER B OG  1 
ATOM   1285 N  N   . TYR B 1 67  ? -4.850  -11.750 16.413  1.00 36.17 ? 59   TYR B N   1 
ATOM   1286 C  CA  . TYR B 1 67  ? -6.240  -11.743 16.058  1.00 33.45 ? 59   TYR B CA  1 
ATOM   1287 C  C   . TYR B 1 67  ? -6.665  -13.140 16.395  1.00 31.80 ? 59   TYR B C   1 
ATOM   1288 O  O   . TYR B 1 67  ? -6.482  -14.043 15.562  1.00 31.44 ? 59   TYR B O   1 
ATOM   1289 C  CB  . TYR B 1 67  ? -6.437  -11.413 14.564  1.00 34.00 ? 59   TYR B CB  1 
ATOM   1290 C  CG  . TYR B 1 67  ? -7.870  -11.597 14.184  1.00 35.21 ? 59   TYR B CG  1 
ATOM   1291 C  CD1 . TYR B 1 67  ? -8.833  -10.722 14.672  1.00 36.79 ? 59   TYR B CD1 1 
ATOM   1292 C  CD2 . TYR B 1 67  ? -8.288  -12.684 13.416  1.00 36.62 ? 59   TYR B CD2 1 
ATOM   1293 C  CE1 . TYR B 1 67  ? -10.188 -10.880 14.379  1.00 35.16 ? 59   TYR B CE1 1 
ATOM   1294 C  CE2 . TYR B 1 67  ? -9.663  -12.864 13.099  1.00 37.39 ? 59   TYR B CE2 1 
ATOM   1295 C  CZ  . TYR B 1 67  ? -10.609 -11.954 13.612  1.00 37.25 ? 59   TYR B CZ  1 
ATOM   1296 O  OH  . TYR B 1 67  ? -11.971 -12.072 13.369  1.00 36.63 ? 59   TYR B OH  1 
ATOM   1297 N  N   . PHE B 1 68  ? -7.229  -13.325 17.588  1.00 29.40 ? 60   PHE B N   1 
ATOM   1298 C  CA  . PHE B 1 68  ? -7.650  -14.677 18.104  1.00 29.51 ? 60   PHE B CA  1 
ATOM   1299 C  C   . PHE B 1 68  ? -6.530  -15.703 18.322  1.00 28.26 ? 60   PHE B C   1 
ATOM   1300 O  O   . PHE B 1 68  ? -6.826  -16.913 18.485  1.00 27.52 ? 60   PHE B O   1 
ATOM   1301 C  CB  . PHE B 1 68  ? -8.678  -15.370 17.215  1.00 29.61 ? 60   PHE B CB  1 
ATOM   1302 C  CG  . PHE B 1 68  ? -10.069 -14.854 17.353  1.00 30.09 ? 60   PHE B CG  1 
ATOM   1303 C  CD1 . PHE B 1 68  ? -10.991 -15.560 18.059  1.00 25.76 ? 60   PHE B CD1 1 
ATOM   1304 C  CD2 . PHE B 1 68  ? -10.448 -13.643 16.741  1.00 30.73 ? 60   PHE B CD2 1 
ATOM   1305 C  CE1 . PHE B 1 68  ? -12.279 -15.116 18.163  1.00 28.21 ? 60   PHE B CE1 1 
ATOM   1306 C  CE2 . PHE B 1 68  ? -11.746 -13.177 16.851  1.00 30.29 ? 60   PHE B CE2 1 
ATOM   1307 C  CZ  . PHE B 1 68  ? -12.661 -13.917 17.561  1.00 27.83 ? 60   PHE B CZ  1 
ATOM   1308 N  N   . GLY B 1 69  ? -5.279  -15.207 18.320  1.00 28.39 ? 61   GLY B N   1 
ATOM   1309 C  CA  . GLY B 1 69  ? -4.083  -16.021 18.435  1.00 28.59 ? 61   GLY B CA  1 
ATOM   1310 C  C   . GLY B 1 69  ? -3.936  -16.922 17.238  1.00 28.30 ? 61   GLY B C   1 
ATOM   1311 O  O   . GLY B 1 69  ? -3.468  -18.067 17.374  1.00 29.55 ? 61   GLY B O   1 
ATOM   1312 N  N   . SER B 1 70  ? -4.404  -16.447 16.090  1.00 28.16 ? 62   SER B N   1 
ATOM   1313 C  CA  . SER B 1 70  ? -4.507  -17.283 14.892  1.00 27.00 ? 62   SER B CA  1 
ATOM   1314 C  C   . SER B 1 70  ? -3.233  -17.075 14.081  1.00 28.14 ? 62   SER B C   1 
ATOM   1315 O  O   . SER B 1 70  ? -2.314  -16.418 14.590  1.00 27.48 ? 62   SER B O   1 
ATOM   1316 C  CB  . SER B 1 70  ? -5.770  -16.895 14.116  1.00 26.38 ? 62   SER B CB  1 
ATOM   1317 O  OG  . SER B 1 70  ? -5.758  -15.572 13.610  1.00 19.49 ? 62   SER B OG  1 
ATOM   1318 N  N   . TYR B 1 71  ? -3.189  -17.617 12.838  1.00 29.01 ? 63   TYR B N   1 
ATOM   1319 C  CA  . TYR B 1 71  ? -2.116  -17.346 11.824  1.00 28.72 ? 63   TYR B CA  1 
ATOM   1320 C  C   . TYR B 1 71  ? -2.160  -15.930 11.210  1.00 29.95 ? 63   TYR B C   1 
ATOM   1321 O  O   . TYR B 1 71  ? -1.316  -15.555 10.414  1.00 29.69 ? 63   TYR B O   1 
ATOM   1322 C  CB  . TYR B 1 71  ? -2.123  -18.370 10.684  1.00 27.72 ? 63   TYR B CB  1 
ATOM   1323 C  CG  . TYR B 1 71  ? -3.288  -18.237 9.701   1.00 27.37 ? 63   TYR B CG  1 
ATOM   1324 C  CD1 . TYR B 1 71  ? -3.158  -17.540 8.504   1.00 28.59 ? 63   TYR B CD1 1 
ATOM   1325 C  CD2 . TYR B 1 71  ? -4.530  -18.822 9.965   1.00 27.52 ? 63   TYR B CD2 1 
ATOM   1326 C  CE1 . TYR B 1 71  ? -4.256  -17.411 7.615   1.00 28.24 ? 63   TYR B CE1 1 
ATOM   1327 C  CE2 . TYR B 1 71  ? -5.602  -18.701 9.099   1.00 25.20 ? 63   TYR B CE2 1 
ATOM   1328 C  CZ  . TYR B 1 71  ? -5.482  -18.003 7.948   1.00 27.36 ? 63   TYR B CZ  1 
ATOM   1329 O  OH  . TYR B 1 71  ? -6.589  -17.913 7.125   1.00 27.55 ? 63   TYR B OH  1 
ATOM   1330 N  N   . LYS B 1 72  ? -3.161  -15.148 11.581  1.00 31.46 ? 64   LYS B N   1 
ATOM   1331 C  CA  . LYS B 1 72  ? -3.295  -13.816 11.118  1.00 32.65 ? 64   LYS B CA  1 
ATOM   1332 C  C   . LYS B 1 72  ? -3.104  -12.902 12.276  1.00 32.12 ? 64   LYS B C   1 
ATOM   1333 O  O   . LYS B 1 72  ? -3.677  -13.091 13.328  1.00 32.31 ? 64   LYS B O   1 
ATOM   1334 C  CB  . LYS B 1 72  ? -4.685  -13.627 10.462  1.00 32.98 ? 64   LYS B CB  1 
ATOM   1335 C  CG  . LYS B 1 72  ? -5.003  -12.164 10.158  1.00 34.72 ? 64   LYS B CG  1 
ATOM   1336 C  CD  . LYS B 1 72  ? -6.167  -12.012 9.161   1.00 35.18 ? 64   LYS B CD  1 
ATOM   1337 C  CE  . LYS B 1 72  ? -7.491  -11.877 9.840   1.00 38.41 ? 64   LYS B CE  1 
ATOM   1338 N  NZ  . LYS B 1 72  ? -8.497  -11.549 8.803   1.00 39.56 ? 64   LYS B NZ  1 
ATOM   1339 N  N   . SER B 1 73  ? -2.246  -11.899 12.082  1.00 33.44 ? 65   SER B N   1 
ATOM   1340 C  CA  . SER B 1 73  ? -2.081  -10.801 13.021  1.00 33.20 ? 65   SER B CA  1 
ATOM   1341 C  C   . SER B 1 73  ? -2.328  -9.475  12.287  1.00 33.69 ? 65   SER B C   1 
ATOM   1342 O  O   . SER B 1 73  ? -2.304  -9.425  11.075  1.00 31.97 ? 65   SER B O   1 
ATOM   1343 C  CB  . SER B 1 73  ? -0.659  -10.807 13.621  1.00 33.41 ? 65   SER B CB  1 
ATOM   1344 O  OG  . SER B 1 73  ? -0.404  -12.009 14.293  1.00 35.19 ? 65   SER B OG  1 
ATOM   1345 N  N   . LYS B 1 74  ? -2.549  -8.410  13.051  1.00 33.77 ? 66   LYS B N   1 
ATOM   1346 C  CA  . LYS B 1 74  ? -2.834  -7.132  12.501  1.00 33.86 ? 66   LYS B CA  1 
ATOM   1347 C  C   . LYS B 1 74  ? -1.801  -6.133  12.962  1.00 34.51 ? 66   LYS B C   1 
ATOM   1348 O  O   . LYS B 1 74  ? -1.352  -6.172  14.108  1.00 34.83 ? 66   LYS B O   1 
ATOM   1349 C  CB  . LYS B 1 74  ? -4.261  -6.725  12.854  1.00 34.39 ? 66   LYS B CB  1 
ATOM   1350 C  CG  . LYS B 1 74  ? -5.283  -7.674  12.216  1.00 32.81 ? 66   LYS B CG  1 
ATOM   1351 C  CD  . LYS B 1 74  ? -6.683  -7.280  12.589  1.00 34.96 ? 66   LYS B CD  1 
ATOM   1352 C  CE  . LYS B 1 74  ? -7.722  -7.990  11.749  1.00 33.28 ? 66   LYS B CE  1 
ATOM   1353 N  NZ  . LYS B 1 74  ? -9.046  -7.607  12.205  1.00 35.65 ? 66   LYS B NZ  1 
ATOM   1354 N  N   . GLY B 1 75  ? -1.415  -5.243  12.049  1.00 34.63 ? 67   GLY B N   1 
ATOM   1355 C  CA  . GLY B 1 75  ? -0.481  -4.203  12.388  1.00 34.00 ? 67   GLY B CA  1 
ATOM   1356 C  C   . GLY B 1 75  ? -0.946  -2.817  12.075  1.00 33.81 ? 67   GLY B C   1 
ATOM   1357 O  O   . GLY B 1 75  ? -1.872  -2.608  11.281  1.00 31.81 ? 67   GLY B O   1 
ATOM   1358 N  N   . TYR B 1 76  ? -0.294  -1.854  12.718  1.00 33.51 ? 68   TYR B N   1 
ATOM   1359 C  CA  . TYR B 1 76  ? -0.508  -0.455  12.378  1.00 33.08 ? 68   TYR B CA  1 
ATOM   1360 C  C   . TYR B 1 76  ? 0.868   0.242   12.394  1.00 33.08 ? 68   TYR B C   1 
ATOM   1361 O  O   . TYR B 1 76  ? 1.595   0.151   13.398  1.00 33.27 ? 68   TYR B O   1 
ATOM   1362 C  CB  . TYR B 1 76  ? -1.487  0.138   13.372  1.00 32.59 ? 68   TYR B CB  1 
ATOM   1363 C  CG  . TYR B 1 76  ? -1.612  1.633   13.335  1.00 33.58 ? 68   TYR B CG  1 
ATOM   1364 C  CD1 . TYR B 1 76  ? -1.642  2.347   12.119  1.00 32.85 ? 68   TYR B CD1 1 
ATOM   1365 C  CD2 . TYR B 1 76  ? -1.776  2.339   14.489  1.00 32.07 ? 68   TYR B CD2 1 
ATOM   1366 C  CE1 . TYR B 1 76  ? -1.739  3.683   12.094  1.00 32.42 ? 68   TYR B CE1 1 
ATOM   1367 C  CE2 . TYR B 1 76  ? -1.905  3.690   14.472  1.00 34.83 ? 68   TYR B CE2 1 
ATOM   1368 C  CZ  . TYR B 1 76  ? -1.891  4.372   13.269  1.00 34.86 ? 68   TYR B CZ  1 
ATOM   1369 O  OH  . TYR B 1 76  ? -2.010  5.717   13.308  1.00 33.77 ? 68   TYR B OH  1 
ATOM   1370 N  N   . ALA B 1 77  ? 1.213   0.920   11.287  1.00 32.64 ? 69   ALA B N   1 
ATOM   1371 C  CA  . ALA B 1 77  ? 2.460   1.676   11.175  1.00 32.60 ? 69   ALA B CA  1 
ATOM   1372 C  C   . ALA B 1 77  ? 2.189   3.106   10.738  1.00 34.25 ? 69   ALA B C   1 
ATOM   1373 O  O   . ALA B 1 77  ? 1.227   3.364   10.010  1.00 30.50 ? 69   ALA B O   1 
ATOM   1374 C  CB  . ALA B 1 77  ? 3.332   1.049   10.198  1.00 33.72 ? 69   ALA B CB  1 
ATOM   1375 N  N   . LYS B 1 78  ? 3.041   4.027   11.188  1.00 33.53 ? 70   LYS B N   1 
ATOM   1376 C  CA  . LYS B 1 78  ? 2.958   5.414   10.727  1.00 34.16 ? 70   LYS B CA  1 
ATOM   1377 C  C   . LYS B 1 78  ? 4.210   5.776   9.953   1.00 34.06 ? 70   LYS B C   1 
ATOM   1378 O  O   . LYS B 1 78  ? 5.311   5.473   10.366  1.00 32.52 ? 70   LYS B O   1 
ATOM   1379 C  CB  . LYS B 1 78  ? 2.732   6.383   11.894  1.00 33.48 ? 70   LYS B CB  1 
ATOM   1380 C  CG  . LYS B 1 78  ? 1.251   6.398   12.365  1.00 35.46 ? 70   LYS B CG  1 
ATOM   1381 C  CD  . LYS B 1 78  ? 1.164   6.941   13.761  1.00 35.20 ? 70   LYS B CD  1 
ATOM   1382 C  CE  . LYS B 1 78  ? 1.718   5.962   14.760  1.00 38.98 ? 70   LYS B CE  1 
ATOM   1383 N  NZ  . LYS B 1 78  ? 1.643   6.385   16.150  1.00 37.24 ? 70   LYS B NZ  1 
ATOM   1384 N  N   . TYR B 1 79  ? 4.044   6.426   8.836   1.00 32.37 ? 71   TYR B N   1 
ATOM   1385 C  CA  . TYR B 1 79  ? 5.148   6.991   8.074   1.00 33.09 ? 71   TYR B CA  1 
ATOM   1386 C  C   . TYR B 1 79  ? 5.120   8.528   8.100   1.00 32.96 ? 71   TYR B C   1 
ATOM   1387 O  O   . TYR B 1 79  ? 4.171   9.132   7.614   1.00 31.97 ? 71   TYR B O   1 
ATOM   1388 C  CB  . TYR B 1 79  ? 5.072   6.563   6.638   1.00 34.02 ? 71   TYR B CB  1 
ATOM   1389 C  CG  . TYR B 1 79  ? 6.270   6.998   5.867   1.00 32.59 ? 71   TYR B CG  1 
ATOM   1390 C  CD1 . TYR B 1 79  ? 7.497   6.424   6.088   1.00 28.16 ? 71   TYR B CD1 1 
ATOM   1391 C  CD2 . TYR B 1 79  ? 6.179   7.969   4.909   1.00 31.11 ? 71   TYR B CD2 1 
ATOM   1392 C  CE1 . TYR B 1 79  ? 8.601   6.821   5.381   1.00 31.76 ? 71   TYR B CE1 1 
ATOM   1393 C  CE2 . TYR B 1 79  ? 7.299   8.348   4.147   1.00 35.41 ? 71   TYR B CE2 1 
ATOM   1394 C  CZ  . TYR B 1 79  ? 8.491   7.755   4.381   1.00 33.43 ? 71   TYR B CZ  1 
ATOM   1395 O  OH  . TYR B 1 79  ? 9.572   8.174   3.667   1.00 35.59 ? 71   TYR B OH  1 
ATOM   1396 N  N   . TYR B 1 80  ? 6.185   9.113   8.640   1.00 33.30 ? 72   TYR B N   1 
ATOM   1397 C  CA  . TYR B 1 80  ? 6.398   10.559  8.677   1.00 33.86 ? 72   TYR B CA  1 
ATOM   1398 C  C   . TYR B 1 80  ? 7.224   10.980  7.486   1.00 33.74 ? 72   TYR B C   1 
ATOM   1399 O  O   . TYR B 1 80  ? 8.240   10.356  7.156   1.00 34.82 ? 72   TYR B O   1 
ATOM   1400 C  CB  . TYR B 1 80  ? 7.096   10.970  9.978   1.00 33.59 ? 72   TYR B CB  1 
ATOM   1401 C  CG  . TYR B 1 80  ? 6.196   10.719  11.144  1.00 34.90 ? 72   TYR B CG  1 
ATOM   1402 C  CD1 . TYR B 1 80  ? 5.342   11.719  11.586  1.00 32.12 ? 72   TYR B CD1 1 
ATOM   1403 C  CD2 . TYR B 1 80  ? 6.184   9.485   11.817  1.00 33.29 ? 72   TYR B CD2 1 
ATOM   1404 C  CE1 . TYR B 1 80  ? 4.473   11.524  12.591  1.00 32.50 ? 72   TYR B CE1 1 
ATOM   1405 C  CE2 . TYR B 1 80  ? 5.237   9.272   12.819  1.00 34.45 ? 72   TYR B CE2 1 
ATOM   1406 C  CZ  . TYR B 1 80  ? 4.396   10.322  13.223  1.00 34.51 ? 72   TYR B CZ  1 
ATOM   1407 O  OH  . TYR B 1 80  ? 3.473   10.195  14.281  1.00 32.40 ? 72   TYR B OH  1 
ATOM   1408 N  N   . TYR B 1 81  ? 6.799   12.071  6.864   1.00 34.01 ? 73   TYR B N   1 
ATOM   1409 C  CA  . TYR B 1 81  ? 7.506   12.678  5.753   1.00 34.00 ? 73   TYR B CA  1 
ATOM   1410 C  C   . TYR B 1 81  ? 8.734   13.439  6.224   1.00 34.32 ? 73   TYR B C   1 
ATOM   1411 O  O   . TYR B 1 81  ? 9.671   13.655  5.470   1.00 33.50 ? 73   TYR B O   1 
ATOM   1412 C  CB  . TYR B 1 81  ? 6.534   13.596  4.988   1.00 34.26 ? 73   TYR B CB  1 
ATOM   1413 C  CG  . TYR B 1 81  ? 5.367   12.805  4.470   1.00 32.73 ? 73   TYR B CG  1 
ATOM   1414 C  CD1 . TYR B 1 81  ? 5.572   11.838  3.445   1.00 34.16 ? 73   TYR B CD1 1 
ATOM   1415 C  CD2 . TYR B 1 81  ? 4.089   12.978  4.959   1.00 33.00 ? 73   TYR B CD2 1 
ATOM   1416 C  CE1 . TYR B 1 81  ? 4.554   11.084  2.967   1.00 29.67 ? 73   TYR B CE1 1 
ATOM   1417 C  CE2 . TYR B 1 81  ? 3.045   12.210  4.473   1.00 34.77 ? 73   TYR B CE2 1 
ATOM   1418 C  CZ  . TYR B 1 81  ? 3.308   11.239  3.472   1.00 33.77 ? 73   TYR B CZ  1 
ATOM   1419 O  OH  . TYR B 1 81  ? 2.305   10.489  2.900   1.00 37.11 ? 73   TYR B OH  1 
ATOM   1420 N  N   . ASP B 1 82  ? 8.714   13.891  7.468   1.00 35.35 ? 74   ASP B N   1 
ATOM   1421 C  CA  . ASP B 1 82  ? 9.798   14.688  8.008   1.00 35.93 ? 74   ASP B CA  1 
ATOM   1422 C  C   . ASP B 1 82  ? 10.177  14.128  9.362   1.00 35.80 ? 74   ASP B C   1 
ATOM   1423 O  O   . ASP B 1 82  ? 9.347   13.987  10.257  1.00 34.29 ? 74   ASP B O   1 
ATOM   1424 C  CB  . ASP B 1 82  ? 9.315   16.145  8.120   1.00 37.81 ? 74   ASP B CB  1 
ATOM   1425 C  CG  . ASP B 1 82  ? 10.442  17.148  8.329   1.00 41.05 ? 74   ASP B CG  1 
ATOM   1426 O  OD1 . ASP B 1 82  ? 11.343  17.232  7.472   1.00 44.43 ? 74   ASP B OD1 1 
ATOM   1427 O  OD2 . ASP B 1 82  ? 10.368  17.908  9.326   1.00 43.81 ? 74   ASP B OD2 1 
ATOM   1428 N  N   . LYS B 1 83  ? 11.451  13.817  9.531   1.00 34.78 ? 75   LYS B N   1 
ATOM   1429 C  CA  . LYS B 1 83  ? 11.957  13.332  10.817  1.00 36.45 ? 75   LYS B CA  1 
ATOM   1430 C  C   . LYS B 1 83  ? 11.616  14.205  12.044  1.00 36.38 ? 75   LYS B C   1 
ATOM   1431 O  O   . LYS B 1 83  ? 11.349  13.705  13.150  1.00 34.77 ? 75   LYS B O   1 
ATOM   1432 C  CB  . LYS B 1 83  ? 13.440  13.301  10.669  1.00 38.26 ? 75   LYS B CB  1 
ATOM   1433 C  CG  . LYS B 1 83  ? 14.184  12.778  11.797  1.00 41.72 ? 75   LYS B CG  1 
ATOM   1434 C  CD  . LYS B 1 83  ? 15.605  13.076  11.509  1.00 48.96 ? 75   LYS B CD  1 
ATOM   1435 C  CE  . LYS B 1 83  ? 16.477  12.587  12.588  1.00 52.79 ? 75   LYS B CE  1 
ATOM   1436 N  NZ  . LYS B 1 83  ? 15.996  13.052  13.926  1.00 56.97 ? 75   LYS B NZ  1 
ATOM   1437 N  N   . ASP B 1 84  ? 11.679  15.523  11.858  1.00 35.78 ? 76   ASP B N   1 
ATOM   1438 C  CA  . ASP B 1 84  ? 11.355  16.475  12.928  1.00 36.21 ? 76   ASP B CA  1 
ATOM   1439 C  C   . ASP B 1 84  ? 9.914   16.385  13.417  1.00 35.73 ? 76   ASP B C   1 
ATOM   1440 O  O   . ASP B 1 84  ? 9.620   16.519  14.596  1.00 35.09 ? 76   ASP B O   1 
ATOM   1441 C  CB  . ASP B 1 84  ? 11.617  17.894  12.434  1.00 36.80 ? 76   ASP B CB  1 
ATOM   1442 C  CG  . ASP B 1 84  ? 13.094  18.227  12.372  1.00 39.57 ? 76   ASP B CG  1 
ATOM   1443 O  OD1 . ASP B 1 84  ? 13.915  17.425  12.878  1.00 37.82 ? 76   ASP B OD1 1 
ATOM   1444 O  OD2 . ASP B 1 84  ? 13.427  19.313  11.810  1.00 41.59 ? 76   ASP B OD2 1 
ATOM   1445 N  N   . ARG B 1 85  ? 8.991   16.138  12.508  1.00 36.04 ? 77   ARG B N   1 
ATOM   1446 C  CA  . ARG B 1 85  ? 7.602   15.939  12.890  1.00 35.52 ? 77   ARG B CA  1 
ATOM   1447 C  C   . ARG B 1 85  ? 7.450   14.662  13.744  1.00 35.55 ? 77   ARG B C   1 
ATOM   1448 O  O   . ARG B 1 85  ? 6.770   14.644  14.772  1.00 34.57 ? 77   ARG B O   1 
ATOM   1449 C  CB  . ARG B 1 85  ? 6.722   15.890  11.649  1.00 35.63 ? 77   ARG B CB  1 
ATOM   1450 C  CG  . ARG B 1 85  ? 5.233   15.696  11.906  1.00 36.30 ? 77   ARG B CG  1 
ATOM   1451 C  CD  . ARG B 1 85  ? 4.651   16.825  12.759  1.00 37.36 ? 77   ARG B CD  1 
ATOM   1452 N  NE  . ARG B 1 85  ? 4.968   18.104  12.149  1.00 37.79 ? 77   ARG B NE  1 
ATOM   1453 C  CZ  . ARG B 1 85  ? 4.289   18.656  11.141  1.00 40.86 ? 77   ARG B CZ  1 
ATOM   1454 N  NH1 . ARG B 1 85  ? 3.259   18.040  10.587  1.00 41.85 ? 77   ARG B NH1 1 
ATOM   1455 N  NH2 . ARG B 1 85  ? 4.655   19.834  10.661  1.00 41.68 ? 77   ARG B NH2 1 
HETATM 1456 N  N   . MSE B 1 86  ? 8.106   13.602  13.301  1.00 35.04 ? 78   MSE B N   1 
HETATM 1457 C  CA  . MSE B 1 86  ? 8.181   12.344  14.088  1.00 35.01 ? 78   MSE B CA  1 
HETATM 1458 C  C   . MSE B 1 86  ? 8.731   12.517  15.489  1.00 34.36 ? 78   MSE B C   1 
HETATM 1459 O  O   . MSE B 1 86  ? 8.166   12.006  16.463  1.00 33.32 ? 78   MSE B O   1 
HETATM 1460 C  CB  . MSE B 1 86  ? 9.070   11.348  13.334  1.00 34.69 ? 78   MSE B CB  1 
HETATM 1461 C  CG  . MSE B 1 86  ? 9.067   9.987   13.921  1.00 35.53 ? 78   MSE B CG  1 
HETATM 1462 SE SE  . MSE B 1 86  ? 10.416  8.825   13.145  1.00 36.38 ? 78   MSE B SE  1 
HETATM 1463 C  CE  . MSE B 1 86  ? 12.044  9.679   13.755  1.00 37.56 ? 78   MSE B CE  1 
ATOM   1464 N  N   . LEU B 1 87  ? 9.835   13.250  15.601  1.00 34.40 ? 79   LEU B N   1 
ATOM   1465 C  CA  . LEU B 1 87  ? 10.434  13.523  16.913  1.00 34.55 ? 79   LEU B CA  1 
ATOM   1466 C  C   . LEU B 1 87  ? 9.499   14.314  17.841  1.00 34.51 ? 79   LEU B C   1 
ATOM   1467 O  O   . LEU B 1 87  ? 9.597   14.206  19.053  1.00 34.14 ? 79   LEU B O   1 
ATOM   1468 C  CB  . LEU B 1 87  ? 11.761  14.272  16.781  1.00 34.28 ? 79   LEU B CB  1 
ATOM   1469 C  CG  . LEU B 1 87  ? 12.893  13.480  16.114  1.00 34.40 ? 79   LEU B CG  1 
ATOM   1470 C  CD1 . LEU B 1 87  ? 14.132  14.378  15.980  1.00 33.42 ? 79   LEU B CD1 1 
ATOM   1471 C  CD2 . LEU B 1 87  ? 13.202  12.229  16.867  1.00 32.44 ? 79   LEU B CD2 1 
ATOM   1472 N  N   . TYR B 1 88  ? 8.614   15.106  17.265  1.00 34.84 ? 80   TYR B N   1 
ATOM   1473 C  CA  . TYR B 1 88  ? 7.675   15.901  18.048  1.00 35.92 ? 80   TYR B CA  1 
ATOM   1474 C  C   . TYR B 1 88  ? 6.443   15.106  18.501  1.00 35.88 ? 80   TYR B C   1 
ATOM   1475 O  O   . TYR B 1 88  ? 5.955   15.253  19.646  1.00 34.96 ? 80   TYR B O   1 
ATOM   1476 C  CB  . TYR B 1 88  ? 7.251   17.095  17.216  1.00 39.71 ? 80   TYR B CB  1 
ATOM   1477 C  CG  . TYR B 1 88  ? 6.372   18.044  17.986  1.00 41.35 ? 80   TYR B CG  1 
ATOM   1478 C  CD1 . TYR B 1 88  ? 6.904   18.883  18.939  1.00 43.84 ? 80   TYR B CD1 1 
ATOM   1479 C  CD2 . TYR B 1 88  ? 5.011   18.101  17.738  1.00 44.97 ? 80   TYR B CD2 1 
ATOM   1480 C  CE1 . TYR B 1 88  ? 6.094   19.765  19.667  1.00 44.86 ? 80   TYR B CE1 1 
ATOM   1481 C  CE2 . TYR B 1 88  ? 4.185   18.976  18.444  1.00 45.23 ? 80   TYR B CE2 1 
ATOM   1482 C  CZ  . TYR B 1 88  ? 4.732   19.799  19.410  1.00 45.54 ? 80   TYR B CZ  1 
ATOM   1483 O  OH  . TYR B 1 88  ? 3.911   20.661  20.133  1.00 46.97 ? 80   TYR B OH  1 
ATOM   1484 N  N   . ILE B 1 89  ? 5.985   14.229  17.615  1.00 34.32 ? 81   ILE B N   1 
ATOM   1485 C  CA  . ILE B 1 89  ? 4.740   13.491  17.796  1.00 34.43 ? 81   ILE B CA  1 
ATOM   1486 C  C   . ILE B 1 89  ? 4.903   12.146  18.507  1.00 34.67 ? 81   ILE B C   1 
ATOM   1487 O  O   . ILE B 1 89  ? 4.065   11.791  19.332  1.00 33.83 ? 81   ILE B O   1 
ATOM   1488 C  CB  . ILE B 1 89  ? 4.024   13.293  16.423  1.00 34.73 ? 81   ILE B CB  1 
ATOM   1489 C  CG1 . ILE B 1 89  ? 3.703   14.656  15.794  1.00 36.98 ? 81   ILE B CG1 1 
ATOM   1490 C  CG2 . ILE B 1 89  ? 2.759   12.474  16.600  1.00 33.13 ? 81   ILE B CG2 1 
ATOM   1491 C  CD1 . ILE B 1 89  ? 2.728   15.491  16.637  1.00 37.22 ? 81   ILE B CD1 1 
ATOM   1492 N  N   . GLU B 1 90  ? 5.978   11.401  18.234  1.00 33.99 ? 82   GLU B N   1 
ATOM   1493 C  CA  . GLU B 1 90  ? 6.026   10.030  18.724  1.00 33.53 ? 82   GLU B CA  1 
ATOM   1494 C  C   . GLU B 1 90  ? 6.792   10.034  20.033  1.00 33.74 ? 82   GLU B C   1 
ATOM   1495 O  O   . GLU B 1 90  ? 7.824   10.700  20.115  1.00 32.55 ? 82   GLU B O   1 
ATOM   1496 C  CB  . GLU B 1 90  ? 6.773   9.128   17.752  1.00 34.05 ? 82   GLU B CB  1 
ATOM   1497 C  CG  . GLU B 1 90  ? 6.068   8.899   16.469  1.00 31.98 ? 82   GLU B CG  1 
ATOM   1498 C  CD  . GLU B 1 90  ? 4.750   8.091   16.664  1.00 33.01 ? 82   GLU B CD  1 
ATOM   1499 O  OE1 . GLU B 1 90  ? 4.602   7.422   17.682  1.00 33.33 ? 82   GLU B OE1 1 
ATOM   1500 O  OE2 . GLU B 1 90  ? 3.883   8.157   15.822  1.00 35.46 ? 82   GLU B OE2 1 
ATOM   1501 N  N   . PRO B 1 91  ? 6.344   9.253   21.022  1.00 33.16 ? 83   PRO B N   1 
ATOM   1502 C  CA  . PRO B 1 91  ? 7.027   9.198   22.301  1.00 33.78 ? 83   PRO B CA  1 
ATOM   1503 C  C   . PRO B 1 91  ? 8.341   8.434   22.213  1.00 34.59 ? 83   PRO B C   1 
ATOM   1504 O  O   . PRO B 1 91  ? 8.502   7.572   21.315  1.00 35.64 ? 83   PRO B O   1 
ATOM   1505 C  CB  . PRO B 1 91  ? 6.029   8.490   23.190  1.00 34.33 ? 83   PRO B CB  1 
ATOM   1506 C  CG  . PRO B 1 91  ? 5.315   7.650   22.295  1.00 34.26 ? 83   PRO B CG  1 
ATOM   1507 C  CD  . PRO B 1 91  ? 5.174   8.381   21.019  1.00 33.52 ? 83   PRO B CD  1 
ATOM   1508 N  N   . GLU B 1 92  ? 9.277   8.783   23.098  1.00 33.29 ? 84   GLU B N   1 
ATOM   1509 C  CA  . GLU B 1 92  ? 10.611  8.245   23.058  1.00 33.03 ? 84   GLU B CA  1 
ATOM   1510 C  C   . GLU B 1 92  ? 10.592  6.695   23.069  1.00 33.16 ? 84   GLU B C   1 
ATOM   1511 O  O   . GLU B 1 92  ? 11.350  6.069   22.315  1.00 30.87 ? 84   GLU B O   1 
ATOM   1512 C  CB  . GLU B 1 92  ? 11.449  8.805   24.204  1.00 33.24 ? 84   GLU B CB  1 
ATOM   1513 C  CG  . GLU B 1 92  ? 11.729  10.282  24.022  1.00 32.83 ? 84   GLU B CG  1 
ATOM   1514 C  CD  . GLU B 1 92  ? 12.484  10.909  25.129  1.00 33.27 ? 84   GLU B CD  1 
ATOM   1515 O  OE1 . GLU B 1 92  ? 13.060  10.208  25.957  1.00 33.59 ? 84   GLU B OE1 1 
ATOM   1516 O  OE2 . GLU B 1 92  ? 12.541  12.143  25.168  1.00 36.76 ? 84   GLU B OE2 1 
ATOM   1517 N  N   . TYR B 1 93  ? 9.716   6.088   23.871  1.00 34.28 ? 85   TYR B N   1 
ATOM   1518 C  CA  . TYR B 1 93  ? 9.735   4.617   24.033  1.00 34.66 ? 85   TYR B CA  1 
ATOM   1519 C  C   . TYR B 1 93  ? 9.397   3.914   22.735  1.00 34.60 ? 85   TYR B C   1 
ATOM   1520 O  O   . TYR B 1 93  ? 9.910   2.855   22.466  1.00 34.34 ? 85   TYR B O   1 
ATOM   1521 C  CB  . TYR B 1 93  ? 8.831   4.130   25.193  1.00 35.45 ? 85   TYR B CB  1 
ATOM   1522 C  CG  . TYR B 1 93  ? 7.384   3.973   24.847  1.00 36.67 ? 85   TYR B CG  1 
ATOM   1523 C  CD1 . TYR B 1 93  ? 6.839   2.707   24.564  1.00 35.47 ? 85   TYR B CD1 1 
ATOM   1524 C  CD2 . TYR B 1 93  ? 6.531   5.080   24.834  1.00 36.18 ? 85   TYR B CD2 1 
ATOM   1525 C  CE1 . TYR B 1 93  ? 5.475   2.576   24.244  1.00 38.39 ? 85   TYR B CE1 1 
ATOM   1526 C  CE2 . TYR B 1 93  ? 5.207   4.960   24.539  1.00 35.97 ? 85   TYR B CE2 1 
ATOM   1527 C  CZ  . TYR B 1 93  ? 4.666   3.709   24.243  1.00 38.58 ? 85   TYR B CZ  1 
ATOM   1528 O  OH  . TYR B 1 93  ? 3.320   3.613   23.937  1.00 38.66 ? 85   TYR B OH  1 
ATOM   1529 N  N   . ILE B 1 94  ? 8.533   4.521   21.937  1.00 34.56 ? 86   ILE B N   1 
ATOM   1530 C  CA  . ILE B 1 94  ? 8.129   3.972   20.655  1.00 35.23 ? 86   ILE B CA  1 
ATOM   1531 C  C   . ILE B 1 94  ? 9.270   4.097   19.652  1.00 35.14 ? 86   ILE B C   1 
ATOM   1532 O  O   . ILE B 1 94  ? 9.548   3.160   18.897  1.00 34.84 ? 86   ILE B O   1 
ATOM   1533 C  CB  . ILE B 1 94  ? 6.854   4.625   20.111  1.00 34.90 ? 86   ILE B CB  1 
ATOM   1534 C  CG1 . ILE B 1 94  ? 5.653   4.252   20.981  1.00 36.52 ? 86   ILE B CG1 1 
ATOM   1535 C  CG2 . ILE B 1 94  ? 6.602   4.167   18.724  1.00 38.61 ? 86   ILE B CG2 1 
ATOM   1536 C  CD1 . ILE B 1 94  ? 4.279   4.649   20.383  1.00 37.41 ? 86   ILE B CD1 1 
ATOM   1537 N  N   . LEU B 1 95  ? 9.972   5.227   19.660  1.00 34.43 ? 87   LEU B N   1 
ATOM   1538 C  CA  . LEU B 1 95  ? 11.049  5.428   18.706  1.00 34.77 ? 87   LEU B CA  1 
ATOM   1539 C  C   . LEU B 1 95  ? 12.238  4.527   19.036  1.00 35.07 ? 87   LEU B C   1 
ATOM   1540 O  O   . LEU B 1 95  ? 12.942  4.059   18.147  1.00 35.78 ? 87   LEU B O   1 
ATOM   1541 C  CB  . LEU B 1 95  ? 11.477  6.922   18.684  1.00 34.16 ? 87   LEU B CB  1 
ATOM   1542 C  CG  . LEU B 1 95  ? 10.383  7.832   18.107  1.00 32.08 ? 87   LEU B CG  1 
ATOM   1543 C  CD1 . LEU B 1 95  ? 10.739  9.307   18.007  1.00 30.48 ? 87   LEU B CD1 1 
ATOM   1544 C  CD2 . LEU B 1 95  ? 9.931   7.323   16.741  1.00 31.69 ? 87   LEU B CD2 1 
ATOM   1545 N  N   . ILE B 1 96  ? 12.446  4.281   20.319  1.00 34.55 ? 88   ILE B N   1 
ATOM   1546 C  CA  . ILE B 1 96  ? 13.545  3.448   20.797  1.00 34.68 ? 88   ILE B CA  1 
ATOM   1547 C  C   . ILE B 1 96  ? 13.196  1.973   20.527  1.00 35.11 ? 88   ILE B C   1 
ATOM   1548 O  O   . ILE B 1 96  ? 13.954  1.250   19.903  1.00 35.56 ? 88   ILE B O   1 
ATOM   1549 C  CB  . ILE B 1 96  ? 13.778  3.695   22.293  1.00 33.90 ? 88   ILE B CB  1 
ATOM   1550 C  CG1 . ILE B 1 96  ? 14.323  5.102   22.517  1.00 33.05 ? 88   ILE B CG1 1 
ATOM   1551 C  CG2 . ILE B 1 96  ? 14.754  2.700   22.893  1.00 35.01 ? 88   ILE B CG2 1 
ATOM   1552 C  CD1 . ILE B 1 96  ? 14.289  5.506   23.970  1.00 36.53 ? 88   ILE B CD1 1 
ATOM   1553 N  N   . ARG B 1 97  ? 12.022  1.552   20.954  1.00 35.33 ? 89   ARG B N   1 
ATOM   1554 C  CA  . ARG B 1 97  ? 11.535  0.186   20.722  1.00 36.71 ? 89   ARG B CA  1 
ATOM   1555 C  C   . ARG B 1 97  ? 11.558  -0.228  19.254  1.00 37.72 ? 89   ARG B C   1 
ATOM   1556 O  O   . ARG B 1 97  ? 11.835  -1.386  18.921  1.00 37.87 ? 89   ARG B O   1 
ATOM   1557 C  CB  . ARG B 1 97  ? 10.098  0.112   21.185  1.00 37.82 ? 89   ARG B CB  1 
ATOM   1558 C  CG  . ARG B 1 97  ? 9.482   -1.236  21.149  1.00 40.93 ? 89   ARG B CG  1 
ATOM   1559 C  CD  . ARG B 1 97  ? 8.051   -1.071  21.534  1.00 45.92 ? 89   ARG B CD  1 
ATOM   1560 N  NE  . ARG B 1 97  ? 7.322   -0.322  20.512  1.00 47.42 ? 89   ARG B NE  1 
ATOM   1561 C  CZ  . ARG B 1 97  ? 6.011   -0.146  20.554  1.00 49.94 ? 89   ARG B CZ  1 
ATOM   1562 N  NH1 . ARG B 1 97  ? 5.311   -0.644  21.577  1.00 51.56 ? 89   ARG B NH1 1 
ATOM   1563 N  NH2 . ARG B 1 97  ? 5.389   0.478   19.555  1.00 52.84 ? 89   ARG B NH2 1 
ATOM   1564 N  N   . ASP B 1 98  ? 11.238  0.719   18.391  1.00 37.20 ? 90   ASP B N   1 
ATOM   1565 C  CA  . ASP B 1 98  ? 11.204  0.483   16.978  1.00 37.98 ? 90   ASP B CA  1 
ATOM   1566 C  C   . ASP B 1 98  ? 12.611  0.640   16.342  1.00 37.21 ? 90   ASP B C   1 
ATOM   1567 O  O   . ASP B 1 98  ? 12.748  0.547   15.132  1.00 37.09 ? 90   ASP B O   1 
ATOM   1568 C  CB  . ASP B 1 98  ? 10.219  1.434   16.319  1.00 39.02 ? 90   ASP B CB  1 
ATOM   1569 C  CG  . ASP B 1 98  ? 8.721   1.107   16.604  1.00 43.31 ? 90   ASP B CG  1 
ATOM   1570 O  OD1 . ASP B 1 98  ? 8.315   0.144   17.298  1.00 45.10 ? 90   ASP B OD1 1 
ATOM   1571 O  OD2 . ASP B 1 98  ? 7.900   1.884   16.094  1.00 47.26 ? 90   ASP B OD2 1 
ATOM   1572 N  N   . GLY B 1 99  ? 13.663  0.824   17.143  1.00 36.37 ? 91   GLY B N   1 
ATOM   1573 C  CA  . GLY B 1 99  ? 15.003  0.927   16.606  1.00 35.88 ? 91   GLY B CA  1 
ATOM   1574 C  C   . GLY B 1 99  ? 15.351  2.158   15.790  1.00 36.19 ? 91   GLY B C   1 
ATOM   1575 O  O   . GLY B 1 99  ? 16.267  2.107   15.000  1.00 36.06 ? 91   GLY B O   1 
ATOM   1576 N  N   . ILE B 1 100 ? 14.578  3.245   15.901  1.00 36.83 ? 92   ILE B N   1 
ATOM   1577 C  CA  . ILE B 1 100 ? 14.801  4.479   15.133  1.00 35.67 ? 92   ILE B CA  1 
ATOM   1578 C  C   . ILE B 1 100 ? 15.873  5.365   15.831  1.00 35.06 ? 92   ILE B C   1 
ATOM   1579 O  O   . ILE B 1 100 ? 16.833  5.843   15.205  1.00 33.40 ? 92   ILE B O   1 
ATOM   1580 C  CB  . ILE B 1 100 ? 13.425  5.219   14.907  1.00 36.67 ? 92   ILE B CB  1 
ATOM   1581 C  CG1 . ILE B 1 100 ? 12.501  4.357   14.043  1.00 36.62 ? 92   ILE B CG1 1 
ATOM   1582 C  CG2 . ILE B 1 100 ? 13.624  6.551   14.224  1.00 37.08 ? 92   ILE B CG2 1 
ATOM   1583 C  CD1 . ILE B 1 100 ? 11.080  4.914   13.831  1.00 38.04 ? 92   ILE B CD1 1 
ATOM   1584 N  N   . ILE B 1 101 ? 15.713  5.574   17.137  1.00 34.22 ? 93   ILE B N   1 
ATOM   1585 C  CA  . ILE B 1 101 ? 16.664  6.330   17.941  1.00 34.68 ? 93   ILE B CA  1 
ATOM   1586 C  C   . ILE B 1 101 ? 17.303  5.410   18.952  1.00 35.26 ? 93   ILE B C   1 
ATOM   1587 O  O   . ILE B 1 101 ? 16.627  4.547   19.504  1.00 35.02 ? 93   ILE B O   1 
ATOM   1588 C  CB  . ILE B 1 101 ? 15.967  7.498   18.694  1.00 34.86 ? 93   ILE B CB  1 
ATOM   1589 C  CG1 . ILE B 1 101 ? 15.140  8.364   17.703  1.00 31.30 ? 93   ILE B CG1 1 
ATOM   1590 C  CG2 . ILE B 1 101 ? 16.955  8.337   19.482  1.00 33.71 ? 93   ILE B CG2 1 
ATOM   1591 C  CD1 . ILE B 1 101 ? 15.996  9.084   16.561  1.00 30.94 ? 93   ILE B CD1 1 
ATOM   1592 N  N   . GLU B 1 102 ? 18.601  5.639   19.171  1.00 36.41 ? 94   GLU B N   1 
ATOM   1593 C  CA  . GLU B 1 102 ? 19.472  4.839   20.059  1.00 38.13 ? 94   GLU B CA  1 
ATOM   1594 C  C   . GLU B 1 102 ? 19.283  5.055   21.572  1.00 38.85 ? 94   GLU B C   1 
ATOM   1595 O  O   . GLU B 1 102 ? 19.352  6.173   22.115  1.00 40.18 ? 94   GLU B O   1 
ATOM   1596 C  CB  . GLU B 1 102 ? 20.928  5.054   19.667  1.00 38.57 ? 94   GLU B CB  1 
ATOM   1597 C  CG  . GLU B 1 102 ? 21.290  4.469   18.284  1.00 40.34 ? 94   GLU B CG  1 
ATOM   1598 C  CD  . GLU B 1 102 ? 22.741  4.778   17.904  1.00 41.76 ? 94   GLU B CD  1 
ATOM   1599 O  OE1 . GLU B 1 102 ? 23.509  5.248   18.786  1.00 47.87 ? 94   GLU B OE1 1 
ATOM   1600 O  OE2 . GLU B 1 102 ? 23.123  4.566   16.727  1.00 47.94 ? 94   GLU B OE2 1 
HETATM 1601 O  O   . HOH C 2 .   ? -13.737 -11.404 -1.393  1.00 45.12 ? 2001 HOH A O   1 
HETATM 1602 O  O   . HOH C 2 .   ? -9.739  -3.870  -1.562  1.00 48.23 ? 2002 HOH A O   1 
HETATM 1603 O  O   . HOH C 2 .   ? 0.011   -5.806  0.868   1.00 35.95 ? 2003 HOH A O   1 
HETATM 1604 O  O   . HOH C 2 .   ? 1.556   -8.440  -8.179  1.00 35.72 ? 2004 HOH A O   1 
HETATM 1605 O  O   . HOH C 2 .   ? -11.726 6.015   -9.348  1.00 29.83 ? 2005 HOH A O   1 
HETATM 1606 O  O   . HOH C 2 .   ? 4.897   4.551   -0.977  1.00 37.99 ? 2006 HOH A O   1 
HETATM 1607 O  O   . HOH C 2 .   ? 12.768  6.969   -14.445 1.00 44.03 ? 2007 HOH A O   1 
HETATM 1608 O  O   . HOH C 2 .   ? 4.180   13.798  -11.127 1.00 25.00 ? 2008 HOH A O   1 
HETATM 1609 O  O   . HOH C 2 .   ? 9.183   1.805   -14.761 1.00 46.68 ? 2009 HOH A O   1 
HETATM 1610 O  O   . HOH C 2 .   ? 1.882   4.421   -0.635  1.00 33.38 ? 2010 HOH A O   1 
HETATM 1611 O  O   . HOH C 2 .   ? -15.321 -11.348 -6.413  1.00 33.57 ? 2011 HOH A O   1 
HETATM 1612 O  O   . HOH C 2 .   ? -15.170 -9.078  -10.625 1.00 45.86 ? 2012 HOH A O   1 
HETATM 1613 O  O   . HOH C 2 .   ? -16.157 -8.182  -15.345 1.00 43.76 ? 2013 HOH A O   1 
HETATM 1614 O  O   . HOH C 2 .   ? -12.108 -2.880  -18.082 1.00 42.30 ? 2014 HOH A O   1 
HETATM 1615 O  O   . HOH C 2 .   ? -4.709  -5.134  -19.344 1.00 34.77 ? 2015 HOH A O   1 
HETATM 1616 O  O   . HOH C 2 .   ? -13.215 3.931   -11.000 1.00 40.10 ? 2016 HOH A O   1 
HETATM 1617 O  O   . HOH C 2 .   ? -13.358 0.015   -17.363 1.00 36.25 ? 2017 HOH A O   1 
HETATM 1618 O  O   . HOH C 2 .   ? -12.750 5.177   -5.030  1.00 31.17 ? 2018 HOH A O   1 
HETATM 1619 O  O   . HOH C 2 .   ? -7.317  13.359  -3.948  1.00 67.30 ? 2019 HOH A O   1 
HETATM 1620 O  O   . HOH C 2 .   ? -6.516  3.952   -14.216 1.00 27.15 ? 2020 HOH A O   1 
HETATM 1621 O  O   . HOH C 2 .   ? 2.704   -7.976  -12.508 1.00 41.23 ? 2021 HOH A O   1 
HETATM 1622 O  O   . HOH C 2 .   ? 2.858   -8.442  -17.380 1.00 51.63 ? 2022 HOH A O   1 
HETATM 1623 O  O   . HOH C 2 .   ? -3.608  -8.209  -19.830 1.00 28.95 ? 2023 HOH A O   1 
HETATM 1624 O  O   . HOH C 2 .   ? -7.552  -8.849  -16.949 1.00 33.79 ? 2024 HOH A O   1 
HETATM 1625 O  O   . HOH C 2 .   ? -4.388  -11.142 -19.254 1.00 12.11 ? 2025 HOH A O   1 
HETATM 1626 O  O   . HOH C 2 .   ? -16.575 -20.708 -8.651  1.00 39.68 ? 2026 HOH A O   1 
HETATM 1627 O  O   . HOH C 2 .   ? -8.721  -18.702 -7.609  1.00 36.44 ? 2027 HOH A O   1 
HETATM 1628 O  O   . HOH C 2 .   ? -6.790  -15.409 -1.337  1.00 50.45 ? 2028 HOH A O   1 
HETATM 1629 O  O   . HOH C 2 .   ? -7.647  -14.317 -13.051 1.00 29.50 ? 2029 HOH A O   1 
HETATM 1630 O  O   . HOH C 2 .   ? -0.959  -16.564 -10.489 1.00 50.28 ? 2030 HOH A O   1 
HETATM 1631 O  O   . HOH C 2 .   ? 1.291   -7.133  -10.517 1.00 27.51 ? 2031 HOH A O   1 
HETATM 1632 O  O   . HOH C 2 .   ? 6.539   1.555   -16.277 1.00 35.36 ? 2032 HOH A O   1 
HETATM 1633 O  O   . HOH C 2 .   ? -0.801  12.480  -3.488  1.00 48.05 ? 2033 HOH A O   1 
HETATM 1634 O  O   . HOH C 2 .   ? 0.851   16.184  -5.215  1.00 61.66 ? 2034 HOH A O   1 
HETATM 1635 O  O   . HOH C 2 .   ? -1.875  17.826  -10.480 1.00 45.10 ? 2035 HOH A O   1 
HETATM 1636 O  O   . HOH C 2 .   ? 8.190   16.150  -18.476 1.00 58.52 ? 2036 HOH A O   1 
HETATM 1637 O  O   . HOH C 2 .   ? -0.126  12.349  -23.292 1.00 36.08 ? 2037 HOH A O   1 
HETATM 1638 O  O   . HOH C 2 .   ? 7.517   11.505  -23.209 1.00 48.12 ? 2038 HOH A O   1 
HETATM 1639 O  O   . HOH C 2 .   ? 2.473   4.158   -20.433 1.00 34.72 ? 2039 HOH A O   1 
HETATM 1640 O  O   . HOH C 2 .   ? -7.761  3.755   -25.504 1.00 38.72 ? 2040 HOH A O   1 
HETATM 1641 O  O   . HOH C 2 .   ? -8.979  2.776   -14.876 1.00 56.02 ? 2041 HOH A O   1 
HETATM 1642 O  O   . HOH D 2 .   ? -9.862  -5.097  5.495   1.00 56.70 ? 2001 HOH B O   1 
HETATM 1643 O  O   . HOH D 2 .   ? 7.938   -16.032 3.553   1.00 55.95 ? 2002 HOH B O   1 
HETATM 1644 O  O   . HOH D 2 .   ? -3.554  -4.271  -0.293  1.00 27.05 ? 2003 HOH B O   1 
HETATM 1645 O  O   . HOH D 2 .   ? -5.915  -4.738  9.085   1.00 37.55 ? 2004 HOH B O   1 
HETATM 1646 O  O   . HOH D 2 .   ? -9.417  -3.310  3.307   1.00 48.77 ? 2005 HOH B O   1 
HETATM 1647 O  O   . HOH D 2 .   ? 13.716  -1.394  8.237   1.00 31.71 ? 2006 HOH B O   1 
HETATM 1648 O  O   . HOH D 2 .   ? -6.566  12.581  3.502   1.00 58.08 ? 2007 HOH B O   1 
HETATM 1649 O  O   . HOH D 2 .   ? -5.125  13.744  13.447  1.00 56.07 ? 2008 HOH B O   1 
HETATM 1650 O  O   . HOH D 2 .   ? 0.506   17.878  6.170   1.00 34.78 ? 2009 HOH B O   1 
HETATM 1651 O  O   . HOH D 2 .   ? -6.195  14.877  7.167   1.00 40.07 ? 2010 HOH B O   1 
HETATM 1652 O  O   . HOH D 2 .   ? -0.609  20.030  9.481   1.00 49.72 ? 2011 HOH B O   1 
HETATM 1653 O  O   . HOH D 2 .   ? 5.922   14.426  8.594   1.00 25.20 ? 2012 HOH B O   1 
HETATM 1654 O  O   . HOH D 2 .   ? -0.091  10.431  17.420  1.00 37.60 ? 2013 HOH B O   1 
HETATM 1655 O  O   . HOH D 2 .   ? -5.827  5.845   11.076  1.00 38.48 ? 2014 HOH B O   1 
HETATM 1656 O  O   . HOH D 2 .   ? -5.501  3.289   15.114  1.00 44.18 ? 2015 HOH B O   1 
HETATM 1657 O  O   . HOH D 2 .   ? 5.405   22.500  7.702   1.00 50.76 ? 2016 HOH B O   1 
HETATM 1658 O  O   . HOH D 2 .   ? -0.503  -21.829 11.439  1.00 37.12 ? 2017 HOH B O   1 
HETATM 1659 O  O   . HOH D 2 .   ? 14.962  -2.840  16.131  1.00 56.12 ? 2018 HOH B O   1 
HETATM 1660 O  O   . HOH D 2 .   ? 2.683   -4.368  19.781  1.00 45.07 ? 2019 HOH B O   1 
HETATM 1661 O  O   . HOH D 2 .   ? 4.788   -5.247  18.755  1.00 56.43 ? 2020 HOH B O   1 
HETATM 1662 O  O   . HOH D 2 .   ? 13.843  -3.344  10.338  1.00 36.50 ? 2021 HOH B O   1 
HETATM 1663 O  O   . HOH D 2 .   ? 11.866  -6.065  17.024  1.00 33.67 ? 2022 HOH B O   1 
HETATM 1664 O  O   . HOH D 2 .   ? 13.856  -3.468  4.354   1.00 33.25 ? 2023 HOH B O   1 
HETATM 1665 O  O   . HOH D 2 .   ? 9.569   -1.163  -3.116  1.00 39.01 ? 2024 HOH B O   1 
HETATM 1666 O  O   . HOH D 2 .   ? 14.848  9.546   11.706  1.00 44.69 ? 2025 HOH B O   1 
HETATM 1667 O  O   . HOH D 2 .   ? 10.907  10.477  5.512   1.00 30.40 ? 2026 HOH B O   1 
HETATM 1668 O  O   . HOH D 2 .   ? -0.353  0.725   20.573  1.00 36.31 ? 2027 HOH B O   1 
HETATM 1669 O  O   . HOH D 2 .   ? -6.102  0.499   15.691  1.00 40.71 ? 2028 HOH B O   1 
HETATM 1670 O  O   . HOH D 2 .   ? -5.664  -3.299  13.460  1.00 32.52 ? 2029 HOH B O   1 
HETATM 1671 O  O   . HOH D 2 .   ? -1.818  -3.306  20.865  1.00 50.18 ? 2030 HOH B O   1 
HETATM 1672 O  O   . HOH D 2 .   ? -6.710  0.162   18.569  1.00 51.76 ? 2031 HOH B O   1 
HETATM 1673 O  O   . HOH D 2 .   ? -6.629  -5.058  15.711  1.00 28.48 ? 2032 HOH B O   1 
HETATM 1674 O  O   . HOH D 2 .   ? -5.105  -8.311  20.081  1.00 31.68 ? 2033 HOH B O   1 
HETATM 1675 O  O   . HOH D 2 .   ? -2.695  -13.942 15.780  1.00 35.18 ? 2034 HOH B O   1 
HETATM 1676 O  O   . HOH D 2 .   ? -14.116 -10.032 14.283  1.00 39.90 ? 2035 HOH B O   1 
HETATM 1677 O  O   . HOH D 2 .   ? -8.861  -11.346 18.852  1.00 31.00 ? 2036 HOH B O   1 
HETATM 1678 O  O   . HOH D 2 .   ? -6.162  -19.374 17.119  1.00 40.77 ? 2037 HOH B O   1 
HETATM 1679 O  O   . HOH D 2 .   ? -8.538  -17.964 19.723  1.00 36.08 ? 2038 HOH B O   1 
HETATM 1680 O  O   . HOH D 2 .   ? -2.051  -18.179 19.366  1.00 43.40 ? 2039 HOH B O   1 
HETATM 1681 O  O   . HOH D 2 .   ? -4.858  -20.558 12.855  1.00 29.07 ? 2040 HOH B O   1 
HETATM 1682 O  O   . HOH D 2 .   ? 0.149   -12.293 16.658  1.00 42.98 ? 2041 HOH B O   1 
HETATM 1683 O  O   . HOH D 2 .   ? -4.585  -3.482  11.354  1.00 33.21 ? 2042 HOH B O   1 
HETATM 1684 O  O   . HOH D 2 .   ? -2.986  6.817   15.603  1.00 38.72 ? 2043 HOH B O   1 
HETATM 1685 O  O   . HOH D 2 .   ? -0.890  7.195   16.960  1.00 40.87 ? 2044 HOH B O   1 
HETATM 1686 O  O   . HOH D 2 .   ? 12.724  16.737  9.345   1.00 41.15 ? 2045 HOH B O   1 
HETATM 1687 O  O   . HOH D 2 .   ? 17.730  13.221  14.910  1.00 25.98 ? 2046 HOH B O   1 
HETATM 1688 O  O   . HOH D 2 .   ? 3.599   21.369  8.882   1.00 42.08 ? 2047 HOH B O   1 
HETATM 1689 O  O   . HOH D 2 .   ? 1.798   19.377  8.189   1.00 38.44 ? 2048 HOH B O   1 
HETATM 1690 O  O   . HOH D 2 .   ? 1.830   10.026  19.547  1.00 37.39 ? 2049 HOH B O   1 
HETATM 1691 O  O   . HOH D 2 .   ? 2.476   7.223   19.046  1.00 29.54 ? 2050 HOH B O   1 
HETATM 1692 O  O   . HOH D 2 .   ? 10.244  11.776  20.360  1.00 23.62 ? 2051 HOH B O   1 
HETATM 1693 O  O   . HOH D 2 .   ? 12.465  -3.311  16.898  1.00 42.45 ? 2052 HOH B O   1 
HETATM 1694 O  O   . HOH D 2 .   ? 9.311   1.011   13.637  1.00 42.84 ? 2053 HOH B O   1 
HETATM 1695 O  O   . HOH D 2 .   ? 15.447  2.819   11.599  1.00 39.70 ? 2054 HOH B O   1 
HETATM 1696 O  O   . HOH D 2 .   ? 16.752  2.027   19.680  1.00 43.75 ? 2055 HOH B O   1 
# 
